data_9DUO
#
_entry.id   9DUO
#
_cell.length_a   1.00
_cell.length_b   1.00
_cell.length_c   1.00
_cell.angle_alpha   90.00
_cell.angle_beta   90.00
_cell.angle_gamma   90.00
#
_symmetry.space_group_name_H-M   'P 1'
#
loop_
_entity.id
_entity.type
_entity.pdbx_description
1 polymer 'WD repeat-containing protein 18'
2 polymer 'Proline-, glutamic acid- and leucine-rich protein 1'
#
loop_
_entity_poly.entity_id
_entity_poly.type
_entity_poly.pdbx_seq_one_letter_code
_entity_poly.pdbx_strand_id
1 'polypeptide(L)'
;SNMAAPMEVAVCTDSAAPMWSCIVWELHSGANLLTYRGGQAGPRGLALLNGEYLLAAQLGKNYISAWELQRKDQLQQKIM
CPGPVTCLTASPNGLYVLAGVAESIHLWEVSTGNLLVILSRHYQDVSCLQFTGDSSHFISGGKDCLVLVWSLCSVLQADP
SRIPAPRHVWSHHALPITDLHCGFGGPLARVATSSLDQTVKLWEVSSGELLLSVLFDVSIMAVTMDLAEHHMFCGGSEGS
IFQVDLFTWPGQRERSFHPEQDAGKVFKGHRNQVTCLSVSTDGSVLLSGSHDETVRLWDVQSKQCIRTVALKGPVTNAAI
LLAPVSMLSSDFRPSLPLPHFNKHLLGAEHGDEPRHGGLTLRLGLHQQGSEPSYLDRTEQLQAVLCSTMEKSVLGGQDQL
RVRVTELEDEVRNLRKINRDLFDFSTRFITRPAK
;
A,B
2 'polypeptide(L)'
;SNMAAAVLSGPSAGSAAGVPGGTGGLSAVSSGPRLRLLLLESVSGLLQPRTGSAVAPVHPPNRSAPHLPGLMCLLRLHGS
VGGAQNLSALGALVSLSNARLSSIKTRFEGLCLLSLLVGESPTELFQQHCVSWLRSIQQVLQTQDPPATMELAVAVLRDL
LRYAAQLPALFRDISMNHLPGLLTSLLGLRPECEQSALEGMKACMTYFPRACGSLKGKLASFFLSRVDALSPQLQQLACE
CYSRLPSLGAGFSQGLKHTESWEQELHSLLASLHTLLGALYEGAETAPVQNEGPGVEMLLSSEDGDAHVLLQLRQRFSGL
ARCLGLMLSSEFGAPVSVPVQEILDFICRTLSVSSKNISLHGDGPLRLLLLPSIHLEALDLLSALILACGSRLLRFGILI
GRLLPQVLNSWSIGRDSLSPGQERPYSTVRTKVYAILELWVQVCGASAGMLQGGASGEALLTHLLSDISPPADALKLRSP
RGSPDGSLQTGKPSAPKKLKLDVGEAMAPPSHRKGDSNANSDVCAAALRGLSRTILMCGPLIKEETHRRLHDLVLPLVMG
VQQGEVLGSSPYTSSRCRRELYCLLLALLLAPSPRCPPPLACALQAFSLGQREDSLEVSSFCSEALVTCAALTHPRVPPL
QPMG
;
C,D
#
# COMPACT_ATOMS: atom_id res chain seq x y z
N PRO A 6 4.90 7.25 -27.85
CA PRO A 6 4.85 5.82 -28.20
C PRO A 6 4.41 5.59 -29.63
N MET A 7 5.16 4.77 -30.36
CA MET A 7 4.85 4.52 -31.76
C MET A 7 3.69 3.56 -31.90
N GLU A 8 2.75 3.89 -32.78
CA GLU A 8 1.64 3.02 -33.12
C GLU A 8 1.77 2.60 -34.58
N VAL A 9 1.47 1.34 -34.85
CA VAL A 9 1.67 0.75 -36.17
C VAL A 9 0.40 0.06 -36.62
N ALA A 10 0.32 -0.19 -37.93
CA ALA A 10 -0.79 -0.91 -38.53
C ALA A 10 -0.26 -2.21 -39.11
N VAL A 11 -0.78 -3.34 -38.61
CA VAL A 11 -0.40 -4.67 -39.09
C VAL A 11 -1.54 -5.14 -40.00
N CYS A 12 -1.26 -5.25 -41.29
CA CYS A 12 -2.28 -5.54 -42.28
C CYS A 12 -1.85 -6.69 -43.18
N THR A 13 -2.79 -7.59 -43.47
CA THR A 13 -2.60 -8.68 -44.42
C THR A 13 -3.72 -8.65 -45.44
N ASP A 14 -3.45 -9.26 -46.60
CA ASP A 14 -4.42 -9.36 -47.68
C ASP A 14 -4.49 -10.79 -48.17
N SER A 15 -5.52 -11.07 -48.97
CA SER A 15 -5.78 -12.43 -49.45
C SER A 15 -4.95 -12.80 -50.67
N ALA A 16 -4.32 -11.84 -51.33
CA ALA A 16 -3.50 -12.13 -52.51
C ALA A 16 -2.04 -12.37 -52.14
N ALA A 17 -1.43 -11.37 -51.50
CA ALA A 17 -0.04 -11.44 -51.05
C ALA A 17 0.93 -11.89 -52.15
N PRO A 18 0.99 -11.17 -53.27
CA PRO A 18 1.94 -11.57 -54.33
C PRO A 18 3.39 -11.51 -53.89
N MET A 19 3.74 -10.54 -53.06
CA MET A 19 5.11 -10.37 -52.60
C MET A 19 5.24 -10.49 -51.09
N TRP A 20 4.43 -9.77 -50.32
CA TRP A 20 4.47 -9.82 -48.87
C TRP A 20 3.15 -10.36 -48.33
N SER A 21 3.23 -11.30 -47.40
CA SER A 21 2.04 -11.80 -46.73
C SER A 21 1.57 -10.90 -45.61
N CYS A 22 2.43 -10.03 -45.09
CA CYS A 22 2.08 -9.13 -44.01
C CYS A 22 2.98 -7.90 -44.08
N ILE A 23 2.39 -6.72 -43.86
CA ILE A 23 3.12 -5.46 -43.91
C ILE A 23 2.77 -4.66 -42.66
N VAL A 24 3.80 -4.15 -41.98
CA VAL A 24 3.64 -3.29 -40.82
C VAL A 24 4.18 -1.91 -41.17
N TRP A 25 3.37 -0.89 -40.97
CA TRP A 25 3.78 0.48 -41.27
C TRP A 25 3.36 1.41 -40.14
N GLU A 26 4.08 2.52 -40.01
CA GLU A 26 3.76 3.50 -38.98
C GLU A 26 2.44 4.18 -39.27
N LEU A 27 1.66 4.42 -38.20
CA LEU A 27 0.30 4.90 -38.37
C LEU A 27 0.25 6.32 -38.94
N HIS A 28 1.09 7.21 -38.41
CA HIS A 28 1.00 8.63 -38.76
C HIS A 28 1.91 9.03 -39.92
N SER A 29 2.64 8.08 -40.50
CA SER A 29 3.46 8.36 -41.68
C SER A 29 3.22 7.41 -42.84
N GLY A 30 2.73 6.20 -42.60
CA GLY A 30 2.47 5.26 -43.68
C GLY A 30 3.68 4.56 -44.23
N ALA A 31 4.86 4.78 -43.66
CA ALA A 31 6.08 4.16 -44.13
C ALA A 31 6.22 2.78 -43.52
N ASN A 32 6.58 1.80 -44.35
CA ASN A 32 6.72 0.43 -43.88
C ASN A 32 7.78 0.33 -42.80
N LEU A 33 7.46 -0.36 -41.70
CA LEU A 33 8.39 -0.58 -40.61
C LEU A 33 8.93 -2.01 -40.61
N LEU A 34 8.06 -3.00 -40.79
CA LEU A 34 8.47 -4.38 -40.97
C LEU A 34 7.72 -4.98 -42.15
N THR A 35 8.08 -6.21 -42.49
CA THR A 35 7.62 -6.85 -43.70
C THR A 35 7.92 -8.34 -43.62
N TYR A 36 6.94 -9.15 -44.03
CA TYR A 36 7.04 -10.60 -43.94
C TYR A 36 6.59 -11.23 -45.24
N ARG A 37 7.23 -12.33 -45.61
CA ARG A 37 6.88 -13.08 -46.81
C ARG A 37 6.52 -14.51 -46.45
N GLY A 38 5.61 -15.09 -47.23
CA GLY A 38 5.13 -16.43 -46.96
C GLY A 38 3.89 -16.78 -47.74
N GLY A 39 2.87 -17.31 -47.06
CA GLY A 39 1.64 -17.69 -47.72
C GLY A 39 0.60 -16.58 -47.72
N GLN A 40 -0.62 -16.90 -47.30
CA GLN A 40 -1.70 -15.94 -47.23
C GLN A 40 -2.46 -16.15 -45.94
N ALA A 41 -2.54 -15.10 -45.11
CA ALA A 41 -3.27 -15.17 -43.87
C ALA A 41 -4.78 -15.12 -44.13
N GLY A 42 -5.54 -15.88 -43.35
CA GLY A 42 -6.97 -15.90 -43.47
C GLY A 42 -7.63 -14.86 -42.60
N PRO A 43 -8.91 -14.61 -42.82
CA PRO A 43 -9.64 -13.64 -41.98
C PRO A 43 -9.63 -14.06 -40.52
N ARG A 44 -9.43 -13.09 -39.64
CA ARG A 44 -9.36 -13.28 -38.19
C ARG A 44 -8.30 -14.30 -37.80
N GLY A 45 -7.32 -14.54 -38.67
CA GLY A 45 -6.31 -15.55 -38.41
C GLY A 45 -4.89 -15.00 -38.36
N LEU A 46 -4.72 -13.84 -37.72
CA LEU A 46 -3.40 -13.25 -37.54
C LEU A 46 -3.27 -12.82 -36.09
N ALA A 47 -2.42 -13.53 -35.34
CA ALA A 47 -2.18 -13.25 -33.94
C ALA A 47 -0.71 -12.88 -33.75
N LEU A 48 -0.45 -12.07 -32.73
CA LEU A 48 0.89 -11.64 -32.38
C LEU A 48 1.19 -12.15 -30.98
N LEU A 49 2.05 -13.17 -30.89
CA LEU A 49 2.24 -13.92 -29.66
C LEU A 49 3.38 -13.31 -28.84
N ASN A 50 3.06 -12.87 -27.63
CA ASN A 50 4.02 -12.42 -26.63
C ASN A 50 4.89 -11.27 -27.10
N GLY A 51 4.54 -10.61 -28.20
CA GLY A 51 5.37 -9.55 -28.73
C GLY A 51 6.62 -10.02 -29.44
N GLU A 52 6.77 -11.32 -29.68
CA GLU A 52 7.96 -11.87 -30.30
C GLU A 52 7.69 -12.63 -31.58
N TYR A 53 6.50 -13.19 -31.76
CA TYR A 53 6.19 -14.01 -32.92
C TYR A 53 4.93 -13.48 -33.60
N LEU A 54 4.81 -13.81 -34.89
CA LEU A 54 3.66 -13.43 -35.70
C LEU A 54 3.04 -14.70 -36.27
N LEU A 55 1.96 -15.16 -35.65
CA LEU A 55 1.24 -16.34 -36.12
C LEU A 55 0.19 -15.91 -37.14
N ALA A 56 0.09 -16.66 -38.23
CA ALA A 56 -0.88 -16.37 -39.29
C ALA A 56 -1.51 -17.67 -39.74
N ALA A 57 -2.81 -17.83 -39.47
CA ALA A 57 -3.55 -18.97 -40.00
C ALA A 57 -3.68 -18.83 -41.51
N GLN A 58 -3.35 -19.89 -42.22
CA GLN A 58 -3.29 -19.83 -43.67
C GLN A 58 -4.68 -19.94 -44.29
N LEU A 59 -4.85 -19.29 -45.44
CA LEU A 59 -6.14 -19.20 -46.11
C LEU A 59 -6.44 -20.53 -46.80
N GLY A 60 -7.43 -21.25 -46.29
CA GLY A 60 -7.85 -22.50 -46.88
C GLY A 60 -7.02 -23.71 -46.51
N LYS A 61 -5.98 -23.53 -45.70
CA LYS A 61 -5.10 -24.63 -45.31
C LYS A 61 -5.43 -25.10 -43.91
N ASN A 62 -4.70 -26.11 -43.45
CA ASN A 62 -4.96 -26.76 -42.17
C ASN A 62 -3.87 -26.49 -41.15
N TYR A 63 -3.05 -25.46 -41.35
CA TYR A 63 -1.94 -25.20 -40.46
C TYR A 63 -1.79 -23.70 -40.23
N ILE A 64 -0.98 -23.35 -39.23
CA ILE A 64 -0.69 -21.97 -38.87
C ILE A 64 0.80 -21.74 -39.03
N SER A 65 1.16 -20.70 -39.77
CA SER A 65 2.56 -20.33 -39.96
C SER A 65 3.01 -19.36 -38.88
N ALA A 66 4.32 -19.33 -38.66
CA ALA A 66 4.90 -18.49 -37.63
C ALA A 66 6.07 -17.70 -38.21
N TRP A 67 6.27 -16.50 -37.67
CA TRP A 67 7.35 -15.62 -38.07
C TRP A 67 8.05 -15.06 -36.83
N GLU A 68 9.31 -14.69 -37.01
CA GLU A 68 9.99 -13.85 -36.05
C GLU A 68 9.83 -12.40 -36.46
N LEU A 69 9.66 -11.51 -35.47
CA LEU A 69 9.30 -10.13 -35.77
C LEU A 69 10.36 -9.42 -36.59
N GLN A 70 11.62 -9.87 -36.55
CA GLN A 70 12.71 -9.21 -37.26
C GLN A 70 13.21 -10.02 -38.45
N ARG A 71 12.52 -11.10 -38.82
CA ARG A 71 12.89 -11.90 -39.98
C ARG A 71 11.70 -11.97 -40.94
N LYS A 72 11.99 -11.80 -42.24
CA LYS A 72 10.94 -11.78 -43.24
C LYS A 72 10.49 -13.17 -43.66
N ASP A 73 11.27 -14.21 -43.36
CA ASP A 73 10.93 -15.57 -43.76
C ASP A 73 10.37 -16.33 -42.56
N GLN A 74 9.38 -17.18 -42.83
CA GLN A 74 8.69 -17.88 -41.77
C GLN A 74 9.57 -18.96 -41.15
N LEU A 75 9.31 -19.28 -39.89
CA LEU A 75 9.98 -20.38 -39.24
C LEU A 75 9.57 -21.70 -39.88
N GLN A 76 10.39 -22.73 -39.66
CA GLN A 76 10.11 -24.04 -40.23
C GLN A 76 8.93 -24.72 -39.55
N GLN A 77 8.74 -24.48 -38.25
CA GLN A 77 7.65 -25.11 -37.52
C GLN A 77 6.31 -24.56 -37.96
N LYS A 78 5.32 -25.44 -38.06
CA LYS A 78 3.94 -25.08 -38.38
C LYS A 78 3.01 -25.75 -37.38
N ILE A 79 1.93 -25.07 -37.03
CA ILE A 79 0.93 -25.63 -36.12
C ILE A 79 -0.10 -26.37 -36.97
N MET A 80 0.08 -27.67 -37.13
CA MET A 80 -0.84 -28.47 -37.93
C MET A 80 -2.12 -28.76 -37.14
N CYS A 81 -3.24 -28.77 -37.85
CA CYS A 81 -4.56 -28.94 -37.24
C CYS A 81 -5.32 -30.05 -37.94
N PRO A 82 -6.26 -30.70 -37.25
CA PRO A 82 -7.00 -31.79 -37.88
C PRO A 82 -7.85 -31.36 -39.07
N GLY A 83 -8.21 -30.09 -39.16
CA GLY A 83 -9.03 -29.61 -40.24
C GLY A 83 -8.70 -28.16 -40.59
N PRO A 84 -9.54 -27.54 -41.42
CA PRO A 84 -9.29 -26.15 -41.81
C PRO A 84 -9.32 -25.21 -40.62
N VAL A 85 -8.38 -24.27 -40.60
CA VAL A 85 -8.31 -23.27 -39.54
C VAL A 85 -9.16 -22.08 -39.95
N THR A 86 -10.16 -21.75 -39.13
CA THR A 86 -11.09 -20.67 -39.43
C THR A 86 -10.74 -19.38 -38.71
N CYS A 87 -10.08 -19.45 -37.55
CA CYS A 87 -9.69 -18.27 -36.81
C CYS A 87 -8.54 -18.65 -35.89
N LEU A 88 -7.83 -17.63 -35.40
CA LEU A 88 -6.68 -17.84 -34.55
C LEU A 88 -6.47 -16.62 -33.68
N THR A 89 -6.30 -16.85 -32.37
CA THR A 89 -6.05 -15.77 -31.43
C THR A 89 -5.07 -16.26 -30.37
N ALA A 90 -4.42 -15.31 -29.70
CA ALA A 90 -3.49 -15.60 -28.64
C ALA A 90 -3.85 -14.76 -27.42
N SER A 91 -3.65 -15.33 -26.24
CA SER A 91 -3.96 -14.61 -25.02
C SER A 91 -3.04 -13.41 -24.86
N PRO A 92 -3.53 -12.29 -24.33
CA PRO A 92 -2.68 -11.09 -24.19
C PRO A 92 -1.45 -11.33 -23.33
N ASN A 93 -1.49 -12.29 -22.40
CA ASN A 93 -0.32 -12.58 -21.59
C ASN A 93 0.67 -13.50 -22.29
N GLY A 94 0.37 -13.96 -23.50
CA GLY A 94 1.30 -14.78 -24.26
C GLY A 94 1.46 -16.19 -23.75
N LEU A 95 0.48 -16.70 -23.01
CA LEU A 95 0.59 -18.03 -22.41
C LEU A 95 -0.16 -19.11 -23.17
N TYR A 96 -1.18 -18.75 -23.94
CA TYR A 96 -2.01 -19.73 -24.63
C TYR A 96 -2.29 -19.26 -26.05
N VAL A 97 -2.56 -20.23 -26.93
CA VAL A 97 -2.90 -19.97 -28.32
C VAL A 97 -4.22 -20.68 -28.61
N LEU A 98 -5.15 -19.96 -29.24
CA LEU A 98 -6.46 -20.48 -29.59
C LEU A 98 -6.60 -20.52 -31.10
N ALA A 99 -7.10 -21.64 -31.62
CA ALA A 99 -7.42 -21.76 -33.04
C ALA A 99 -8.77 -22.42 -33.20
N GLY A 100 -9.60 -21.86 -34.07
CA GLY A 100 -10.86 -22.47 -34.40
C GLY A 100 -10.73 -23.43 -35.57
N VAL A 101 -10.72 -24.72 -35.28
CA VAL A 101 -10.59 -25.76 -36.30
C VAL A 101 -11.96 -26.36 -36.54
N ALA A 102 -12.56 -26.03 -37.68
CA ALA A 102 -13.92 -26.46 -38.04
C ALA A 102 -14.86 -25.96 -36.96
N GLU A 103 -15.61 -26.82 -36.28
CA GLU A 103 -16.57 -26.42 -35.26
C GLU A 103 -15.97 -26.37 -33.86
N SER A 104 -14.70 -26.73 -33.70
CA SER A 104 -14.09 -26.87 -32.40
C SER A 104 -12.95 -25.88 -32.21
N ILE A 105 -12.62 -25.62 -30.95
CA ILE A 105 -11.55 -24.70 -30.57
C ILE A 105 -10.42 -25.51 -29.96
N HIS A 106 -9.20 -25.31 -30.47
CA HIS A 106 -8.01 -25.96 -29.95
C HIS A 106 -7.23 -24.96 -29.11
N LEU A 107 -6.82 -25.39 -27.92
CA LEU A 107 -6.04 -24.57 -27.00
C LEU A 107 -4.67 -25.21 -26.79
N TRP A 108 -3.62 -24.43 -27.02
CA TRP A 108 -2.25 -24.88 -26.81
C TRP A 108 -1.60 -24.10 -25.68
N GLU A 109 -0.71 -24.77 -24.96
CA GLU A 109 0.12 -24.13 -23.95
C GLU A 109 1.42 -23.68 -24.61
N VAL A 110 1.68 -22.38 -24.59
CA VAL A 110 2.91 -21.86 -25.17
C VAL A 110 4.11 -22.28 -24.32
N SER A 111 3.89 -22.56 -23.04
CA SER A 111 4.99 -22.99 -22.18
C SER A 111 5.52 -24.36 -22.61
N THR A 112 4.64 -25.28 -22.99
CA THR A 112 5.02 -26.65 -23.30
C THR A 112 4.67 -27.10 -24.70
N GLY A 113 3.81 -26.39 -25.42
CA GLY A 113 3.37 -26.84 -26.72
C GLY A 113 2.26 -27.88 -26.68
N ASN A 114 1.71 -28.16 -25.51
CA ASN A 114 0.73 -29.23 -25.36
C ASN A 114 -0.65 -28.75 -25.78
N LEU A 115 -1.33 -29.54 -26.61
CA LEU A 115 -2.73 -29.29 -26.92
C LEU A 115 -3.56 -29.64 -25.69
N LEU A 116 -3.93 -28.63 -24.91
CA LEU A 116 -4.53 -28.88 -23.60
C LEU A 116 -5.97 -29.36 -23.72
N VAL A 117 -6.75 -28.76 -24.62
CA VAL A 117 -8.18 -29.05 -24.69
C VAL A 117 -8.67 -28.79 -26.09
N ILE A 118 -9.73 -29.50 -26.48
CA ILE A 118 -10.49 -29.23 -27.69
C ILE A 118 -11.95 -29.03 -27.28
N LEU A 119 -12.47 -27.83 -27.53
CA LEU A 119 -13.81 -27.44 -27.10
C LEU A 119 -14.77 -27.59 -28.27
N SER A 120 -15.77 -28.46 -28.11
CA SER A 120 -16.76 -28.74 -29.14
C SER A 120 -18.15 -28.47 -28.58
N ARG A 121 -18.59 -27.22 -28.69
CA ARG A 121 -19.95 -26.86 -28.29
C ARG A 121 -20.67 -26.20 -29.46
N HIS A 122 -19.94 -25.45 -30.28
CA HIS A 122 -20.50 -24.95 -31.53
C HIS A 122 -20.87 -26.12 -32.44
N TYR A 123 -22.05 -26.04 -33.06
CA TYR A 123 -22.43 -27.04 -34.05
C TYR A 123 -22.17 -26.56 -35.47
N GLN A 124 -21.62 -25.37 -35.64
CA GLN A 124 -21.15 -24.87 -36.93
C GLN A 124 -19.76 -24.28 -36.73
N ASP A 125 -19.15 -23.87 -37.84
CA ASP A 125 -17.75 -23.42 -37.82
C ASP A 125 -17.57 -22.21 -36.91
N VAL A 126 -16.45 -22.18 -36.20
CA VAL A 126 -16.12 -21.04 -35.36
C VAL A 126 -15.69 -19.88 -36.25
N SER A 127 -16.35 -18.74 -36.09
CA SER A 127 -16.08 -17.57 -36.92
C SER A 127 -14.97 -16.69 -36.35
N CYS A 128 -15.01 -16.43 -35.04
CA CYS A 128 -14.08 -15.50 -34.43
C CYS A 128 -13.80 -15.91 -32.99
N LEU A 129 -12.63 -15.50 -32.50
CA LEU A 129 -12.16 -15.83 -31.17
C LEU A 129 -11.46 -14.62 -30.59
N GLN A 130 -11.71 -14.33 -29.31
CA GLN A 130 -11.09 -13.18 -28.67
C GLN A 130 -10.99 -13.43 -27.17
N PHE A 131 -9.87 -13.01 -26.60
CA PHE A 131 -9.65 -13.04 -25.16
C PHE A 131 -10.05 -11.71 -24.53
N THR A 132 -10.33 -11.74 -23.23
CA THR A 132 -10.47 -10.51 -22.48
C THR A 132 -9.09 -9.92 -22.20
N GLY A 133 -9.08 -8.66 -21.75
CA GLY A 133 -7.83 -7.95 -21.56
C GLY A 133 -6.90 -8.65 -20.57
N ASP A 134 -7.46 -9.21 -19.51
CA ASP A 134 -6.67 -9.88 -18.48
C ASP A 134 -6.48 -11.36 -18.73
N SER A 135 -6.95 -11.87 -19.88
CA SER A 135 -6.74 -13.26 -20.29
C SER A 135 -7.39 -14.25 -19.32
N SER A 136 -8.49 -13.87 -18.69
CA SER A 136 -9.23 -14.77 -17.83
C SER A 136 -10.43 -15.40 -18.51
N HIS A 137 -10.94 -14.79 -19.58
CA HIS A 137 -12.03 -15.34 -20.37
C HIS A 137 -11.70 -15.21 -21.84
N PHE A 138 -12.25 -16.10 -22.65
CA PHE A 138 -12.24 -15.93 -24.10
C PHE A 138 -13.63 -16.19 -24.65
N ILE A 139 -13.97 -15.45 -25.71
CA ILE A 139 -15.30 -15.44 -26.29
C ILE A 139 -15.19 -15.94 -27.72
N SER A 140 -16.05 -16.89 -28.08
CA SER A 140 -16.06 -17.49 -29.41
C SER A 140 -17.40 -17.22 -30.08
N GLY A 141 -17.35 -16.81 -31.35
CA GLY A 141 -18.53 -16.72 -32.17
C GLY A 141 -18.52 -17.80 -33.23
N GLY A 142 -19.65 -18.08 -33.86
CA GLY A 142 -19.71 -19.13 -34.84
C GLY A 142 -20.78 -18.88 -35.88
N LYS A 143 -20.76 -19.72 -36.92
CA LYS A 143 -21.79 -19.67 -37.95
C LYS A 143 -23.13 -20.20 -37.46
N ASP A 144 -23.16 -20.80 -36.27
CA ASP A 144 -24.39 -21.25 -35.64
C ASP A 144 -25.10 -20.15 -34.87
N CYS A 145 -24.73 -18.88 -35.10
CA CYS A 145 -25.34 -17.73 -34.46
C CYS A 145 -25.19 -17.78 -32.94
N LEU A 146 -24.14 -18.43 -32.46
CA LEU A 146 -23.90 -18.61 -31.04
C LEU A 146 -22.64 -17.85 -30.61
N VAL A 147 -22.73 -17.17 -29.48
CA VAL A 147 -21.59 -16.51 -28.85
C VAL A 147 -21.41 -17.16 -27.48
N LEU A 148 -20.24 -17.73 -27.24
CA LEU A 148 -19.97 -18.49 -26.03
C LEU A 148 -18.89 -17.80 -25.20
N VAL A 149 -19.15 -17.68 -23.91
CA VAL A 149 -18.19 -17.11 -22.96
C VAL A 149 -17.54 -18.28 -22.22
N TRP A 150 -16.22 -18.38 -22.32
CA TRP A 150 -15.46 -19.47 -21.72
C TRP A 150 -14.55 -18.91 -20.63
N SER A 151 -14.61 -19.52 -19.46
CA SER A 151 -13.66 -19.22 -18.39
C SER A 151 -12.40 -20.06 -18.59
N LEU A 152 -11.25 -19.39 -18.60
CA LEU A 152 -9.99 -20.12 -18.76
C LEU A 152 -9.71 -21.01 -17.56
N CYS A 153 -10.08 -20.56 -16.37
CA CYS A 153 -9.89 -21.37 -15.17
C CYS A 153 -10.69 -22.66 -15.23
N SER A 154 -11.94 -22.58 -15.71
CA SER A 154 -12.77 -23.78 -15.81
C SER A 154 -12.29 -24.69 -16.93
N VAL A 155 -11.83 -24.12 -18.03
CA VAL A 155 -11.39 -24.93 -19.17
C VAL A 155 -10.10 -25.67 -18.83
N LEU A 156 -9.15 -24.98 -18.21
CA LEU A 156 -7.86 -25.58 -17.92
C LEU A 156 -7.96 -26.65 -16.83
N GLN A 157 -8.86 -26.47 -15.88
CA GLN A 157 -8.98 -27.36 -14.74
C GLN A 157 -10.04 -28.43 -14.93
N ALA A 158 -10.69 -28.48 -16.08
CA ALA A 158 -11.70 -29.51 -16.32
C ALA A 158 -11.05 -30.87 -16.58
N ASP A 159 -11.81 -31.91 -16.31
CA ASP A 159 -11.35 -33.28 -16.54
C ASP A 159 -12.16 -33.95 -17.65
N ILE A 163 -17.28 -32.90 -20.40
CA ILE A 163 -16.64 -31.88 -21.22
C ILE A 163 -16.91 -30.50 -20.64
N PRO A 164 -15.98 -29.56 -20.86
CA PRO A 164 -16.20 -28.20 -20.37
C PRO A 164 -17.40 -27.55 -21.04
N ALA A 165 -18.04 -26.64 -20.31
CA ALA A 165 -19.19 -25.91 -20.81
C ALA A 165 -18.93 -24.41 -20.72
N PRO A 166 -19.51 -23.61 -21.62
CA PRO A 166 -19.30 -22.17 -21.57
C PRO A 166 -19.94 -21.54 -20.34
N ARG A 167 -19.35 -20.43 -19.90
CA ARG A 167 -19.95 -19.67 -18.80
C ARG A 167 -21.31 -19.11 -19.21
N HIS A 168 -21.41 -18.56 -20.41
CA HIS A 168 -22.66 -18.02 -20.93
C HIS A 168 -22.87 -18.54 -22.35
N VAL A 169 -24.14 -18.73 -22.71
CA VAL A 169 -24.53 -19.09 -24.06
C VAL A 169 -25.42 -17.95 -24.57
N TRP A 170 -24.87 -17.11 -25.44
CA TRP A 170 -25.58 -15.95 -25.96
C TRP A 170 -26.15 -16.33 -27.32
N SER A 171 -27.48 -16.47 -27.38
CA SER A 171 -28.16 -16.94 -28.59
C SER A 171 -29.17 -15.93 -29.12
N HIS A 172 -29.00 -14.65 -28.78
CA HIS A 172 -29.95 -13.64 -29.24
C HIS A 172 -29.76 -13.32 -30.73
N HIS A 173 -28.55 -13.46 -31.24
CA HIS A 173 -28.31 -13.23 -32.66
C HIS A 173 -28.96 -14.34 -33.48
N ALA A 174 -29.58 -13.95 -34.59
CA ALA A 174 -30.34 -14.87 -35.44
C ALA A 174 -29.61 -15.27 -36.72
N LEU A 175 -28.43 -14.71 -36.97
CA LEU A 175 -27.65 -15.00 -38.15
C LEU A 175 -26.20 -15.17 -37.73
N PRO A 176 -25.36 -15.78 -38.58
CA PRO A 176 -23.99 -16.12 -38.16
C PRO A 176 -23.20 -14.91 -37.68
N ILE A 177 -22.40 -15.13 -36.63
CA ILE A 177 -21.60 -14.07 -36.03
C ILE A 177 -20.45 -13.72 -36.96
N THR A 178 -20.23 -12.42 -37.14
CA THR A 178 -19.16 -11.93 -38.00
C THR A 178 -17.95 -11.43 -37.23
N ASP A 179 -18.16 -10.76 -36.09
CA ASP A 179 -17.03 -10.20 -35.35
C ASP A 179 -17.37 -10.14 -33.86
N LEU A 180 -16.31 -10.06 -33.06
CA LEU A 180 -16.41 -9.84 -31.63
C LEU A 180 -15.42 -8.76 -31.22
N HIS A 181 -15.67 -8.14 -30.08
CA HIS A 181 -14.72 -7.22 -29.48
C HIS A 181 -14.93 -7.20 -27.97
N CYS A 182 -13.87 -7.48 -27.23
CA CYS A 182 -13.91 -7.51 -25.77
C CYS A 182 -13.19 -6.29 -25.22
N GLY A 183 -13.81 -5.64 -24.23
CA GLY A 183 -13.21 -4.49 -23.59
C GLY A 183 -12.16 -4.87 -22.57
N PHE A 184 -11.61 -3.85 -21.92
CA PHE A 184 -10.61 -4.08 -20.91
C PHE A 184 -11.20 -4.75 -19.68
N GLY A 185 -10.38 -5.51 -18.98
CA GLY A 185 -10.79 -6.19 -17.77
C GLY A 185 -11.16 -7.64 -18.02
N GLY A 186 -11.65 -8.27 -16.96
CA GLY A 186 -12.06 -9.65 -17.01
C GLY A 186 -13.55 -9.83 -16.84
N PRO A 187 -13.99 -10.21 -15.64
CA PRO A 187 -15.43 -10.33 -15.38
C PRO A 187 -16.18 -9.02 -15.56
N LEU A 188 -15.53 -7.89 -15.29
CA LEU A 188 -16.15 -6.58 -15.44
C LEU A 188 -16.06 -6.04 -16.85
N ALA A 189 -15.62 -6.85 -17.81
CA ALA A 189 -15.49 -6.40 -19.19
C ALA A 189 -16.83 -6.52 -19.92
N ARG A 190 -16.91 -5.83 -21.05
CA ARG A 190 -18.08 -5.86 -21.91
C ARG A 190 -17.67 -6.31 -23.31
N VAL A 191 -18.53 -7.08 -23.96
CA VAL A 191 -18.23 -7.68 -25.25
C VAL A 191 -19.24 -7.16 -26.27
N ALA A 192 -18.74 -6.69 -27.40
CA ALA A 192 -19.58 -6.27 -28.52
C ALA A 192 -19.53 -7.34 -29.60
N THR A 193 -20.70 -7.70 -30.12
CA THR A 193 -20.81 -8.71 -31.16
C THR A 193 -21.56 -8.16 -32.36
N SER A 194 -21.20 -8.65 -33.54
CA SER A 194 -21.88 -8.30 -34.78
C SER A 194 -22.28 -9.58 -35.48
N SER A 195 -23.28 -9.46 -36.36
CA SER A 195 -23.83 -10.62 -37.02
C SER A 195 -24.46 -10.21 -38.34
N LEU A 196 -24.72 -11.23 -39.18
CA LEU A 196 -25.36 -11.01 -40.47
C LEU A 196 -26.81 -10.56 -40.35
N ASP A 197 -27.40 -10.63 -39.16
CA ASP A 197 -28.77 -10.21 -38.92
C ASP A 197 -28.90 -8.69 -38.78
N GLN A 198 -27.87 -7.94 -39.20
CA GLN A 198 -27.89 -6.48 -39.23
C GLN A 198 -28.03 -5.88 -37.82
N THR A 199 -27.47 -6.56 -36.82
CA THR A 199 -27.57 -6.12 -35.44
C THR A 199 -26.21 -6.22 -34.77
N VAL A 200 -25.92 -5.26 -33.89
CA VAL A 200 -24.74 -5.27 -33.04
C VAL A 200 -25.21 -5.23 -31.59
N LYS A 201 -24.70 -6.14 -30.79
CA LYS A 201 -25.14 -6.29 -29.40
C LYS A 201 -23.98 -6.10 -28.44
N LEU A 202 -24.28 -5.51 -27.29
CA LEU A 202 -23.31 -5.28 -26.22
C LEU A 202 -23.74 -6.07 -25.00
N TRP A 203 -22.80 -6.80 -24.40
CA TRP A 203 -23.11 -7.74 -23.33
C TRP A 203 -22.25 -7.43 -22.10
N GLU A 204 -22.59 -8.11 -21.01
CA GLU A 204 -21.82 -8.07 -19.77
C GLU A 204 -21.27 -9.47 -19.49
N VAL A 205 -19.97 -9.55 -19.23
CA VAL A 205 -19.34 -10.85 -19.02
C VAL A 205 -19.78 -11.45 -17.69
N SER A 206 -19.85 -10.65 -16.64
CA SER A 206 -20.14 -11.18 -15.30
C SER A 206 -21.59 -11.64 -15.20
N SER A 207 -22.53 -10.72 -15.41
CA SER A 207 -23.95 -11.08 -15.28
C SER A 207 -24.40 -11.96 -16.44
N GLY A 208 -23.83 -11.78 -17.63
CA GLY A 208 -24.30 -12.48 -18.80
C GLY A 208 -25.50 -11.84 -19.46
N GLU A 209 -25.78 -10.58 -19.14
CA GLU A 209 -26.97 -9.89 -19.61
C GLU A 209 -26.67 -9.09 -20.87
N LEU A 210 -27.69 -8.96 -21.72
CA LEU A 210 -27.61 -8.10 -22.89
C LEU A 210 -27.87 -6.65 -22.48
N LEU A 211 -26.93 -5.77 -22.77
CA LEU A 211 -27.06 -4.38 -22.37
C LEU A 211 -27.64 -3.50 -23.49
N LEU A 212 -27.30 -3.79 -24.74
CA LEU A 212 -27.70 -2.93 -25.84
C LEU A 212 -27.82 -3.76 -27.10
N SER A 213 -28.64 -3.28 -28.04
CA SER A 213 -28.82 -3.93 -29.33
C SER A 213 -29.19 -2.85 -30.35
N VAL A 214 -28.31 -2.63 -31.32
CA VAL A 214 -28.52 -1.62 -32.35
C VAL A 214 -28.80 -2.33 -33.66
N LEU A 215 -29.87 -1.92 -34.34
CA LEU A 215 -30.27 -2.53 -35.60
C LEU A 215 -29.92 -1.60 -36.76
N PHE A 216 -29.30 -2.16 -37.79
CA PHE A 216 -28.88 -1.42 -38.96
C PHE A 216 -29.65 -1.91 -40.18
N ASP A 217 -29.46 -1.20 -41.30
CA ASP A 217 -30.10 -1.56 -42.55
C ASP A 217 -29.30 -2.55 -43.38
N VAL A 218 -28.05 -2.82 -42.99
CA VAL A 218 -27.19 -3.74 -43.72
C VAL A 218 -26.52 -4.67 -42.72
N SER A 219 -26.03 -5.80 -43.22
CA SER A 219 -25.29 -6.73 -42.39
C SER A 219 -23.98 -6.11 -41.92
N ILE A 220 -23.65 -6.32 -40.65
CA ILE A 220 -22.47 -5.72 -40.03
C ILE A 220 -21.34 -6.75 -40.06
N MET A 221 -20.25 -6.40 -40.75
CA MET A 221 -19.15 -7.32 -40.95
C MET A 221 -18.02 -7.15 -39.93
N ALA A 222 -18.00 -6.04 -39.20
CA ALA A 222 -16.96 -5.79 -38.22
C ALA A 222 -17.51 -4.90 -37.12
N VAL A 223 -16.88 -4.99 -35.95
CA VAL A 223 -17.29 -4.19 -34.80
C VAL A 223 -16.06 -3.93 -33.93
N THR A 224 -16.02 -2.76 -33.33
CA THR A 224 -14.95 -2.40 -32.41
C THR A 224 -15.42 -1.23 -31.55
N MET A 225 -14.81 -1.10 -30.38
CA MET A 225 -14.99 0.07 -29.53
C MET A 225 -13.63 0.53 -29.03
N ASP A 226 -13.56 1.82 -28.69
CA ASP A 226 -12.35 2.35 -28.08
C ASP A 226 -12.23 1.86 -26.64
N LEU A 227 -11.07 2.12 -26.04
CA LEU A 227 -10.80 1.61 -24.70
C LEU A 227 -11.76 2.21 -23.69
N ALA A 228 -12.04 3.51 -23.79
CA ALA A 228 -13.00 4.16 -22.90
C ALA A 228 -14.44 3.77 -23.22
N GLU A 229 -14.66 3.09 -24.34
CA GLU A 229 -15.99 2.62 -24.73
C GLU A 229 -16.99 3.77 -24.87
N HIS A 230 -16.52 4.90 -25.40
CA HIS A 230 -17.42 6.00 -25.70
C HIS A 230 -18.22 5.74 -26.98
N HIS A 231 -17.61 5.10 -27.97
CA HIS A 231 -18.24 4.86 -29.25
C HIS A 231 -18.13 3.39 -29.63
N MET A 232 -19.01 2.98 -30.52
CA MET A 232 -18.97 1.65 -31.14
C MET A 232 -18.93 1.85 -32.65
N PHE A 233 -17.92 1.26 -33.29
CA PHE A 233 -17.71 1.40 -34.73
C PHE A 233 -18.11 0.11 -35.41
N CYS A 234 -19.05 0.19 -36.36
CA CYS A 234 -19.63 -0.98 -37.01
C CYS A 234 -19.40 -0.88 -38.51
N GLY A 235 -18.80 -1.93 -39.08
CA GLY A 235 -18.52 -1.95 -40.50
C GLY A 235 -19.63 -2.64 -41.27
N GLY A 236 -20.19 -1.93 -42.24
CA GLY A 236 -21.29 -2.45 -43.03
C GLY A 236 -20.82 -3.35 -44.17
N SER A 237 -21.79 -3.96 -44.83
CA SER A 237 -21.51 -4.85 -45.96
C SER A 237 -21.37 -4.10 -47.27
N GLU A 238 -21.64 -2.80 -47.30
CA GLU A 238 -21.56 -2.00 -48.51
C GLU A 238 -20.48 -0.92 -48.45
N GLY A 239 -19.73 -0.83 -47.37
CA GLY A 239 -18.64 0.11 -47.26
C GLY A 239 -18.83 1.26 -46.30
N SER A 240 -19.87 1.23 -45.46
CA SER A 240 -20.15 2.30 -44.53
C SER A 240 -19.77 1.87 -43.13
N ILE A 241 -19.05 2.73 -42.42
CA ILE A 241 -18.72 2.52 -41.02
C ILE A 241 -19.64 3.40 -40.19
N PHE A 242 -20.42 2.78 -39.32
CA PHE A 242 -21.38 3.49 -38.48
C PHE A 242 -20.82 3.68 -37.08
N GLN A 243 -21.07 4.84 -36.50
CA GLN A 243 -20.66 5.17 -35.15
C GLN A 243 -21.86 5.18 -34.23
N VAL A 244 -21.77 4.45 -33.12
CA VAL A 244 -22.82 4.38 -32.12
C VAL A 244 -22.26 4.94 -30.83
N ASP A 245 -22.81 6.06 -30.38
CA ASP A 245 -22.36 6.70 -29.15
C ASP A 245 -22.97 5.97 -27.95
N LEU A 246 -22.12 5.49 -27.05
CA LEU A 246 -22.57 4.74 -25.88
C LEU A 246 -22.80 5.66 -24.69
N PHE A 247 -23.58 6.72 -24.90
CA PHE A 247 -23.95 7.65 -23.83
C PHE A 247 -25.17 8.47 -24.24
N ARG A 253 -32.04 0.57 -24.19
CA ARG A 253 -31.80 -0.69 -24.89
C ARG A 253 -32.60 -0.75 -26.19
N GLU A 254 -32.15 -1.61 -27.10
CA GLU A 254 -32.82 -1.84 -28.38
C GLU A 254 -32.96 -0.54 -29.19
N ARG A 255 -31.81 0.01 -29.57
CA ARG A 255 -31.80 1.21 -30.40
C ARG A 255 -31.92 0.84 -31.87
N SER A 256 -31.85 1.86 -32.73
CA SER A 256 -31.85 1.67 -34.17
C SER A 256 -31.06 2.81 -34.79
N PHE A 257 -30.59 2.58 -36.01
CA PHE A 257 -29.75 3.54 -36.72
C PHE A 257 -30.54 4.17 -37.86
N HIS A 258 -30.30 5.46 -38.08
CA HIS A 258 -30.97 6.23 -39.12
C HIS A 258 -32.48 6.22 -38.94
N ASP A 262 -27.99 11.22 -37.77
CA ASP A 262 -27.23 9.98 -37.93
C ASP A 262 -26.40 10.01 -39.21
N ALA A 263 -26.62 11.05 -40.02
CA ALA A 263 -25.84 11.21 -41.24
C ALA A 263 -24.39 11.53 -40.95
N GLY A 264 -24.13 12.23 -39.85
CA GLY A 264 -22.77 12.56 -39.45
C GLY A 264 -22.08 11.49 -38.63
N LYS A 265 -22.72 10.33 -38.45
CA LYS A 265 -22.16 9.22 -37.71
C LYS A 265 -21.63 8.12 -38.62
N VAL A 266 -21.45 8.41 -39.91
CA VAL A 266 -21.08 7.42 -40.91
C VAL A 266 -19.78 7.83 -41.56
N PHE A 267 -18.85 6.88 -41.68
CA PHE A 267 -17.61 7.08 -42.43
C PHE A 267 -17.83 6.59 -43.86
N LYS A 268 -17.64 7.48 -44.83
CA LYS A 268 -17.94 7.20 -46.22
C LYS A 268 -16.66 7.16 -47.06
N GLY A 269 -16.63 6.26 -48.03
CA GLY A 269 -15.50 6.13 -48.93
C GLY A 269 -15.14 4.71 -49.32
N HIS A 270 -15.38 3.74 -48.44
CA HIS A 270 -15.17 2.35 -48.81
C HIS A 270 -16.25 1.89 -49.79
N ARG A 271 -15.83 1.19 -50.84
CA ARG A 271 -16.74 0.72 -51.86
C ARG A 271 -17.11 -0.75 -51.71
N ASN A 272 -16.64 -1.42 -50.65
CA ASN A 272 -16.95 -2.82 -50.43
C ASN A 272 -17.03 -3.06 -48.93
N GLN A 273 -17.43 -4.28 -48.55
CA GLN A 273 -17.68 -4.60 -47.16
C GLN A 273 -16.44 -4.36 -46.30
N VAL A 274 -16.64 -3.66 -45.19
CA VAL A 274 -15.57 -3.36 -44.25
C VAL A 274 -15.54 -4.49 -43.22
N THR A 275 -14.49 -5.31 -43.28
CA THR A 275 -14.39 -6.50 -42.46
C THR A 275 -13.44 -6.34 -41.28
N CYS A 276 -12.60 -5.31 -41.27
CA CYS A 276 -11.65 -5.07 -40.19
C CYS A 276 -11.81 -3.65 -39.67
N LEU A 277 -11.80 -3.51 -38.35
CA LEU A 277 -11.98 -2.21 -37.71
C LEU A 277 -11.10 -2.15 -36.46
N SER A 278 -10.29 -1.12 -36.36
CA SER A 278 -9.42 -0.92 -35.21
C SER A 278 -9.37 0.56 -34.84
N VAL A 279 -9.18 0.83 -33.56
CA VAL A 279 -9.10 2.19 -33.05
C VAL A 279 -7.74 2.38 -32.40
N SER A 280 -7.23 3.61 -32.46
CA SER A 280 -5.96 3.94 -31.86
C SER A 280 -6.10 4.01 -30.33
N THR A 281 -4.96 4.12 -29.66
CA THR A 281 -4.94 4.09 -28.20
C THR A 281 -5.76 5.23 -27.60
N ASP A 282 -5.60 6.44 -28.14
CA ASP A 282 -6.36 7.59 -27.66
C ASP A 282 -7.75 7.68 -28.27
N GLY A 283 -8.04 6.88 -29.30
CA GLY A 283 -9.36 6.87 -29.90
C GLY A 283 -9.60 7.93 -30.96
N SER A 284 -8.57 8.63 -31.40
CA SER A 284 -8.73 9.70 -32.38
C SER A 284 -8.57 9.23 -33.82
N VAL A 285 -8.12 8.00 -34.04
CA VAL A 285 -7.89 7.48 -35.38
C VAL A 285 -8.56 6.11 -35.50
N LEU A 286 -9.27 5.90 -36.59
CA LEU A 286 -9.97 4.65 -36.87
C LEU A 286 -9.35 3.98 -38.09
N LEU A 287 -9.01 2.70 -37.95
CA LEU A 287 -8.47 1.90 -39.04
C LEU A 287 -9.58 1.01 -39.59
N SER A 288 -9.70 0.98 -40.91
CA SER A 288 -10.71 0.18 -41.58
C SER A 288 -10.10 -0.55 -42.76
N GLY A 289 -10.26 -1.86 -42.81
CA GLY A 289 -9.88 -2.67 -43.95
C GLY A 289 -11.15 -3.22 -44.61
N SER A 290 -11.15 -3.22 -45.95
CA SER A 290 -12.34 -3.58 -46.69
C SER A 290 -11.96 -4.50 -47.85
N HIS A 291 -12.99 -4.97 -48.56
CA HIS A 291 -12.82 -5.88 -49.68
C HIS A 291 -12.48 -5.17 -50.98
N ASP A 292 -12.46 -3.84 -51.00
CA ASP A 292 -12.04 -3.11 -52.18
C ASP A 292 -10.53 -3.00 -52.29
N GLU A 293 -9.79 -3.85 -51.57
CA GLU A 293 -8.33 -3.88 -51.60
C GLU A 293 -7.74 -2.54 -51.15
N THR A 294 -8.16 -2.08 -49.99
CA THR A 294 -7.75 -0.77 -49.49
C THR A 294 -7.87 -0.73 -47.97
N VAL A 295 -6.86 -0.18 -47.33
CA VAL A 295 -6.87 0.09 -45.89
C VAL A 295 -6.90 1.60 -45.71
N ARG A 296 -7.83 2.09 -44.90
CA ARG A 296 -8.07 3.52 -44.75
C ARG A 296 -7.91 3.96 -43.30
N LEU A 297 -7.41 5.19 -43.15
CA LEU A 297 -7.31 5.85 -41.85
C LEU A 297 -8.34 6.97 -41.80
N TRP A 298 -9.06 7.06 -40.68
CA TRP A 298 -10.12 8.03 -40.52
C TRP A 298 -9.89 8.89 -39.28
N ASP A 299 -10.34 10.13 -39.36
CA ASP A 299 -10.41 11.01 -38.20
C ASP A 299 -11.78 10.82 -37.57
N VAL A 300 -11.79 10.34 -36.31
CA VAL A 300 -13.05 10.03 -35.64
C VAL A 300 -13.94 11.26 -35.45
N GLN A 301 -13.35 12.44 -35.25
CA GLN A 301 -14.12 13.65 -35.05
C GLN A 301 -14.74 14.17 -36.35
N SER A 302 -13.92 14.36 -37.39
CA SER A 302 -14.42 14.92 -38.64
C SER A 302 -15.00 13.88 -39.58
N LYS A 303 -14.83 12.59 -39.30
CA LYS A 303 -15.31 11.50 -40.15
C LYS A 303 -14.71 11.58 -41.55
N GLN A 304 -13.50 12.12 -41.66
CA GLN A 304 -12.82 12.28 -42.93
C GLN A 304 -11.60 11.35 -43.00
N CYS A 305 -11.34 10.84 -44.19
CA CYS A 305 -10.22 9.92 -44.38
C CYS A 305 -8.90 10.69 -44.36
N ILE A 306 -7.93 10.16 -43.61
CA ILE A 306 -6.59 10.75 -43.57
C ILE A 306 -5.74 10.11 -44.66
N ARG A 307 -5.61 8.79 -44.62
CA ARG A 307 -4.73 8.06 -45.54
C ARG A 307 -5.49 6.90 -46.16
N THR A 308 -5.21 6.64 -47.44
CA THR A 308 -5.77 5.51 -48.17
C THR A 308 -4.62 4.67 -48.71
N VAL A 309 -4.45 3.48 -48.15
CA VAL A 309 -3.37 2.57 -48.54
C VAL A 309 -3.96 1.48 -49.41
N ALA A 310 -3.41 1.31 -50.61
CA ALA A 310 -3.89 0.31 -51.54
C ALA A 310 -3.15 -1.01 -51.35
N LEU A 311 -3.90 -2.11 -51.44
CA LEU A 311 -3.35 -3.45 -51.31
C LEU A 311 -3.62 -4.23 -52.58
N LYS A 312 -3.03 -5.43 -52.67
CA LYS A 312 -3.14 -6.26 -53.85
C LYS A 312 -4.32 -7.23 -53.81
N GLY A 313 -5.09 -7.24 -52.73
CA GLY A 313 -6.23 -8.09 -52.60
C GLY A 313 -7.12 -7.65 -51.46
N PRO A 314 -8.26 -8.33 -51.28
CA PRO A 314 -9.13 -7.99 -50.15
C PRO A 314 -8.41 -8.14 -48.83
N VAL A 315 -8.65 -7.19 -47.93
CA VAL A 315 -7.97 -7.17 -46.64
C VAL A 315 -8.55 -8.24 -45.74
N THR A 316 -7.69 -9.12 -45.23
CA THR A 316 -8.12 -10.16 -44.29
C THR A 316 -7.85 -9.80 -42.84
N ASN A 317 -6.77 -9.07 -42.57
CA ASN A 317 -6.43 -8.64 -41.22
C ASN A 317 -5.94 -7.20 -41.27
N ALA A 318 -6.34 -6.40 -40.27
CA ALA A 318 -5.89 -5.02 -40.16
C ALA A 318 -6.14 -4.56 -38.74
N ALA A 319 -5.09 -4.19 -38.02
CA ALA A 319 -5.22 -3.77 -36.63
C ALA A 319 -4.23 -2.64 -36.33
N ILE A 320 -4.61 -1.79 -35.38
CA ILE A 320 -3.71 -0.78 -34.84
C ILE A 320 -3.10 -1.33 -33.56
N LEU A 321 -1.78 -1.25 -33.46
CA LEU A 321 -1.05 -1.83 -32.35
C LEU A 321 -0.02 -0.84 -31.82
N LEU A 322 0.19 -0.86 -30.51
CA LEU A 322 1.31 -0.18 -29.90
C LEU A 322 2.57 -1.00 -30.16
N ALA A 323 3.51 -0.42 -30.89
CA ALA A 323 4.67 -1.16 -31.35
C ALA A 323 5.52 -1.63 -30.17
N PRO A 324 5.77 -2.92 -30.02
CA PRO A 324 6.62 -3.40 -28.93
C PRO A 324 8.08 -3.07 -29.19
N VAL A 325 8.89 -3.24 -28.14
CA VAL A 325 10.32 -3.05 -28.26
C VAL A 325 10.92 -4.01 -29.28
N SER A 326 10.26 -5.15 -29.51
CA SER A 326 10.70 -6.07 -30.54
C SER A 326 10.61 -5.45 -31.93
N MET A 327 9.53 -4.71 -32.19
CA MET A 327 9.33 -4.08 -33.49
C MET A 327 10.34 -2.97 -33.75
N LEU A 328 10.88 -2.35 -32.71
CA LEU A 328 11.80 -1.24 -32.88
C LEU A 328 13.26 -1.68 -32.94
N SER A 329 13.64 -2.68 -32.15
CA SER A 329 15.02 -3.17 -32.12
C SER A 329 15.24 -4.11 -33.30
N SER A 330 16.09 -3.71 -34.24
CA SER A 330 16.40 -4.55 -35.40
C SER A 330 17.22 -5.78 -35.04
N ASP A 331 17.79 -5.82 -33.84
CA ASP A 331 18.57 -6.97 -33.40
C ASP A 331 17.81 -7.83 -32.39
N PHE A 332 16.50 -7.64 -32.27
CA PHE A 332 15.72 -8.38 -31.31
C PHE A 332 15.67 -9.86 -31.65
N ARG A 333 15.70 -10.70 -30.62
CA ARG A 333 15.48 -12.12 -30.74
C ARG A 333 14.56 -12.55 -29.60
N PRO A 334 13.60 -13.44 -29.86
CA PRO A 334 12.69 -13.87 -28.80
C PRO A 334 13.44 -14.54 -27.65
N SER A 335 12.95 -14.31 -26.43
CA SER A 335 13.63 -14.82 -25.25
C SER A 335 13.58 -16.34 -25.21
N LEU A 336 12.48 -16.93 -25.67
CA LEU A 336 12.34 -18.38 -25.71
C LEU A 336 11.97 -18.82 -27.12
N PRO A 337 12.43 -19.98 -27.56
CA PRO A 337 12.03 -20.50 -28.86
C PRO A 337 10.58 -20.99 -28.84
N LEU A 338 9.99 -21.06 -30.02
CA LEU A 338 8.64 -21.58 -30.13
C LEU A 338 8.64 -23.08 -29.85
N PRO A 339 7.82 -23.56 -28.92
CA PRO A 339 7.77 -25.00 -28.66
C PRO A 339 7.09 -25.73 -29.81
N HIS A 340 7.29 -27.05 -29.84
CA HIS A 340 6.61 -27.89 -30.81
C HIS A 340 5.16 -28.05 -30.37
N PHE A 341 4.23 -27.53 -31.15
CA PHE A 341 2.82 -27.56 -30.81
C PHE A 341 2.24 -28.91 -31.20
N ASN A 342 1.71 -29.64 -30.23
CA ASN A 342 1.22 -30.99 -30.48
C ASN A 342 -0.08 -30.96 -31.27
N LYS A 343 -0.20 -31.87 -32.23
CA LYS A 343 -1.42 -32.01 -33.02
C LYS A 343 -2.48 -32.84 -32.31
N HIS A 344 -2.12 -33.55 -31.24
CA HIS A 344 -3.04 -34.42 -30.53
C HIS A 344 -2.97 -34.15 -29.05
N LEU A 345 -4.06 -34.46 -28.36
CA LEU A 345 -4.17 -34.21 -26.92
C LEU A 345 -3.15 -35.03 -26.13
N GLY A 357 3.95 -31.56 -15.46
CA GLY A 357 4.97 -30.70 -14.85
C GLY A 357 6.26 -30.69 -15.63
N GLY A 358 6.28 -29.96 -16.73
CA GLY A 358 7.48 -29.80 -17.54
C GLY A 358 7.64 -28.39 -18.07
N LEU A 359 7.19 -27.40 -17.31
CA LEU A 359 7.13 -26.03 -17.80
C LEU A 359 8.53 -25.49 -18.11
N THR A 360 8.67 -24.92 -19.31
CA THR A 360 9.90 -24.27 -19.73
C THR A 360 9.73 -22.76 -19.57
N LEU A 361 10.56 -22.15 -18.73
CA LEU A 361 10.41 -20.73 -18.44
C LEU A 361 11.74 -20.16 -17.99
N ARG A 362 11.82 -18.84 -17.99
CA ARG A 362 12.99 -18.11 -17.52
C ARG A 362 12.74 -17.66 -16.09
N LEU A 363 13.74 -17.88 -15.22
CA LEU A 363 13.59 -17.65 -13.79
C LEU A 363 13.93 -16.21 -13.43
N GLY A 364 13.35 -15.75 -12.33
CA GLY A 364 13.66 -14.45 -11.78
C GLY A 364 12.96 -13.27 -12.42
N LEU A 365 11.97 -13.52 -13.27
CA LEU A 365 11.25 -12.41 -13.90
C LEU A 365 10.37 -11.66 -12.92
N HIS A 366 9.82 -12.37 -11.92
CA HIS A 366 8.92 -11.75 -10.96
C HIS A 366 9.62 -10.69 -10.11
N GLN A 367 10.96 -10.72 -10.04
CA GLN A 367 11.72 -9.79 -9.22
C GLN A 367 12.51 -8.79 -10.08
N GLN A 368 12.04 -8.54 -11.29
CA GLN A 368 12.67 -7.52 -12.13
C GLN A 368 12.46 -6.14 -11.53
N GLY A 369 13.53 -5.35 -11.53
CA GLY A 369 13.46 -4.02 -10.95
C GLY A 369 13.49 -3.99 -9.43
N SER A 370 13.79 -5.10 -8.78
CA SER A 370 13.80 -5.20 -7.33
C SER A 370 15.21 -5.00 -6.76
N GLU A 371 16.16 -4.55 -7.57
CA GLU A 371 17.52 -4.36 -7.09
C GLU A 371 17.54 -3.30 -5.99
N PRO A 372 18.38 -3.45 -4.97
CA PRO A 372 18.48 -2.43 -3.93
C PRO A 372 18.91 -1.10 -4.51
N SER A 373 18.36 -0.02 -3.97
CA SER A 373 18.59 1.31 -4.49
C SER A 373 19.86 1.91 -3.88
N TYR A 374 20.14 3.16 -4.24
CA TYR A 374 21.31 3.85 -3.71
C TYR A 374 21.25 3.97 -2.20
N LEU A 375 20.13 4.45 -1.66
CA LEU A 375 20.01 4.62 -0.22
C LEU A 375 19.93 3.29 0.50
N ASP A 376 19.37 2.27 -0.14
CA ASP A 376 19.38 0.93 0.45
C ASP A 376 20.80 0.38 0.53
N ARG A 377 21.56 0.50 -0.57
CA ARG A 377 22.94 0.04 -0.57
C ARG A 377 23.81 0.87 0.37
N THR A 378 23.61 2.20 0.37
CA THR A 378 24.44 3.07 1.19
C THR A 378 24.21 2.82 2.67
N GLU A 379 22.96 2.63 3.09
CA GLU A 379 22.68 2.46 4.51
C GLU A 379 23.15 1.11 5.03
N GLN A 380 23.17 0.09 4.17
CA GLN A 380 23.71 -1.21 4.58
C GLN A 380 25.20 -1.14 4.81
N LEU A 381 25.93 -0.51 3.88
CA LEU A 381 27.37 -0.34 4.06
C LEU A 381 27.68 0.55 5.25
N GLN A 382 26.87 1.59 5.47
CA GLN A 382 27.05 2.44 6.64
C GLN A 382 26.79 1.66 7.93
N ALA A 383 25.80 0.76 7.90
CA ALA A 383 25.54 -0.09 9.07
C ALA A 383 26.72 -1.02 9.35
N VAL A 384 27.33 -1.56 8.28
CA VAL A 384 28.53 -2.37 8.46
C VAL A 384 29.66 -1.54 9.05
N LEU A 385 29.82 -0.30 8.57
CA LEU A 385 30.84 0.59 9.12
C LEU A 385 30.62 0.86 10.60
N CYS A 386 29.36 1.12 10.98
CA CYS A 386 29.05 1.37 12.39
C CYS A 386 29.29 0.13 13.25
N SER A 387 28.91 -1.05 12.74
CA SER A 387 29.15 -2.28 13.49
C SER A 387 30.64 -2.53 13.67
N THR A 388 31.43 -2.28 12.64
CA THR A 388 32.88 -2.45 12.76
C THR A 388 33.46 -1.44 13.76
N MET A 389 32.97 -0.20 13.74
CA MET A 389 33.43 0.79 14.71
C MET A 389 33.09 0.37 16.13
N GLU A 390 31.86 -0.09 16.34
CA GLU A 390 31.44 -0.51 17.68
C GLU A 390 32.22 -1.74 18.15
N LYS A 391 32.40 -2.71 17.25
CA LYS A 391 33.11 -3.93 17.61
C LYS A 391 34.62 -3.68 17.76
N SER A 392 35.20 -2.94 16.83
CA SER A 392 36.63 -2.64 16.90
C SER A 392 36.87 -1.29 17.58
N MET B 7 -26.03 1.38 16.54
CA MET B 7 -27.05 2.08 17.32
C MET B 7 -27.22 3.51 16.83
N GLU B 8 -28.45 3.87 16.50
CA GLU B 8 -28.80 5.21 16.03
C GLU B 8 -29.81 5.84 16.97
N VAL B 9 -29.65 7.14 17.21
CA VAL B 9 -30.50 7.89 18.11
C VAL B 9 -31.03 9.13 17.38
N ALA B 10 -32.06 9.73 17.96
CA ALA B 10 -32.62 10.97 17.46
C ALA B 10 -32.43 12.04 18.52
N VAL B 11 -31.79 13.14 18.14
CA VAL B 11 -31.54 14.27 19.04
C VAL B 11 -32.48 15.39 18.63
N CYS B 12 -33.40 15.75 19.51
CA CYS B 12 -34.47 16.69 19.18
C CYS B 12 -34.59 17.76 20.27
N THR B 13 -34.81 19.00 19.83
CA THR B 13 -35.10 20.12 20.73
C THR B 13 -36.36 20.82 20.24
N ASP B 14 -37.05 21.48 21.16
CA ASP B 14 -38.26 22.21 20.83
C ASP B 14 -38.15 23.65 21.32
N SER B 15 -39.01 24.51 20.78
CA SER B 15 -38.95 25.93 21.07
C SER B 15 -39.38 26.24 22.50
N ALA B 16 -40.27 25.42 23.08
CA ALA B 16 -40.78 25.69 24.42
C ALA B 16 -39.77 25.25 25.48
N ALA B 17 -39.46 23.95 25.51
CA ALA B 17 -38.53 23.35 26.46
C ALA B 17 -38.90 23.69 27.90
N PRO B 18 -40.01 23.17 28.42
CA PRO B 18 -40.39 23.49 29.81
C PRO B 18 -39.62 22.67 30.83
N MET B 19 -39.25 21.45 30.47
CA MET B 19 -38.52 20.54 31.35
C MET B 19 -37.15 20.18 30.81
N TRP B 20 -37.07 19.75 29.55
CA TRP B 20 -35.81 19.36 28.93
C TRP B 20 -35.57 20.25 27.72
N SER B 21 -34.38 20.84 27.64
CA SER B 21 -34.02 21.63 26.46
C SER B 21 -33.70 20.74 25.27
N CYS B 22 -33.21 19.52 25.51
CA CYS B 22 -32.89 18.59 24.44
C CYS B 22 -33.12 17.18 24.95
N ILE B 23 -33.61 16.31 24.06
CA ILE B 23 -33.92 14.93 24.40
C ILE B 23 -33.31 14.03 23.35
N VAL B 24 -32.62 12.97 23.80
CA VAL B 24 -32.04 11.96 22.92
C VAL B 24 -32.76 10.65 23.19
N TRP B 25 -33.32 10.05 22.13
CA TRP B 25 -34.03 8.78 22.25
C TRP B 25 -33.62 7.85 21.12
N GLU B 26 -33.72 6.56 21.39
CA GLU B 26 -33.35 5.55 20.40
C GLU B 26 -34.33 5.58 19.23
N LEU B 27 -33.80 5.40 18.02
CA LEU B 27 -34.61 5.54 16.83
C LEU B 27 -35.71 4.49 16.76
N HIS B 28 -35.35 3.22 16.97
CA HIS B 28 -36.30 2.14 16.77
C HIS B 28 -37.09 1.78 18.02
N SER B 29 -36.63 2.18 19.21
CA SER B 29 -37.38 1.93 20.43
C SER B 29 -38.19 3.14 20.86
N GLY B 30 -37.64 4.34 20.70
CA GLY B 30 -38.31 5.56 21.13
C GLY B 30 -38.10 5.91 22.58
N ALA B 31 -37.34 5.11 23.33
CA ALA B 31 -37.11 5.38 24.75
C ALA B 31 -36.04 6.45 24.91
N ASN B 32 -36.29 7.40 25.82
CA ASN B 32 -35.37 8.50 26.05
C ASN B 32 -34.04 8.01 26.59
N LEU B 33 -32.98 8.16 25.80
CA LEU B 33 -31.65 7.76 26.24
C LEU B 33 -30.98 8.83 27.10
N LEU B 34 -31.04 10.08 26.66
CA LEU B 34 -30.40 11.18 27.37
C LEU B 34 -31.34 12.37 27.40
N THR B 35 -31.21 13.18 28.46
CA THR B 35 -31.97 14.41 28.61
C THR B 35 -31.05 15.49 29.14
N TYR B 36 -31.41 16.74 28.87
CA TYR B 36 -30.58 17.88 29.24
C TYR B 36 -31.46 19.03 29.73
N ARG B 37 -31.00 19.70 30.78
CA ARG B 37 -31.67 20.87 31.32
C ARG B 37 -30.92 22.13 30.90
N GLY B 38 -31.66 23.21 30.65
CA GLY B 38 -31.05 24.46 30.25
C GLY B 38 -32.05 25.49 29.79
N GLY B 39 -31.78 26.10 28.65
CA GLY B 39 -32.68 27.11 28.09
C GLY B 39 -33.46 26.59 26.91
N GLN B 40 -33.40 27.30 25.79
CA GLN B 40 -34.08 26.90 24.56
C GLN B 40 -33.12 27.08 23.40
N ALA B 41 -32.88 26.00 22.67
CA ALA B 41 -32.03 26.06 21.48
C ALA B 41 -32.83 26.60 20.29
N GLY B 42 -32.19 27.48 19.53
CA GLY B 42 -32.81 28.04 18.36
C GLY B 42 -32.71 27.14 17.16
N PRO B 43 -33.46 27.46 16.11
CA PRO B 43 -33.38 26.67 14.88
C PRO B 43 -31.98 26.73 14.28
N ARG B 44 -31.53 25.59 13.76
CA ARG B 44 -30.19 25.45 13.18
C ARG B 44 -29.10 25.82 14.18
N GLY B 45 -29.36 25.64 15.46
CA GLY B 45 -28.44 26.07 16.49
C GLY B 45 -28.10 25.02 17.53
N LEU B 46 -28.01 23.76 17.11
CA LEU B 46 -27.60 22.67 17.99
C LEU B 46 -26.47 21.91 17.32
N ALA B 47 -25.36 21.75 18.04
CA ALA B 47 -24.18 21.11 17.51
C ALA B 47 -23.63 20.11 18.51
N LEU B 48 -22.99 19.07 18.00
CA LEU B 48 -22.26 18.09 18.81
C LEU B 48 -20.78 18.29 18.54
N LEU B 49 -20.00 18.55 19.59
CA LEU B 49 -18.60 18.90 19.48
C LEU B 49 -17.75 17.72 19.91
N ASN B 50 -17.02 17.13 18.95
CA ASN B 50 -16.08 16.03 19.17
C ASN B 50 -16.73 14.80 19.79
N GLY B 51 -18.06 14.71 19.77
CA GLY B 51 -18.74 13.59 20.36
C GLY B 51 -18.79 13.60 21.87
N GLU B 52 -18.38 14.69 22.51
CA GLU B 52 -18.34 14.78 23.97
C GLU B 52 -19.12 15.95 24.54
N TYR B 53 -19.39 16.99 23.74
CA TYR B 53 -20.07 18.18 24.22
C TYR B 53 -21.27 18.49 23.35
N LEU B 54 -22.32 18.99 23.97
CA LEU B 54 -23.54 19.41 23.28
C LEU B 54 -23.64 20.92 23.35
N LEU B 55 -23.53 21.57 22.20
CA LEU B 55 -23.62 23.03 22.10
C LEU B 55 -24.98 23.41 21.54
N ALA B 56 -25.62 24.40 22.17
CA ALA B 56 -26.95 24.84 21.76
C ALA B 56 -26.99 26.36 21.79
N ALA B 57 -27.04 26.97 20.60
CA ALA B 57 -27.26 28.41 20.52
C ALA B 57 -28.63 28.75 21.09
N GLN B 58 -28.67 29.74 21.98
CA GLN B 58 -29.89 30.05 22.69
C GLN B 58 -30.85 30.84 21.81
N LEU B 59 -32.15 30.61 22.03
CA LEU B 59 -33.17 31.21 21.19
C LEU B 59 -33.32 32.69 21.51
N GLY B 60 -33.03 33.54 20.54
CA GLY B 60 -33.14 34.98 20.74
C GLY B 60 -32.18 35.52 21.77
N LYS B 61 -30.95 35.00 21.81
CA LYS B 61 -29.96 35.41 22.78
C LYS B 61 -28.59 35.48 22.11
N ASN B 62 -27.63 36.07 22.81
CA ASN B 62 -26.32 36.37 22.25
C ASN B 62 -25.23 35.43 22.74
N TYR B 63 -25.59 34.26 23.24
CA TYR B 63 -24.59 33.33 23.76
C TYR B 63 -24.98 31.89 23.41
N ILE B 64 -24.04 30.99 23.61
CA ILE B 64 -24.19 29.56 23.30
C ILE B 64 -23.95 28.78 24.57
N SER B 65 -24.88 27.89 24.90
CA SER B 65 -24.76 27.03 26.08
C SER B 65 -24.12 25.70 25.71
N ALA B 66 -23.39 25.13 26.65
CA ALA B 66 -22.67 23.88 26.43
C ALA B 66 -23.06 22.86 27.49
N TRP B 67 -22.99 21.59 27.11
CA TRP B 67 -23.37 20.48 27.98
C TRP B 67 -22.33 19.38 27.87
N GLU B 68 -22.23 18.59 28.94
CA GLU B 68 -21.53 17.32 28.89
C GLU B 68 -22.54 16.23 28.55
N LEU B 69 -22.14 15.30 27.69
CA LEU B 69 -23.09 14.32 27.17
C LEU B 69 -23.71 13.45 28.26
N GLN B 70 -23.04 13.30 29.40
CA GLN B 70 -23.55 12.48 30.49
C GLN B 70 -24.03 13.31 31.68
N ARG B 71 -24.12 14.63 31.53
CA ARG B 71 -24.61 15.50 32.60
C ARG B 71 -25.78 16.32 32.07
N LYS B 72 -26.87 16.35 32.82
CA LYS B 72 -28.08 17.06 32.41
C LYS B 72 -28.02 18.56 32.67
N ASP B 73 -27.00 19.04 33.37
CA ASP B 73 -26.87 20.44 33.71
C ASP B 73 -25.77 21.08 32.87
N GLN B 74 -26.07 22.26 32.32
CA GLN B 74 -25.13 22.91 31.41
C GLN B 74 -23.90 23.41 32.17
N LEU B 75 -22.77 23.41 31.47
CA LEU B 75 -21.54 23.95 32.04
C LEU B 75 -21.68 25.46 32.26
N GLN B 76 -20.93 25.95 33.25
CA GLN B 76 -20.97 27.38 33.55
C GLN B 76 -20.41 28.23 32.41
N GLN B 77 -19.59 27.64 31.55
CA GLN B 77 -19.03 28.36 30.42
C GLN B 77 -20.08 28.58 29.34
N LYS B 78 -20.19 29.82 28.86
CA LYS B 78 -21.06 30.18 27.75
C LYS B 78 -20.24 30.89 26.69
N ILE B 79 -20.48 30.57 25.43
CA ILE B 79 -19.80 31.21 24.31
C ILE B 79 -20.55 32.50 23.98
N MET B 80 -20.12 33.61 24.56
CA MET B 80 -20.80 34.88 24.37
C MET B 80 -20.42 35.50 23.02
N CYS B 81 -21.40 36.15 22.39
CA CYS B 81 -21.24 36.74 21.08
C CYS B 81 -21.70 38.19 21.11
N PRO B 82 -21.15 39.05 20.23
CA PRO B 82 -21.52 40.46 20.24
C PRO B 82 -22.93 40.75 19.73
N GLY B 83 -23.63 39.75 19.23
CA GLY B 83 -24.99 39.92 18.75
C GLY B 83 -25.77 38.64 18.85
N PRO B 84 -27.04 38.67 18.46
CA PRO B 84 -27.86 37.46 18.52
C PRO B 84 -27.29 36.35 17.63
N VAL B 85 -27.20 35.15 18.19
CA VAL B 85 -26.69 34.00 17.45
C VAL B 85 -27.82 33.42 16.61
N THR B 86 -27.57 33.30 15.31
CA THR B 86 -28.58 32.83 14.37
C THR B 86 -28.42 31.37 13.99
N CYS B 87 -27.20 30.85 13.99
CA CYS B 87 -26.95 29.46 13.68
C CYS B 87 -25.66 29.03 14.36
N LEU B 88 -25.49 27.71 14.50
CA LEU B 88 -24.31 27.16 15.16
C LEU B 88 -24.01 25.80 14.58
N THR B 89 -22.78 25.63 14.10
CA THR B 89 -22.31 24.35 13.59
C THR B 89 -20.93 24.07 14.16
N ALA B 90 -20.59 22.78 14.20
CA ALA B 90 -19.29 22.33 14.68
C ALA B 90 -18.60 21.52 13.60
N SER B 91 -17.28 21.60 13.58
CA SER B 91 -16.50 20.87 12.58
C SER B 91 -16.65 19.37 12.80
N PRO B 92 -16.78 18.58 11.73
CA PRO B 92 -16.87 17.13 11.90
C PRO B 92 -15.66 16.52 12.59
N ASN B 93 -14.48 17.11 12.42
CA ASN B 93 -13.29 16.64 13.12
C ASN B 93 -13.16 17.23 14.52
N GLY B 94 -14.10 18.08 14.93
CA GLY B 94 -14.09 18.62 16.28
C GLY B 94 -13.02 19.66 16.54
N LEU B 95 -12.47 20.28 15.50
CA LEU B 95 -11.42 21.26 15.65
C LEU B 95 -11.92 22.70 15.68
N TYR B 96 -13.10 22.97 15.16
CA TYR B 96 -13.57 24.34 14.98
C TYR B 96 -15.05 24.42 15.29
N VAL B 97 -15.48 25.61 15.71
CA VAL B 97 -16.88 25.91 15.98
C VAL B 97 -17.25 27.17 15.20
N LEU B 98 -18.34 27.10 14.43
CA LEU B 98 -18.86 28.24 13.69
C LEU B 98 -20.17 28.70 14.29
N ALA B 99 -20.33 30.02 14.37
CA ALA B 99 -21.59 30.61 14.81
C ALA B 99 -21.96 31.75 13.87
N GLY B 100 -23.24 31.84 13.54
CA GLY B 100 -23.75 32.95 12.76
C GLY B 100 -24.24 34.07 13.65
N VAL B 101 -23.47 35.14 13.74
CA VAL B 101 -23.81 36.28 14.58
C VAL B 101 -24.22 37.41 13.65
N ALA B 102 -25.53 37.65 13.56
CA ALA B 102 -26.13 38.63 12.64
C ALA B 102 -25.70 38.25 11.23
N GLU B 103 -24.99 39.10 10.48
CA GLU B 103 -24.56 38.79 9.13
C GLU B 103 -23.11 38.34 9.07
N SER B 104 -22.49 38.08 10.21
CA SER B 104 -21.09 37.65 10.27
C SER B 104 -20.98 36.25 10.83
N ILE B 105 -19.89 35.57 10.50
CA ILE B 105 -19.60 34.22 10.95
C ILE B 105 -18.39 34.26 11.86
N HIS B 106 -18.53 33.73 13.06
CA HIS B 106 -17.44 33.64 14.02
C HIS B 106 -16.84 32.25 14.00
N LEU B 107 -15.52 32.17 13.93
CA LEU B 107 -14.81 30.89 13.90
C LEU B 107 -13.93 30.79 15.14
N TRP B 108 -14.06 29.68 15.86
CA TRP B 108 -13.29 29.43 17.08
C TRP B 108 -12.43 28.19 16.91
N GLU B 109 -11.26 28.22 17.55
CA GLU B 109 -10.40 27.05 17.63
C GLU B 109 -10.70 26.32 18.93
N VAL B 110 -11.20 25.08 18.82
CA VAL B 110 -11.50 24.30 20.01
C VAL B 110 -10.23 23.92 20.76
N SER B 111 -9.08 23.89 20.08
CA SER B 111 -7.82 23.60 20.75
C SER B 111 -7.46 24.70 21.74
N THR B 112 -7.64 25.96 21.36
CA THR B 112 -7.19 27.09 22.17
C THR B 112 -8.30 28.00 22.63
N GLY B 113 -9.46 28.00 21.98
CA GLY B 113 -10.54 28.90 22.33
C GLY B 113 -10.48 30.27 21.69
N ASN B 114 -9.50 30.52 20.82
CA ASN B 114 -9.34 31.83 20.21
C ASN B 114 -10.35 32.04 19.10
N LEU B 115 -10.90 33.25 19.03
CA LEU B 115 -11.74 33.66 17.92
C LEU B 115 -10.83 33.95 16.74
N LEU B 116 -10.69 32.96 15.85
CA LEU B 116 -9.71 33.08 14.76
C LEU B 116 -10.14 34.12 13.74
N VAL B 117 -11.38 34.04 13.26
CA VAL B 117 -11.86 34.89 12.18
C VAL B 117 -13.25 35.42 12.50
N ILE B 118 -13.62 36.50 11.81
CA ILE B 118 -15.00 36.98 11.73
C ILE B 118 -15.25 37.27 10.26
N LEU B 119 -16.07 36.44 9.61
CA LEU B 119 -16.33 36.54 8.19
C LEU B 119 -17.58 37.39 7.96
N SER B 120 -17.40 38.57 7.36
CA SER B 120 -18.49 39.50 7.08
C SER B 120 -18.58 39.68 5.56
N ARG B 121 -19.35 38.82 4.90
CA ARG B 121 -19.55 38.91 3.46
C ARG B 121 -21.04 38.96 3.15
N HIS B 122 -21.85 38.26 3.95
CA HIS B 122 -23.29 38.38 3.85
C HIS B 122 -23.71 39.79 4.25
N TYR B 123 -24.61 40.38 3.46
CA TYR B 123 -25.16 41.69 3.83
C TYR B 123 -26.48 41.60 4.57
N GLN B 124 -26.96 40.39 4.86
CA GLN B 124 -28.08 40.16 5.76
C GLN B 124 -27.77 38.94 6.61
N ASP B 125 -28.68 38.65 7.54
CA ASP B 125 -28.42 37.65 8.57
C ASP B 125 -28.13 36.29 7.98
N VAL B 126 -27.10 35.64 8.51
CA VAL B 126 -26.78 34.26 8.14
C VAL B 126 -27.81 33.33 8.76
N SER B 127 -28.39 32.45 7.95
CA SER B 127 -29.45 31.57 8.41
C SER B 127 -28.98 30.16 8.69
N CYS B 128 -28.06 29.63 7.88
CA CYS B 128 -27.61 28.26 8.03
C CYS B 128 -26.11 28.16 7.77
N LEU B 129 -25.47 27.21 8.45
CA LEU B 129 -24.04 26.96 8.33
C LEU B 129 -23.82 25.46 8.38
N GLN B 130 -22.95 24.97 7.49
CA GLN B 130 -22.70 23.54 7.41
C GLN B 130 -21.31 23.28 6.87
N PHE B 131 -20.64 22.27 7.43
CA PHE B 131 -19.33 21.82 6.99
C PHE B 131 -19.47 20.66 6.02
N THR B 132 -18.41 20.43 5.25
CA THR B 132 -18.34 19.21 4.45
C THR B 132 -17.87 18.04 5.32
N GLY B 133 -17.98 16.83 4.77
CA GLY B 133 -17.65 15.65 5.54
C GLY B 133 -16.20 15.61 5.99
N ASP B 134 -15.28 16.00 5.13
CA ASP B 134 -13.87 16.01 5.45
C ASP B 134 -13.44 17.28 6.18
N SER B 135 -14.37 18.21 6.42
CA SER B 135 -14.13 19.41 7.22
C SER B 135 -13.14 20.36 6.55
N SER B 136 -13.06 20.34 5.21
CA SER B 136 -12.20 21.24 4.48
C SER B 136 -12.93 22.47 3.93
N HIS B 137 -14.24 22.38 3.78
CA HIS B 137 -15.06 23.49 3.32
C HIS B 137 -16.27 23.63 4.23
N PHE B 138 -16.77 24.84 4.37
CA PHE B 138 -18.07 25.07 5.00
C PHE B 138 -18.88 26.05 4.16
N ILE B 139 -20.18 25.81 4.11
CA ILE B 139 -21.09 26.56 3.26
C ILE B 139 -22.06 27.32 4.16
N SER B 140 -22.25 28.60 3.87
CA SER B 140 -23.15 29.46 4.64
C SER B 140 -24.23 30.02 3.74
N GLY B 141 -25.47 30.00 4.24
CA GLY B 141 -26.57 30.66 3.58
C GLY B 141 -27.15 31.72 4.49
N GLY B 142 -27.78 32.72 3.88
CA GLY B 142 -28.27 33.85 4.63
C GLY B 142 -29.60 34.36 4.10
N LYS B 143 -30.17 35.31 4.83
CA LYS B 143 -31.40 35.97 4.41
C LYS B 143 -31.19 36.88 3.22
N ASP B 144 -29.95 37.14 2.83
CA ASP B 144 -29.61 37.90 1.65
C ASP B 144 -29.63 37.06 0.38
N CYS B 145 -30.23 35.87 0.43
CA CYS B 145 -30.39 34.97 -0.71
C CYS B 145 -29.06 34.51 -1.29
N LEU B 146 -28.00 34.53 -0.49
CA LEU B 146 -26.66 34.15 -0.94
C LEU B 146 -26.24 32.84 -0.28
N VAL B 147 -25.59 31.99 -1.06
CA VAL B 147 -24.97 30.76 -0.57
C VAL B 147 -23.48 30.88 -0.86
N LEU B 148 -22.67 30.87 0.20
CA LEU B 148 -21.24 31.11 0.10
C LEU B 148 -20.47 29.84 0.46
N VAL B 149 -19.50 29.50 -0.37
CA VAL B 149 -18.61 28.36 -0.13
C VAL B 149 -17.28 28.89 0.36
N TRP B 150 -16.87 28.46 1.55
CA TRP B 150 -15.64 28.92 2.17
C TRP B 150 -14.65 27.76 2.27
N SER B 151 -13.41 28.01 1.88
CA SER B 151 -12.33 27.06 2.09
C SER B 151 -11.73 27.31 3.47
N LEU B 152 -11.68 26.26 4.29
CA LEU B 152 -11.08 26.39 5.62
C LEU B 152 -9.61 26.76 5.52
N CYS B 153 -8.90 26.20 4.54
CA CYS B 153 -7.50 26.54 4.33
C CYS B 153 -7.32 28.04 4.08
N SER B 154 -8.11 28.59 3.15
CA SER B 154 -7.98 30.01 2.83
C SER B 154 -8.40 30.89 4.00
N VAL B 155 -9.46 30.52 4.71
CA VAL B 155 -9.94 31.33 5.81
C VAL B 155 -8.94 31.35 6.96
N LEU B 156 -8.33 30.19 7.26
CA LEU B 156 -7.41 30.11 8.38
C LEU B 156 -6.06 30.75 8.05
N GLN B 157 -5.68 30.78 6.78
CA GLN B 157 -4.37 31.26 6.37
C GLN B 157 -4.41 32.71 5.88
N ALA B 158 -5.54 33.38 6.00
CA ALA B 158 -5.64 34.77 5.58
C ALA B 158 -5.33 35.72 6.74
N ILE B 163 -9.18 40.85 3.43
CA ILE B 163 -10.17 40.00 4.07
C ILE B 163 -10.37 38.73 3.25
N PRO B 164 -10.68 37.62 3.91
CA PRO B 164 -10.96 36.38 3.18
C PRO B 164 -12.22 36.52 2.33
N ALA B 165 -12.22 35.83 1.19
CA ALA B 165 -13.35 35.83 0.29
C ALA B 165 -13.82 34.40 0.07
N PRO B 166 -15.14 34.19 -0.12
CA PRO B 166 -15.63 32.84 -0.35
C PRO B 166 -15.11 32.26 -1.66
N ARG B 167 -14.94 30.94 -1.67
CA ARG B 167 -14.50 30.27 -2.89
C ARG B 167 -15.55 30.41 -3.99
N HIS B 168 -16.83 30.27 -3.64
CA HIS B 168 -17.92 30.43 -4.57
C HIS B 168 -18.95 31.38 -3.99
N VAL B 169 -19.66 32.07 -4.86
CA VAL B 169 -20.78 32.93 -4.49
C VAL B 169 -21.97 32.49 -5.33
N TRP B 170 -22.90 31.77 -4.72
CA TRP B 170 -24.06 31.22 -5.41
C TRP B 170 -25.26 32.13 -5.15
N SER B 171 -25.73 32.80 -6.20
CA SER B 171 -26.81 33.78 -6.10
C SER B 171 -27.97 33.43 -7.00
N HIS B 172 -28.17 32.14 -7.29
CA HIS B 172 -29.27 31.75 -8.16
C HIS B 172 -30.62 31.82 -7.44
N HIS B 173 -30.62 31.63 -6.12
CA HIS B 173 -31.86 31.75 -5.36
C HIS B 173 -32.31 33.20 -5.30
N ALA B 174 -33.63 33.39 -5.28
CA ALA B 174 -34.22 34.72 -5.28
C ALA B 174 -34.85 35.11 -3.95
N LEU B 175 -34.87 34.20 -2.97
CA LEU B 175 -35.47 34.43 -1.67
C LEU B 175 -34.55 33.84 -0.61
N PRO B 176 -34.69 34.25 0.65
CA PRO B 176 -33.73 33.83 1.67
C PRO B 176 -33.59 32.33 1.80
N ILE B 177 -32.36 31.89 2.07
CA ILE B 177 -32.04 30.46 2.16
C ILE B 177 -32.60 29.90 3.46
N THR B 178 -33.21 28.71 3.37
CA THR B 178 -33.79 28.06 4.53
C THR B 178 -32.99 26.90 5.06
N ASP B 179 -32.27 26.17 4.19
CA ASP B 179 -31.49 25.02 4.64
C ASP B 179 -30.35 24.76 3.67
N LEU B 180 -29.36 24.02 4.16
CA LEU B 180 -28.26 23.52 3.35
C LEU B 180 -28.01 22.06 3.73
N HIS B 181 -27.38 21.34 2.81
CA HIS B 181 -26.94 19.98 3.09
C HIS B 181 -25.74 19.66 2.22
N CYS B 182 -24.67 19.17 2.85
CA CYS B 182 -23.44 18.84 2.16
C CYS B 182 -23.21 17.33 2.18
N GLY B 183 -22.67 16.81 1.08
CA GLY B 183 -22.34 15.40 1.00
C GLY B 183 -20.96 15.08 1.53
N PHE B 184 -20.58 13.82 1.38
CA PHE B 184 -19.27 13.37 1.84
C PHE B 184 -18.16 13.92 0.93
N GLY B 185 -16.98 14.09 1.52
CA GLY B 185 -15.88 14.75 0.84
C GLY B 185 -16.02 16.25 0.91
N GLY B 186 -14.95 16.94 0.48
CA GLY B 186 -15.01 18.38 0.38
C GLY B 186 -14.79 18.97 -0.99
N PRO B 187 -13.83 18.44 -1.76
CA PRO B 187 -13.69 18.90 -3.15
C PRO B 187 -14.73 18.31 -4.07
N LEU B 188 -14.98 17.01 -3.93
CA LEU B 188 -15.92 16.29 -4.78
C LEU B 188 -17.31 16.22 -4.18
N ALA B 189 -17.58 17.00 -3.14
CA ALA B 189 -18.87 16.99 -2.48
C ALA B 189 -19.91 17.75 -3.31
N ARG B 190 -21.17 17.51 -2.98
CA ARG B 190 -22.30 18.21 -3.58
C ARG B 190 -23.14 18.79 -2.48
N VAL B 191 -23.66 20.00 -2.70
CA VAL B 191 -24.40 20.75 -1.70
C VAL B 191 -25.82 20.98 -2.20
N ALA B 192 -26.80 20.65 -1.37
CA ALA B 192 -28.20 20.90 -1.65
C ALA B 192 -28.66 22.11 -0.84
N THR B 193 -29.27 23.08 -1.51
CA THR B 193 -29.73 24.30 -0.88
C THR B 193 -31.23 24.48 -1.14
N SER B 194 -31.94 24.98 -0.15
CA SER B 194 -33.36 25.27 -0.24
C SER B 194 -33.61 26.72 0.12
N SER B 195 -34.74 27.25 -0.34
CA SER B 195 -35.01 28.68 -0.18
C SER B 195 -36.51 28.91 -0.19
N LEU B 196 -36.90 30.12 0.25
CA LEU B 196 -38.29 30.53 0.26
C LEU B 196 -38.86 30.73 -1.14
N ASP B 197 -38.01 30.74 -2.17
CA ASP B 197 -38.46 30.89 -3.54
C ASP B 197 -39.00 29.59 -4.13
N GLN B 198 -39.30 28.61 -3.28
CA GLN B 198 -39.94 27.34 -3.65
C GLN B 198 -39.05 26.46 -4.52
N THR B 199 -37.73 26.54 -4.34
CA THR B 199 -36.80 25.80 -5.16
C THR B 199 -35.74 25.15 -4.31
N VAL B 200 -35.33 23.94 -4.71
CA VAL B 200 -34.19 23.24 -4.12
C VAL B 200 -33.15 23.03 -5.22
N LYS B 201 -31.91 23.43 -4.94
CA LYS B 201 -30.85 23.38 -5.93
C LYS B 201 -29.72 22.48 -5.45
N LEU B 202 -29.06 21.83 -6.41
CA LEU B 202 -27.90 20.98 -6.15
C LEU B 202 -26.69 21.54 -6.87
N TRP B 203 -25.58 21.66 -6.15
CA TRP B 203 -24.38 22.30 -6.67
C TRP B 203 -23.18 21.38 -6.54
N GLU B 204 -22.08 21.78 -7.18
CA GLU B 204 -20.80 21.12 -7.08
C GLU B 204 -19.81 22.05 -6.39
N VAL B 205 -19.12 21.54 -5.37
CA VAL B 205 -18.22 22.39 -4.59
C VAL B 205 -17.00 22.78 -5.42
N SER B 206 -16.46 21.84 -6.21
CA SER B 206 -15.24 22.10 -6.95
C SER B 206 -15.47 23.10 -8.08
N SER B 207 -16.34 22.75 -9.03
CA SER B 207 -16.58 23.63 -10.18
C SER B 207 -17.43 24.84 -9.82
N GLY B 208 -18.27 24.72 -8.79
CA GLY B 208 -19.21 25.78 -8.51
C GLY B 208 -20.39 25.84 -9.46
N GLU B 209 -20.70 24.74 -10.13
CA GLU B 209 -21.75 24.70 -11.13
C GLU B 209 -23.06 24.24 -10.50
N LEU B 210 -24.17 24.78 -11.04
CA LEU B 210 -25.49 24.33 -10.65
C LEU B 210 -25.85 23.07 -11.43
N LEU B 211 -26.03 21.96 -10.71
CA LEU B 211 -26.32 20.69 -11.36
C LEU B 211 -27.82 20.44 -11.52
N LEU B 212 -28.62 20.81 -10.53
CA LEU B 212 -30.04 20.51 -10.55
C LEU B 212 -30.80 21.62 -9.85
N SER B 213 -32.04 21.85 -10.29
CA SER B 213 -32.93 22.83 -9.66
C SER B 213 -34.35 22.33 -9.83
N VAL B 214 -35.00 22.01 -8.71
CA VAL B 214 -36.38 21.50 -8.70
C VAL B 214 -37.29 22.59 -8.16
N LEU B 215 -38.38 22.85 -8.85
CA LEU B 215 -39.34 23.90 -8.50
C LEU B 215 -40.59 23.26 -7.90
N PHE B 216 -41.04 23.81 -6.78
CA PHE B 216 -42.21 23.30 -6.07
C PHE B 216 -43.30 24.37 -6.05
N ASP B 217 -44.45 24.02 -5.47
CA ASP B 217 -45.57 24.94 -5.35
C ASP B 217 -45.66 25.56 -3.96
N VAL B 218 -44.78 25.20 -3.04
CA VAL B 218 -44.72 25.78 -1.71
C VAL B 218 -43.27 26.11 -1.37
N SER B 219 -43.10 27.00 -0.41
CA SER B 219 -41.77 27.32 0.08
C SER B 219 -41.15 26.10 0.76
N ILE B 220 -39.85 25.91 0.55
CA ILE B 220 -39.13 24.77 1.10
C ILE B 220 -38.40 25.22 2.34
N MET B 221 -38.72 24.60 3.48
CA MET B 221 -38.13 24.97 4.77
C MET B 221 -37.00 24.05 5.20
N ALA B 222 -36.90 22.86 4.62
CA ALA B 222 -35.87 21.91 5.00
C ALA B 222 -35.44 21.12 3.77
N VAL B 223 -34.21 20.61 3.82
CA VAL B 223 -33.68 19.78 2.75
C VAL B 223 -32.65 18.84 3.35
N THR B 224 -32.59 17.64 2.82
CA THR B 224 -31.60 16.65 3.23
C THR B 224 -31.40 15.65 2.09
N MET B 225 -30.33 14.89 2.19
CA MET B 225 -30.02 13.85 1.22
C MET B 225 -29.48 12.64 1.97
N ASP B 226 -29.72 11.47 1.37
CA ASP B 226 -29.08 10.27 1.89
C ASP B 226 -27.60 10.26 1.49
N LEU B 227 -26.82 9.43 2.18
CA LEU B 227 -25.38 9.42 1.97
C LEU B 227 -25.04 9.02 0.55
N ALA B 228 -25.76 8.06 -0.01
CA ALA B 228 -25.54 7.64 -1.38
C ALA B 228 -26.08 8.64 -2.40
N GLU B 229 -26.81 9.68 -1.95
CA GLU B 229 -27.33 10.73 -2.81
C GLU B 229 -28.27 10.18 -3.88
N HIS B 230 -29.11 9.21 -3.48
CA HIS B 230 -30.14 8.72 -4.38
C HIS B 230 -31.40 9.57 -4.34
N HIS B 231 -31.72 10.13 -3.18
CA HIS B 231 -32.97 10.86 -3.00
C HIS B 231 -32.71 12.22 -2.37
N MET B 232 -33.59 13.16 -2.67
CA MET B 232 -33.65 14.46 -2.02
C MET B 232 -34.98 14.55 -1.26
N PHE B 233 -34.91 14.95 0.00
CA PHE B 233 -36.10 15.12 0.83
C PHE B 233 -36.25 16.59 1.14
N CYS B 234 -37.37 17.18 0.74
CA CYS B 234 -37.61 18.61 0.86
C CYS B 234 -38.87 18.84 1.69
N GLY B 235 -38.73 19.56 2.80
CA GLY B 235 -39.85 19.85 3.66
C GLY B 235 -40.54 21.13 3.26
N GLY B 236 -41.86 21.04 3.06
CA GLY B 236 -42.63 22.20 2.64
C GLY B 236 -43.15 23.01 3.80
N SER B 237 -43.67 24.20 3.45
CA SER B 237 -44.21 25.11 4.46
C SER B 237 -45.61 24.72 4.93
N GLU B 238 -46.26 23.77 4.26
CA GLU B 238 -47.61 23.35 4.62
C GLU B 238 -47.63 22.00 5.33
N GLY B 239 -46.49 21.32 5.44
CA GLY B 239 -46.42 20.05 6.13
C GLY B 239 -46.11 18.85 5.27
N SER B 240 -45.73 19.03 4.01
CA SER B 240 -45.45 17.94 3.11
C SER B 240 -43.95 17.80 2.90
N ILE B 241 -43.48 16.55 2.86
CA ILE B 241 -42.09 16.24 2.54
C ILE B 241 -42.09 15.59 1.16
N PHE B 242 -41.30 16.16 0.25
CA PHE B 242 -41.24 15.70 -1.13
C PHE B 242 -39.95 14.91 -1.35
N GLN B 243 -40.07 13.78 -2.04
CA GLN B 243 -38.92 12.96 -2.39
C GLN B 243 -38.56 13.20 -3.84
N VAL B 244 -37.31 13.59 -4.08
CA VAL B 244 -36.79 13.83 -5.43
C VAL B 244 -35.70 12.81 -5.69
N ASP B 245 -35.88 12.01 -6.74
CA ASP B 245 -34.95 10.95 -7.08
C ASP B 245 -33.82 11.51 -7.93
N LEU B 246 -32.63 11.63 -7.34
CA LEU B 246 -31.47 12.09 -8.09
C LEU B 246 -30.92 11.01 -9.01
N PHE B 247 -30.99 9.75 -8.60
CA PHE B 247 -30.47 8.63 -9.37
C PHE B 247 -31.40 8.19 -10.49
N THR B 248 -32.45 8.95 -10.78
CA THR B 248 -33.34 8.69 -11.90
C THR B 248 -34.24 9.90 -12.16
N GLN B 252 -32.96 16.31 -15.72
CA GLN B 252 -32.44 17.48 -16.41
C GLN B 252 -31.77 18.44 -15.43
N ARG B 253 -31.49 19.66 -15.90
CA ARG B 253 -30.96 20.70 -15.04
C ARG B 253 -32.05 21.53 -14.38
N GLU B 254 -33.32 21.32 -14.75
CA GLU B 254 -34.42 22.11 -14.19
C GLU B 254 -35.70 21.26 -14.30
N ARG B 255 -36.13 20.68 -13.19
CA ARG B 255 -37.37 19.93 -13.12
C ARG B 255 -38.43 20.75 -12.40
N SER B 256 -39.59 20.13 -12.20
CA SER B 256 -40.68 20.74 -11.46
C SER B 256 -41.54 19.64 -10.87
N PHE B 257 -41.73 19.68 -9.54
CA PHE B 257 -42.52 18.66 -8.86
C PHE B 257 -43.99 18.81 -9.19
N ALA B 263 -47.37 12.38 -6.26
CA ALA B 263 -48.43 11.53 -5.77
C ALA B 263 -47.90 10.51 -4.77
N GLY B 264 -47.10 9.57 -5.27
CA GLY B 264 -46.49 8.55 -4.44
C GLY B 264 -45.13 8.90 -3.88
N LYS B 265 -44.69 10.15 -4.05
CA LYS B 265 -43.39 10.60 -3.55
C LYS B 265 -43.55 11.72 -2.54
N VAL B 266 -44.65 11.72 -1.78
CA VAL B 266 -44.94 12.73 -0.79
C VAL B 266 -45.19 12.04 0.55
N PHE B 267 -44.58 12.57 1.61
CA PHE B 267 -44.85 12.11 2.97
C PHE B 267 -45.91 13.01 3.59
N LYS B 268 -47.05 12.43 3.95
CA LYS B 268 -48.19 13.18 4.45
C LYS B 268 -48.46 12.86 5.91
N GLY B 269 -48.91 13.88 6.66
CA GLY B 269 -49.21 13.70 8.06
C GLY B 269 -48.86 14.90 8.94
N HIS B 270 -47.91 15.71 8.51
CA HIS B 270 -47.58 16.94 9.24
C HIS B 270 -48.59 18.02 8.91
N ARG B 271 -49.00 18.77 9.93
CA ARG B 271 -50.00 19.83 9.77
C ARG B 271 -49.39 21.22 9.75
N ASN B 272 -48.06 21.33 9.77
CA ASN B 272 -47.39 22.62 9.75
C ASN B 272 -46.02 22.44 9.12
N GLN B 273 -45.34 23.57 8.91
CA GLN B 273 -44.11 23.59 8.13
C GLN B 273 -43.07 22.64 8.71
N VAL B 274 -42.46 21.84 7.84
CA VAL B 274 -41.39 20.92 8.23
C VAL B 274 -40.06 21.62 8.03
N THR B 275 -39.34 21.85 9.13
CA THR B 275 -38.10 22.61 9.10
C THR B 275 -36.87 21.76 9.37
N CYS B 276 -37.03 20.54 9.86
CA CYS B 276 -35.91 19.65 10.14
C CYS B 276 -36.12 18.34 9.40
N LEU B 277 -35.05 17.85 8.77
CA LEU B 277 -35.10 16.62 7.98
C LEU B 277 -33.78 15.88 8.13
N SER B 278 -33.86 14.59 8.45
CA SER B 278 -32.68 13.75 8.61
C SER B 278 -32.98 12.36 8.08
N VAL B 279 -31.94 11.68 7.60
CA VAL B 279 -32.06 10.33 7.07
C VAL B 279 -31.13 9.43 7.87
N SER B 280 -31.54 8.18 8.03
CA SER B 280 -30.74 7.20 8.77
C SER B 280 -29.52 6.80 7.93
N THR B 281 -28.62 6.03 8.56
CA THR B 281 -27.37 5.66 7.92
C THR B 281 -27.61 4.84 6.65
N ASP B 282 -28.52 3.86 6.72
CA ASP B 282 -28.83 3.05 5.56
C ASP B 282 -29.78 3.73 4.59
N GLY B 283 -30.38 4.85 4.98
CA GLY B 283 -31.28 5.57 4.10
C GLY B 283 -32.70 5.05 4.07
N SER B 284 -33.09 4.19 5.01
CA SER B 284 -34.41 3.59 5.02
C SER B 284 -35.40 4.29 5.94
N VAL B 285 -34.93 5.15 6.83
CA VAL B 285 -35.79 5.86 7.78
C VAL B 285 -35.53 7.35 7.64
N LEU B 286 -36.60 8.14 7.65
CA LEU B 286 -36.53 9.59 7.54
C LEU B 286 -37.13 10.21 8.79
N LEU B 287 -36.38 11.13 9.40
CA LEU B 287 -36.86 11.90 10.55
C LEU B 287 -37.26 13.29 10.10
N SER B 288 -38.39 13.77 10.61
CA SER B 288 -38.90 15.09 10.28
C SER B 288 -39.37 15.78 11.55
N GLY B 289 -38.95 17.03 11.73
CA GLY B 289 -39.46 17.88 12.79
C GLY B 289 -40.24 19.02 12.17
N SER B 290 -41.36 19.38 12.80
CA SER B 290 -42.29 20.35 12.23
C SER B 290 -42.77 21.30 13.30
N HIS B 291 -43.54 22.30 12.87
CA HIS B 291 -44.04 23.36 13.75
C HIS B 291 -45.32 22.98 14.47
N ASP B 292 -45.89 21.82 14.20
CA ASP B 292 -47.02 21.32 14.99
C ASP B 292 -46.57 20.62 16.25
N GLU B 293 -45.36 20.88 16.71
CA GLU B 293 -44.83 20.34 17.97
C GLU B 293 -44.80 18.82 17.93
N THR B 294 -44.26 18.27 16.85
CA THR B 294 -44.31 16.82 16.63
C THR B 294 -43.13 16.40 15.76
N VAL B 295 -42.49 15.31 16.16
CA VAL B 295 -41.41 14.69 15.41
C VAL B 295 -41.90 13.33 14.93
N ARG B 296 -41.76 13.07 13.63
CA ARG B 296 -42.28 11.86 13.01
C ARG B 296 -41.16 11.04 12.40
N LEU B 297 -41.36 9.72 12.41
CA LEU B 297 -40.47 8.76 11.74
C LEU B 297 -41.19 8.17 10.55
N TRP B 298 -40.51 8.08 9.42
CA TRP B 298 -41.10 7.59 8.18
C TRP B 298 -40.28 6.46 7.62
N ASP B 299 -40.96 5.58 6.88
CA ASP B 299 -40.30 4.55 6.08
C ASP B 299 -40.14 5.08 4.67
N VAL B 300 -38.89 5.18 4.20
CA VAL B 300 -38.61 5.82 2.92
C VAL B 300 -39.26 5.05 1.78
N GLN B 301 -39.26 3.72 1.86
CA GLN B 301 -39.80 2.91 0.77
C GLN B 301 -41.32 3.03 0.69
N SER B 302 -42.00 2.90 1.82
CA SER B 302 -43.47 2.92 1.83
C SER B 302 -44.07 4.28 2.12
N LYS B 303 -43.26 5.24 2.58
CA LYS B 303 -43.73 6.59 2.91
C LYS B 303 -44.85 6.56 3.94
N GLN B 304 -44.72 5.68 4.92
CA GLN B 304 -45.67 5.54 6.01
C GLN B 304 -45.01 5.95 7.32
N CYS B 305 -45.79 6.53 8.21
CA CYS B 305 -45.28 7.05 9.47
C CYS B 305 -45.06 5.91 10.45
N ILE B 306 -43.79 5.59 10.74
CA ILE B 306 -43.48 4.54 11.69
C ILE B 306 -43.82 4.99 13.11
N ARG B 307 -43.44 6.21 13.48
CA ARG B 307 -43.60 6.68 14.85
C ARG B 307 -43.91 8.17 14.83
N THR B 308 -44.60 8.62 15.87
CA THR B 308 -44.92 10.03 16.06
C THR B 308 -44.66 10.40 17.51
N VAL B 309 -43.78 11.37 17.73
CA VAL B 309 -43.39 11.81 19.06
C VAL B 309 -43.87 13.24 19.25
N ALA B 310 -44.65 13.47 20.30
CA ALA B 310 -45.19 14.80 20.59
C ALA B 310 -44.20 15.58 21.43
N LEU B 311 -43.98 16.84 21.05
CA LEU B 311 -43.09 17.75 21.76
C LEU B 311 -43.89 18.91 22.34
N LYS B 312 -43.29 19.61 23.29
CA LYS B 312 -43.98 20.68 24.00
C LYS B 312 -43.98 21.99 23.24
N GLY B 313 -43.27 22.07 22.12
CA GLY B 313 -43.23 23.27 21.32
C GLY B 313 -42.77 22.97 19.91
N PRO B 314 -42.80 23.97 19.03
CA PRO B 314 -42.32 23.75 17.66
C PRO B 314 -40.90 23.23 17.65
N VAL B 315 -40.65 22.25 16.78
CA VAL B 315 -39.35 21.61 16.74
C VAL B 315 -38.34 22.53 16.09
N THR B 316 -37.24 22.81 16.80
CA THR B 316 -36.17 23.65 16.30
C THR B 316 -35.01 22.85 15.72
N ASN B 317 -34.63 21.76 16.36
CA ASN B 317 -33.58 20.88 15.88
C ASN B 317 -34.03 19.43 16.03
N ALA B 318 -33.71 18.61 15.03
CA ALA B 318 -34.05 17.20 15.05
C ALA B 318 -33.18 16.49 14.03
N ALA B 319 -32.32 15.57 14.50
CA ALA B 319 -31.39 14.90 13.61
C ALA B 319 -31.23 13.43 14.02
N ILE B 320 -30.89 12.60 13.04
CA ILE B 320 -30.51 11.21 13.27
C ILE B 320 -29.00 11.11 13.18
N LEU B 321 -28.38 10.55 14.20
CA LEU B 321 -26.94 10.34 14.19
C LEU B 321 -26.60 9.00 14.84
N LEU B 322 -25.47 8.44 14.43
CA LEU B 322 -24.93 7.24 15.06
C LEU B 322 -24.45 7.59 16.46
N ALA B 323 -25.01 6.95 17.47
CA ALA B 323 -24.71 7.30 18.85
C ALA B 323 -23.26 6.97 19.17
N PRO B 324 -22.45 7.94 19.60
CA PRO B 324 -21.06 7.64 19.95
C PRO B 324 -20.99 6.87 21.27
N VAL B 325 -19.77 6.39 21.55
CA VAL B 325 -19.52 5.68 22.80
C VAL B 325 -19.76 6.58 24.00
N SER B 326 -19.71 7.89 23.82
CA SER B 326 -19.95 8.82 24.91
C SER B 326 -21.37 8.68 25.45
N MET B 327 -22.36 8.53 24.57
CA MET B 327 -23.74 8.36 25.00
C MET B 327 -23.99 6.98 25.60
N LEU B 328 -23.24 5.98 25.18
CA LEU B 328 -23.47 4.60 25.60
C LEU B 328 -22.84 4.26 26.95
N SER B 329 -21.92 5.09 27.44
CA SER B 329 -21.24 4.86 28.71
C SER B 329 -21.65 5.94 29.70
N SER B 330 -22.17 5.52 30.85
CA SER B 330 -22.63 6.48 31.85
C SER B 330 -21.48 7.09 32.65
N ASP B 331 -20.29 6.51 32.58
CA ASP B 331 -19.11 7.03 33.27
C ASP B 331 -18.21 7.84 32.35
N PHE B 332 -18.67 8.16 31.14
CA PHE B 332 -17.85 8.87 30.18
C PHE B 332 -17.58 10.30 30.64
N ARG B 333 -16.35 10.74 30.45
CA ARG B 333 -15.95 12.13 30.64
C ARG B 333 -15.14 12.57 29.44
N PRO B 334 -15.28 13.83 29.00
CA PRO B 334 -14.50 14.30 27.86
C PRO B 334 -13.00 14.25 28.14
N SER B 335 -12.23 13.90 27.11
CA SER B 335 -10.78 13.79 27.27
C SER B 335 -10.16 15.13 27.63
N LEU B 336 -10.60 16.21 26.97
CA LEU B 336 -10.08 17.54 27.23
C LEU B 336 -11.22 18.45 27.70
N PRO B 337 -10.94 19.35 28.63
CA PRO B 337 -11.97 20.31 29.05
C PRO B 337 -12.22 21.35 27.98
N LEU B 338 -13.38 21.99 28.08
CA LEU B 338 -13.75 23.01 27.11
C LEU B 338 -12.92 24.27 27.33
N PRO B 339 -12.26 24.78 26.30
CA PRO B 339 -11.47 26.01 26.47
C PRO B 339 -12.38 27.22 26.63
N HIS B 340 -11.81 28.28 27.20
CA HIS B 340 -12.51 29.55 27.31
C HIS B 340 -12.55 30.20 25.93
N PHE B 341 -13.73 30.29 25.35
CA PHE B 341 -13.88 30.82 23.99
C PHE B 341 -13.81 32.34 24.03
N ASN B 342 -12.85 32.90 23.32
CA ASN B 342 -12.62 34.34 23.35
C ASN B 342 -13.76 35.09 22.66
N LYS B 343 -14.14 36.22 23.24
CA LYS B 343 -15.21 37.03 22.66
C LYS B 343 -14.69 37.94 21.56
N HIS B 344 -13.40 38.31 21.60
CA HIS B 344 -12.82 39.22 20.63
C HIS B 344 -11.57 38.59 20.03
N LEU B 345 -11.20 39.07 18.84
CA LEU B 345 -10.04 38.58 18.13
C LEU B 345 -8.75 38.86 18.89
N GLY B 357 1.44 29.66 18.61
CA GLY B 357 1.79 28.54 19.45
C GLY B 357 0.99 28.48 20.73
N GLY B 358 0.83 27.28 21.28
CA GLY B 358 0.06 27.11 22.50
C GLY B 358 -1.11 26.15 22.34
N LEU B 359 -1.01 25.23 21.38
CA LEU B 359 -2.07 24.25 21.17
C LEU B 359 -2.14 23.28 22.34
N THR B 360 -3.33 23.08 22.87
CA THR B 360 -3.57 22.11 23.93
C THR B 360 -4.16 20.85 23.31
N LEU B 361 -3.47 19.73 23.50
CA LEU B 361 -3.88 18.49 22.87
C LEU B 361 -3.26 17.32 23.63
N ARG B 362 -3.70 16.12 23.27
CA ARG B 362 -3.18 14.88 23.84
C ARG B 362 -2.19 14.25 22.87
N LEU B 363 -1.08 13.76 23.40
CA LEU B 363 0.01 13.25 22.58
C LEU B 363 -0.14 11.74 22.34
N GLY B 364 0.44 11.29 21.24
CA GLY B 364 0.48 9.89 20.93
C GLY B 364 -0.79 9.31 20.34
N LEU B 365 -1.73 10.15 19.92
CA LEU B 365 -2.97 9.64 19.34
C LEU B 365 -2.77 9.15 17.91
N HIS B 366 -1.85 9.77 17.16
CA HIS B 366 -1.59 9.35 15.79
C HIS B 366 -1.09 7.91 15.71
N GLN B 367 -0.50 7.40 16.79
CA GLN B 367 0.04 6.05 16.83
C GLN B 367 -0.85 5.11 17.66
N GLN B 368 -2.13 5.45 17.76
CA GLN B 368 -3.07 4.57 18.46
C GLN B 368 -3.21 3.26 17.71
N GLY B 369 -3.10 2.15 18.44
CA GLY B 369 -3.18 0.84 17.83
C GLY B 369 -1.91 0.36 17.17
N SER B 370 -0.80 1.10 17.31
CA SER B 370 0.47 0.73 16.70
C SER B 370 1.30 -0.20 17.59
N GLU B 371 0.68 -0.83 18.57
CA GLU B 371 1.40 -1.73 19.45
C GLU B 371 1.94 -2.92 18.65
N PRO B 372 3.12 -3.42 19.02
CA PRO B 372 3.66 -4.60 18.33
C PRO B 372 2.74 -5.80 18.48
N SER B 373 2.66 -6.62 17.43
CA SER B 373 1.80 -7.78 17.43
C SER B 373 2.50 -8.96 18.11
N TYR B 374 1.77 -10.06 18.23
CA TYR B 374 2.34 -11.26 18.86
C TYR B 374 3.52 -11.79 18.07
N LEU B 375 3.40 -11.84 16.74
CA LEU B 375 4.50 -12.36 15.93
C LEU B 375 5.69 -11.42 15.94
N ASP B 376 5.45 -10.11 16.00
CA ASP B 376 6.55 -9.16 16.06
C ASP B 376 7.35 -9.31 17.35
N ARG B 377 6.66 -9.38 18.49
CA ARG B 377 7.33 -9.58 19.77
C ARG B 377 8.03 -10.93 19.81
N THR B 378 7.39 -11.97 19.27
CA THR B 378 8.00 -13.29 19.24
C THR B 378 9.27 -13.29 18.41
N GLU B 379 9.26 -12.63 17.26
CA GLU B 379 10.44 -12.56 16.41
C GLU B 379 11.55 -11.77 17.09
N GLN B 380 11.21 -10.67 17.76
CA GLN B 380 12.23 -9.91 18.49
C GLN B 380 12.86 -10.74 19.59
N LEU B 381 12.04 -11.46 20.36
CA LEU B 381 12.56 -12.29 21.44
C LEU B 381 13.44 -13.42 20.89
N GLN B 382 13.01 -14.05 19.79
CA GLN B 382 13.80 -15.12 19.20
C GLN B 382 15.10 -14.59 18.60
N ALA B 383 15.09 -13.37 18.07
CA ALA B 383 16.32 -12.76 17.60
C ALA B 383 17.28 -12.52 18.76
N VAL B 384 16.76 -12.06 19.90
CA VAL B 384 17.62 -11.90 21.08
C VAL B 384 18.18 -13.25 21.53
N LEU B 385 17.34 -14.28 21.55
CA LEU B 385 17.79 -15.62 21.94
C LEU B 385 18.88 -16.12 21.02
N CYS B 386 18.69 -15.97 19.70
CA CYS B 386 19.68 -16.46 18.75
C CYS B 386 20.97 -15.67 18.85
N SER B 387 20.88 -14.34 19.05
CA SER B 387 22.08 -13.53 19.20
C SER B 387 22.86 -13.94 20.45
N THR B 388 22.16 -14.18 21.56
CA THR B 388 22.82 -14.63 22.78
C THR B 388 23.45 -16.00 22.59
N MET B 389 22.78 -16.90 21.86
CA MET B 389 23.30 -18.24 21.64
C MET B 389 24.62 -18.20 20.87
N GLU B 390 24.67 -17.39 19.81
CA GLU B 390 25.86 -17.37 18.96
C GLU B 390 27.08 -16.85 19.71
N LYS B 391 26.93 -15.71 20.40
CA LYS B 391 28.04 -15.16 21.16
C LYS B 391 28.43 -16.07 22.33
N SER B 392 27.46 -16.62 23.03
CA SER B 392 27.74 -17.47 24.18
C SER B 392 27.01 -18.81 24.06
N SER C 31 -2.51 -35.99 27.49
CA SER C 31 -2.87 -34.80 26.73
C SER C 31 -1.84 -34.48 25.68
N GLY C 32 -2.22 -33.69 24.68
CA GLY C 32 -1.34 -33.31 23.61
C GLY C 32 -0.23 -32.38 24.04
N PRO C 33 -0.58 -31.15 24.43
CA PRO C 33 0.46 -30.21 24.88
C PRO C 33 1.25 -30.70 26.08
N ARG C 34 0.63 -31.49 26.97
CA ARG C 34 1.37 -32.02 28.11
C ARG C 34 2.47 -32.97 27.67
N LEU C 35 2.18 -33.81 26.66
CA LEU C 35 3.20 -34.71 26.14
C LEU C 35 4.32 -33.96 25.43
N ARG C 36 3.97 -32.90 24.70
CA ARG C 36 4.99 -32.08 24.04
C ARG C 36 5.76 -31.21 25.01
N LEU C 37 5.13 -30.79 26.11
CA LEU C 37 5.86 -30.07 27.15
C LEU C 37 6.85 -30.99 27.84
N LEU C 38 6.40 -32.17 28.27
CA LEU C 38 7.28 -33.14 28.91
C LEU C 38 8.32 -33.68 27.94
N LEU C 39 8.09 -33.56 26.64
CA LEU C 39 9.07 -34.01 25.65
C LEU C 39 10.36 -33.22 25.76
N LEU C 40 10.27 -31.90 25.91
CA LEU C 40 11.45 -31.06 25.96
C LEU C 40 12.10 -31.04 27.34
N GLU C 41 11.34 -31.37 28.39
CA GLU C 41 11.96 -31.55 29.69
C GLU C 41 12.93 -32.73 29.68
N SER C 42 12.54 -33.82 29.02
CA SER C 42 13.42 -34.99 28.93
C SER C 42 14.60 -34.77 28.01
N VAL C 43 14.50 -33.84 27.06
CA VAL C 43 15.62 -33.56 26.16
C VAL C 43 16.53 -32.47 26.70
N SER C 44 16.05 -31.65 27.64
CA SER C 44 16.87 -30.62 28.27
C SER C 44 17.45 -31.06 29.61
N GLY C 45 17.20 -32.30 30.03
CA GLY C 45 17.71 -32.79 31.28
C GLY C 45 17.80 -34.31 31.33
N SER C 64 22.21 -29.83 24.10
CA SER C 64 21.09 -29.35 23.31
C SER C 64 20.97 -27.83 23.40
N ALA C 65 22.02 -27.18 23.89
CA ALA C 65 22.02 -25.73 24.01
C ALA C 65 21.85 -25.02 22.67
N PRO C 66 22.56 -25.39 21.59
CA PRO C 66 22.31 -24.73 20.31
C PRO C 66 20.88 -24.92 19.80
N HIS C 67 20.24 -26.03 20.14
CA HIS C 67 18.88 -26.30 19.68
C HIS C 67 17.81 -25.66 20.55
N LEU C 68 18.20 -25.05 21.67
CA LEU C 68 17.21 -24.52 22.61
C LEU C 68 16.35 -23.41 22.03
N PRO C 69 16.89 -22.38 21.34
CA PRO C 69 16.00 -21.35 20.78
C PRO C 69 14.96 -21.90 19.82
N GLY C 70 15.34 -22.86 18.99
CA GLY C 70 14.37 -23.48 18.10
C GLY C 70 13.32 -24.27 18.85
N LEU C 71 13.74 -24.95 19.92
CA LEU C 71 12.79 -25.69 20.75
C LEU C 71 11.78 -24.75 21.41
N MET C 72 12.26 -23.61 21.91
CA MET C 72 11.37 -22.62 22.49
C MET C 72 10.41 -22.05 21.45
N CYS C 73 10.91 -21.79 20.23
CA CYS C 73 10.04 -21.31 19.17
C CYS C 73 8.96 -22.34 18.83
N LEU C 74 9.34 -23.62 18.78
CA LEU C 74 8.37 -24.67 18.50
C LEU C 74 7.33 -24.80 19.61
N LEU C 75 7.78 -24.70 20.87
CA LEU C 75 6.83 -24.78 21.97
C LEU C 75 5.86 -23.60 21.96
N ARG C 76 6.36 -22.41 21.63
CA ARG C 76 5.49 -21.24 21.52
C ARG C 76 4.51 -21.39 20.37
N LEU C 77 4.96 -21.99 19.26
CA LEU C 77 4.09 -22.19 18.12
C LEU C 77 2.91 -23.09 18.47
N HIS C 78 3.17 -24.16 19.23
CA HIS C 78 2.12 -25.10 19.60
C HIS C 78 1.17 -24.56 20.66
N GLY C 79 1.55 -23.49 21.36
CA GLY C 79 0.75 -22.99 22.46
C GLY C 79 0.66 -23.95 23.63
N SER C 80 1.76 -24.64 23.95
CA SER C 80 1.72 -25.63 25.02
C SER C 80 1.69 -24.97 26.39
N VAL C 81 2.48 -23.92 26.60
CA VAL C 81 2.51 -23.24 27.88
C VAL C 81 1.21 -22.48 28.12
N GLY C 82 0.66 -21.86 27.07
CA GLY C 82 -0.56 -21.11 27.23
C GLY C 82 -1.73 -21.96 27.69
N GLY C 83 -1.80 -23.20 27.22
CA GLY C 83 -2.87 -24.10 27.59
C GLY C 83 -2.83 -24.53 29.04
N LEU C 90 3.49 -27.58 34.19
CA LEU C 90 4.35 -26.41 33.99
C LEU C 90 5.32 -26.23 35.14
N GLY C 91 4.99 -26.81 36.29
CA GLY C 91 5.87 -26.72 37.46
C GLY C 91 7.23 -27.35 37.25
N ALA C 92 7.29 -28.45 36.50
CA ALA C 92 8.58 -29.06 36.18
C ALA C 92 9.46 -28.12 35.38
N LEU C 93 8.89 -27.40 34.41
CA LEU C 93 9.66 -26.43 33.64
C LEU C 93 10.16 -25.29 34.53
N VAL C 94 9.32 -24.83 35.47
CA VAL C 94 9.75 -23.77 36.37
C VAL C 94 10.89 -24.24 37.25
N SER C 95 10.79 -25.47 37.78
CA SER C 95 11.87 -26.01 38.60
C SER C 95 13.15 -26.17 37.80
N LEU C 96 13.04 -26.66 36.57
CA LEU C 96 14.22 -26.82 35.73
C LEU C 96 14.86 -25.48 35.40
N SER C 97 14.05 -24.46 35.11
CA SER C 97 14.59 -23.13 34.84
C SER C 97 15.27 -22.55 36.07
N ASN C 98 14.68 -22.76 37.25
CA ASN C 98 15.31 -22.30 38.48
C ASN C 98 16.64 -22.99 38.71
N ALA C 99 16.70 -24.30 38.47
CA ALA C 99 17.94 -25.04 38.65
C ALA C 99 19.01 -24.57 37.66
N ARG C 100 18.62 -24.33 36.41
CA ARG C 100 19.59 -23.92 35.40
C ARG C 100 20.13 -22.52 35.70
N LEU C 101 19.29 -21.63 36.21
CA LEU C 101 19.71 -20.25 36.45
C LEU C 101 20.67 -20.11 37.62
N SER C 102 20.88 -21.18 38.41
CA SER C 102 21.72 -21.10 39.59
C SER C 102 23.21 -21.20 39.27
N SER C 103 23.58 -21.47 38.02
CA SER C 103 24.98 -21.62 37.64
C SER C 103 25.26 -20.82 36.38
N ILE C 104 26.49 -20.31 36.29
CA ILE C 104 26.90 -19.55 35.11
C ILE C 104 26.97 -20.46 33.89
N LYS C 105 27.38 -21.71 34.08
CA LYS C 105 27.49 -22.65 32.96
C LYS C 105 26.13 -22.97 32.34
N THR C 106 25.03 -22.73 33.05
CA THR C 106 23.71 -23.03 32.54
C THR C 106 22.77 -21.83 32.65
N ARG C 107 23.32 -20.62 32.79
CA ARG C 107 22.48 -19.43 32.92
C ARG C 107 21.72 -19.15 31.63
N PHE C 108 22.36 -19.38 30.48
CA PHE C 108 21.69 -19.15 29.21
C PHE C 108 20.49 -20.08 29.03
N GLU C 109 20.64 -21.35 29.43
CA GLU C 109 19.53 -22.29 29.33
C GLU C 109 18.39 -21.88 30.25
N GLY C 110 18.71 -21.45 31.47
CA GLY C 110 17.66 -20.99 32.37
C GLY C 110 16.94 -19.77 31.86
N LEU C 111 17.68 -18.83 31.28
CA LEU C 111 17.05 -17.63 30.72
C LEU C 111 16.22 -17.97 29.50
N CYS C 112 16.66 -18.94 28.70
CA CYS C 112 15.87 -19.41 27.57
C CYS C 112 14.55 -20.02 28.03
N LEU C 113 14.61 -20.83 29.08
CA LEU C 113 13.37 -21.39 29.64
C LEU C 113 12.48 -20.29 30.22
N LEU C 114 13.08 -19.31 30.89
CA LEU C 114 12.31 -18.20 31.47
C LEU C 114 11.64 -17.36 30.40
N SER C 115 12.27 -17.20 29.23
CA SER C 115 11.65 -16.43 28.16
C SER C 115 10.32 -17.05 27.75
N LEU C 116 10.25 -18.38 27.67
CA LEU C 116 9.00 -19.05 27.34
C LEU C 116 8.05 -19.04 28.53
N LEU C 117 8.57 -19.20 29.75
CA LEU C 117 7.72 -19.27 30.92
C LEU C 117 7.06 -17.93 31.23
N VAL C 118 7.68 -16.82 30.83
CA VAL C 118 7.14 -15.51 31.18
C VAL C 118 6.05 -15.09 30.20
N GLY C 119 6.34 -15.14 28.90
CA GLY C 119 5.41 -14.62 27.91
C GLY C 119 4.27 -15.53 27.54
N GLU C 120 4.32 -16.80 27.91
CA GLU C 120 3.28 -17.76 27.54
C GLU C 120 2.56 -18.37 28.73
N SER C 121 2.87 -17.96 29.95
CA SER C 121 2.25 -18.56 31.11
C SER C 121 0.78 -18.14 31.21
N PRO C 122 -0.06 -19.00 31.77
CA PRO C 122 -1.40 -18.56 32.17
C PRO C 122 -1.31 -17.53 33.29
N THR C 123 -2.42 -16.83 33.53
CA THR C 123 -2.39 -15.76 34.51
C THR C 123 -2.18 -16.29 35.92
N GLU C 124 -2.65 -17.51 36.22
CA GLU C 124 -2.45 -18.05 37.56
C GLU C 124 -0.97 -18.32 37.83
N LEU C 125 -0.29 -18.97 36.89
CA LEU C 125 1.13 -19.26 37.06
C LEU C 125 1.95 -17.98 37.11
N PHE C 126 1.58 -16.99 36.28
CA PHE C 126 2.29 -15.72 36.32
C PHE C 126 2.11 -15.01 37.65
N GLN C 127 0.88 -14.98 38.18
CA GLN C 127 0.67 -14.39 39.50
C GLN C 127 1.44 -15.15 40.58
N GLN C 128 1.59 -16.46 40.41
CA GLN C 128 2.29 -17.25 41.42
C GLN C 128 3.80 -17.04 41.38
N HIS C 129 4.38 -16.88 40.19
CA HIS C 129 5.84 -16.91 40.04
C HIS C 129 6.45 -15.59 39.57
N CYS C 130 5.67 -14.51 39.48
CA CYS C 130 6.20 -13.26 38.95
C CYS C 130 7.30 -12.69 39.84
N VAL C 131 7.08 -12.69 41.16
CA VAL C 131 8.08 -12.11 42.07
C VAL C 131 9.34 -12.95 42.07
N SER C 132 9.20 -14.27 42.04
CA SER C 132 10.37 -15.15 41.98
C SER C 132 11.16 -14.94 40.70
N TRP C 133 10.46 -14.80 39.57
CA TRP C 133 11.15 -14.56 38.30
C TRP C 133 11.84 -13.21 38.31
N LEU C 134 11.20 -12.18 38.87
CA LEU C 134 11.85 -10.87 39.00
C LEU C 134 13.10 -10.95 39.86
N ARG C 135 13.02 -11.67 40.98
CA ARG C 135 14.19 -11.81 41.85
C ARG C 135 15.31 -12.57 41.14
N SER C 136 14.98 -13.60 40.37
CA SER C 136 16.00 -14.31 39.62
C SER C 136 16.65 -13.43 38.57
N ILE C 137 15.85 -12.62 37.86
CA ILE C 137 16.40 -11.73 36.85
C ILE C 137 17.31 -10.68 37.49
N GLN C 138 16.88 -10.12 38.62
CA GLN C 138 17.72 -9.16 39.33
C GLN C 138 19.00 -9.80 39.83
N GLN C 139 18.92 -11.07 40.25
CA GLN C 139 20.12 -11.81 40.65
C GLN C 139 21.08 -11.98 39.48
N VAL C 140 20.55 -12.26 38.29
CA VAL C 140 21.41 -12.45 37.12
C VAL C 140 22.13 -11.16 36.77
N LEU C 141 21.46 -10.02 36.94
CA LEU C 141 22.05 -8.73 36.59
C LEU C 141 23.23 -8.34 37.48
N GLN C 142 23.44 -9.06 38.59
CA GLN C 142 24.54 -8.77 39.51
C GLN C 142 25.57 -9.89 39.55
N THR C 143 25.68 -10.66 38.48
CA THR C 143 26.54 -11.84 38.46
C THR C 143 27.83 -11.63 37.66
N GLN C 144 28.05 -10.44 37.11
CA GLN C 144 29.21 -10.17 36.26
C GLN C 144 29.24 -11.12 35.06
N ASP C 145 28.06 -11.46 34.55
CA ASP C 145 27.93 -12.32 33.39
C ASP C 145 28.29 -11.55 32.12
N PRO C 146 28.59 -12.26 31.03
CA PRO C 146 28.89 -11.59 29.76
C PRO C 146 27.72 -10.73 29.31
N PRO C 147 27.99 -9.70 28.49
CA PRO C 147 26.92 -8.77 28.10
C PRO C 147 25.74 -9.43 27.41
N ALA C 148 25.96 -10.50 26.65
CA ALA C 148 24.84 -11.18 25.97
C ALA C 148 23.85 -11.75 26.98
N THR C 149 24.37 -12.29 28.09
CA THR C 149 23.47 -12.75 29.16
C THR C 149 22.66 -11.60 29.71
N MET C 150 23.26 -10.43 29.87
CA MET C 150 22.53 -9.25 30.32
C MET C 150 21.44 -8.86 29.32
N GLU C 151 21.75 -8.92 28.03
CA GLU C 151 20.74 -8.62 27.01
C GLU C 151 19.56 -9.59 27.11
N LEU C 152 19.85 -10.88 27.26
CA LEU C 152 18.77 -11.87 27.36
C LEU C 152 17.93 -11.62 28.62
N ALA C 153 18.59 -11.36 29.74
CA ALA C 153 17.87 -11.12 30.99
C ALA C 153 17.00 -9.88 30.89
N VAL C 154 17.51 -8.81 30.26
CA VAL C 154 16.73 -7.59 30.11
C VAL C 154 15.55 -7.81 29.16
N ALA C 155 15.76 -8.61 28.10
CA ALA C 155 14.67 -8.92 27.19
C ALA C 155 13.57 -9.69 27.90
N VAL C 156 13.93 -10.62 28.78
CA VAL C 156 12.93 -11.33 29.56
C VAL C 156 12.23 -10.37 30.53
N LEU C 157 13.00 -9.50 31.17
CA LEU C 157 12.44 -8.58 32.16
C LEU C 157 11.47 -7.59 31.53
N ARG C 158 11.69 -7.21 30.27
CA ARG C 158 10.77 -6.31 29.59
C ARG C 158 9.37 -6.92 29.51
N ASP C 159 9.28 -8.15 29.01
CA ASP C 159 7.99 -8.84 28.95
C ASP C 159 7.41 -9.07 30.33
N LEU C 160 8.28 -9.41 31.30
CA LEU C 160 7.80 -9.66 32.65
C LEU C 160 7.15 -8.42 33.24
N LEU C 161 7.80 -7.26 33.10
CA LEU C 161 7.26 -6.01 33.62
C LEU C 161 5.99 -5.60 32.87
N ARG C 162 5.97 -5.81 31.55
CA ARG C 162 4.78 -5.48 30.78
C ARG C 162 3.58 -6.30 31.25
N TYR C 163 3.78 -7.59 31.50
CA TYR C 163 2.68 -8.42 31.94
C TYR C 163 2.33 -8.18 33.41
N ALA C 164 3.30 -7.76 34.22
CA ALA C 164 3.02 -7.49 35.62
C ALA C 164 2.27 -6.18 35.81
N ALA C 165 2.47 -5.22 34.89
CA ALA C 165 1.74 -3.96 34.97
C ALA C 165 0.24 -4.15 34.77
N GLN C 166 -0.18 -5.25 34.17
CA GLN C 166 -1.60 -5.51 33.91
C GLN C 166 -2.32 -6.09 35.11
N LEU C 167 -1.61 -6.52 36.15
CA LEU C 167 -2.23 -7.13 37.32
C LEU C 167 -2.10 -6.19 38.51
N PRO C 168 -3.21 -5.64 39.02
CA PRO C 168 -3.09 -4.59 40.05
C PRO C 168 -2.34 -5.00 41.30
N ALA C 169 -2.52 -6.23 41.78
CA ALA C 169 -1.84 -6.65 42.99
C ALA C 169 -0.34 -6.78 42.76
N LEU C 170 0.05 -7.44 41.68
CA LEU C 170 1.47 -7.56 41.33
C LEU C 170 2.06 -6.20 41.02
N PHE C 171 1.30 -5.35 40.33
CA PHE C 171 1.77 -4.00 40.04
C PHE C 171 2.08 -3.24 41.32
N ARG C 172 1.16 -3.28 42.29
CA ARG C 172 1.36 -2.59 43.55
C ARG C 172 2.56 -3.15 44.31
N ASP C 173 2.66 -4.49 44.36
CA ASP C 173 3.75 -5.11 45.09
C ASP C 173 5.11 -4.76 44.49
N ILE C 174 5.22 -4.82 43.16
CA ILE C 174 6.49 -4.50 42.51
C ILE C 174 6.80 -3.02 42.64
N SER C 175 5.78 -2.15 42.55
CA SER C 175 6.01 -0.72 42.71
C SER C 175 6.54 -0.39 44.10
N MET C 176 5.96 -0.99 45.15
CA MET C 176 6.39 -0.65 46.50
C MET C 176 7.71 -1.31 46.87
N ASN C 177 7.93 -2.57 46.47
CA ASN C 177 8.98 -3.36 47.07
C ASN C 177 10.09 -3.83 46.13
N HIS C 178 9.90 -3.73 44.81
CA HIS C 178 10.82 -4.40 43.89
C HIS C 178 11.38 -3.53 42.77
N LEU C 179 10.73 -2.44 42.39
CA LEU C 179 11.22 -1.67 41.26
C LEU C 179 12.45 -0.82 41.60
N PRO C 180 12.53 -0.16 42.77
CA PRO C 180 13.77 0.56 43.09
C PRO C 180 15.00 -0.33 43.09
N GLY C 181 14.89 -1.58 43.56
CA GLY C 181 16.01 -2.49 43.50
C GLY C 181 16.41 -2.82 42.07
N LEU C 182 15.42 -3.01 41.20
CA LEU C 182 15.72 -3.25 39.79
C LEU C 182 16.42 -2.06 39.16
N LEU C 183 15.95 -0.84 39.47
CA LEU C 183 16.58 0.35 38.94
C LEU C 183 18.00 0.51 39.44
N THR C 184 18.23 0.19 40.72
CA THR C 184 19.58 0.24 41.27
C THR C 184 20.49 -0.77 40.58
N SER C 185 19.99 -1.99 40.36
CA SER C 185 20.78 -3.02 39.67
C SER C 185 21.11 -2.61 38.24
N LEU C 186 20.15 -1.99 37.55
CA LEU C 186 20.40 -1.55 36.18
C LEU C 186 21.38 -0.38 36.14
N LEU C 187 21.26 0.54 37.09
CA LEU C 187 22.22 1.64 37.18
C LEU C 187 23.61 1.12 37.52
N GLY C 188 23.69 0.14 38.42
CA GLY C 188 24.96 -0.46 38.79
C GLY C 188 25.35 -1.60 37.87
N LEU C 189 25.55 -1.28 36.59
CA LEU C 189 25.96 -2.25 35.59
C LEU C 189 27.27 -1.80 34.98
N ARG C 190 28.04 -2.76 34.48
CA ARG C 190 29.33 -2.47 33.90
C ARG C 190 29.18 -1.66 32.62
N PRO C 191 30.18 -0.82 32.28
CA PRO C 191 30.05 0.05 31.11
C PRO C 191 29.83 -0.68 29.79
N GLU C 192 30.29 -1.93 29.67
CA GLU C 192 30.05 -2.67 28.44
C GLU C 192 28.64 -3.23 28.37
N CYS C 193 27.85 -3.12 29.43
CA CYS C 193 26.46 -3.51 29.42
C CYS C 193 25.53 -2.30 29.53
N GLU C 194 26.00 -1.14 29.04
CA GLU C 194 25.23 0.09 29.15
C GLU C 194 24.00 0.09 28.27
N GLN C 195 23.99 -0.68 27.19
CA GLN C 195 22.80 -0.76 26.35
C GLN C 195 21.71 -1.58 27.02
N SER C 196 22.08 -2.70 27.65
CA SER C 196 21.10 -3.49 28.38
C SER C 196 20.54 -2.70 29.56
N ALA C 197 21.40 -1.91 30.21
CA ALA C 197 20.92 -1.05 31.30
C ALA C 197 19.89 -0.06 30.80
N LEU C 198 20.13 0.53 29.62
CA LEU C 198 19.18 1.47 29.05
C LEU C 198 17.87 0.77 28.68
N GLU C 199 17.94 -0.44 28.13
CA GLU C 199 16.72 -1.18 27.81
C GLU C 199 15.92 -1.50 29.08
N GLY C 200 16.61 -1.93 30.13
CA GLY C 200 15.91 -2.21 31.39
C GLY C 200 15.32 -0.96 32.01
N MET C 201 16.04 0.16 31.95
CA MET C 201 15.51 1.41 32.46
C MET C 201 14.27 1.85 31.68
N LYS C 202 14.31 1.69 30.35
CA LYS C 202 13.14 2.03 29.54
C LYS C 202 11.96 1.13 29.87
N ALA C 203 12.21 -0.16 30.08
CA ALA C 203 11.13 -1.07 30.45
C ALA C 203 10.52 -0.69 31.80
N CYS C 204 11.36 -0.39 32.79
CA CYS C 204 10.85 0.03 34.09
C CYS C 204 10.10 1.35 33.98
N MET C 205 10.60 2.27 33.17
CA MET C 205 10.02 3.59 33.02
C MET C 205 8.68 3.55 32.32
N THR C 206 8.52 2.63 31.35
CA THR C 206 7.28 2.57 30.57
C THR C 206 6.11 2.05 31.40
N TYR C 207 6.35 1.03 32.24
CA TYR C 207 5.27 0.33 32.91
C TYR C 207 5.16 0.62 34.39
N PHE C 208 6.22 1.13 35.01
CA PHE C 208 6.20 1.54 36.42
C PHE C 208 6.79 2.95 36.53
N PRO C 209 6.12 3.95 35.96
CA PRO C 209 6.69 5.30 36.01
C PRO C 209 6.55 5.96 37.37
N ARG C 210 5.44 5.72 38.08
CA ARG C 210 5.25 6.33 39.38
C ARG C 210 6.30 5.88 40.38
N ALA C 211 6.81 4.66 40.24
CA ALA C 211 7.83 4.14 41.13
C ALA C 211 9.24 4.49 40.68
N CYS C 212 9.39 5.15 39.53
CA CYS C 212 10.69 5.60 39.05
C CYS C 212 11.01 7.03 39.46
N GLY C 213 10.10 7.70 40.18
CA GLY C 213 10.30 9.10 40.51
C GLY C 213 11.32 9.34 41.61
N SER C 214 11.61 8.32 42.42
CA SER C 214 12.60 8.49 43.48
C SER C 214 14.02 8.51 42.94
N LEU C 215 14.26 7.88 41.79
CA LEU C 215 15.57 7.84 41.15
C LEU C 215 15.61 8.67 39.88
N LYS C 216 14.77 9.71 39.80
CA LYS C 216 14.66 10.49 38.57
C LYS C 216 15.95 11.22 38.26
N GLY C 217 16.60 11.78 39.28
CA GLY C 217 17.86 12.49 39.04
C GLY C 217 18.96 11.57 38.54
N LYS C 218 19.09 10.40 39.15
CA LYS C 218 20.08 9.43 38.69
C LYS C 218 19.78 8.96 37.27
N LEU C 219 18.50 8.71 36.98
CA LEU C 219 18.13 8.29 35.62
C LEU C 219 18.43 9.39 34.61
N ALA C 220 18.13 10.64 34.94
CA ALA C 220 18.41 11.75 34.04
C ALA C 220 19.91 11.90 33.80
N SER C 221 20.71 11.77 34.86
CA SER C 221 22.17 11.83 34.70
C SER C 221 22.67 10.69 33.82
N PHE C 222 22.10 9.49 34.01
CA PHE C 222 22.48 8.35 33.18
C PHE C 222 22.15 8.58 31.72
N PHE C 223 20.97 9.14 31.44
CA PHE C 223 20.54 9.31 30.05
C PHE C 223 21.26 10.46 29.36
N LEU C 224 21.57 11.53 30.09
CA LEU C 224 22.13 12.72 29.46
C LEU C 224 23.52 12.45 28.88
N SER C 225 24.35 11.69 29.60
CA SER C 225 25.71 11.45 29.14
C SER C 225 25.77 10.64 27.85
N ARG C 226 24.75 9.83 27.57
CA ARG C 226 24.70 9.01 26.38
C ARG C 226 23.82 9.59 25.28
N VAL C 227 23.28 10.80 25.50
CA VAL C 227 22.48 11.45 24.47
C VAL C 227 23.33 11.83 23.27
N ASP C 228 24.61 12.14 23.48
CA ASP C 228 25.53 12.49 22.41
C ASP C 228 26.41 11.31 21.99
N ALA C 229 25.90 10.08 22.09
CA ALA C 229 26.70 8.91 21.75
C ALA C 229 26.93 8.84 20.25
N LEU C 230 28.11 8.37 19.86
CA LEU C 230 28.42 8.19 18.44
C LEU C 230 27.85 6.90 17.88
N SER C 231 27.50 5.94 18.72
CA SER C 231 26.82 4.74 18.26
C SER C 231 25.35 5.06 18.01
N PRO C 232 24.83 4.88 16.80
CA PRO C 232 23.43 5.27 16.54
C PRO C 232 22.42 4.54 17.40
N GLN C 233 22.64 3.26 17.69
CA GLN C 233 21.69 2.50 18.50
C GLN C 233 21.69 2.96 19.95
N LEU C 234 22.87 3.14 20.54
CA LEU C 234 22.94 3.62 21.91
C LEU C 234 22.40 5.03 22.04
N GLN C 235 22.72 5.90 21.08
CA GLN C 235 22.20 7.27 21.10
C GLN C 235 20.68 7.28 20.98
N GLN C 236 20.13 6.46 20.08
CA GLN C 236 18.68 6.39 19.93
C GLN C 236 18.01 5.90 21.20
N LEU C 237 18.58 4.86 21.82
CA LEU C 237 18.00 4.34 23.06
C LEU C 237 18.08 5.36 24.19
N ALA C 238 19.21 6.08 24.30
CA ALA C 238 19.35 7.09 25.33
C ALA C 238 18.38 8.25 25.11
N CYS C 239 18.18 8.65 23.87
CA CYS C 239 17.21 9.70 23.58
C CYS C 239 15.79 9.25 23.88
N GLU C 240 15.47 7.99 23.59
CA GLU C 240 14.17 7.45 23.95
C GLU C 240 13.96 7.44 25.45
N CYS C 241 15.00 7.06 26.20
CA CYS C 241 14.89 7.03 27.66
C CYS C 241 14.77 8.43 28.25
N TYR C 242 15.48 9.40 27.67
CA TYR C 242 15.46 10.76 28.20
C TYR C 242 14.11 11.43 28.02
N SER C 243 13.42 11.15 26.91
CA SER C 243 12.14 11.77 26.64
C SER C 243 11.02 11.28 27.56
N ARG C 244 11.24 10.20 28.30
CA ARG C 244 10.24 9.66 29.22
C ARG C 244 10.37 10.21 30.63
N LEU C 245 11.34 11.10 30.87
CA LEU C 245 11.55 11.62 32.22
C LEU C 245 10.37 12.40 32.78
N PRO C 246 9.74 13.32 32.04
CA PRO C 246 8.61 14.07 32.63
C PRO C 246 7.42 13.21 33.00
N SER C 247 7.33 11.98 32.48
CA SER C 247 6.16 11.14 32.67
C SER C 247 6.21 10.32 33.95
N LEU C 248 7.28 10.40 34.73
CA LEU C 248 7.44 9.56 35.91
C LEU C 248 7.52 10.42 37.16
N GLY C 249 7.04 9.86 38.26
CA GLY C 249 7.03 10.55 39.54
C GLY C 249 5.67 10.56 40.20
N LYS C 257 1.22 17.93 37.43
CA LYS C 257 2.67 17.99 37.59
C LYS C 257 3.38 17.44 36.36
N HIS C 258 2.83 16.37 35.78
CA HIS C 258 3.43 15.78 34.58
C HIS C 258 3.36 16.75 33.41
N THR C 259 2.24 17.43 33.24
CA THR C 259 2.12 18.41 32.16
C THR C 259 3.13 19.54 32.33
N GLU C 260 3.24 20.06 33.56
CA GLU C 260 4.20 21.13 33.83
C GLU C 260 5.62 20.66 33.55
N SER C 261 5.97 19.46 34.00
CA SER C 261 7.32 18.94 33.77
C SER C 261 7.59 18.78 32.28
N TRP C 262 6.60 18.30 31.52
CA TRP C 262 6.74 18.18 30.08
C TRP C 262 7.03 19.53 29.44
N GLU C 263 6.28 20.56 29.85
CA GLU C 263 6.47 21.88 29.25
C GLU C 263 7.84 22.47 29.59
N GLN C 264 8.25 22.37 30.86
CA GLN C 264 9.57 22.88 31.22
C GLN C 264 10.68 22.13 30.50
N GLU C 265 10.57 20.80 30.39
CA GLU C 265 11.59 20.05 29.68
C GLU C 265 11.65 20.42 28.21
N LEU C 266 10.49 20.62 27.58
CA LEU C 266 10.50 20.97 26.16
C LEU C 266 11.09 22.36 25.95
N HIS C 267 10.78 23.31 26.83
CA HIS C 267 11.35 24.65 26.69
C HIS C 267 12.85 24.65 26.98
N SER C 268 13.30 23.83 27.93
CA SER C 268 14.73 23.69 28.18
C SER C 268 15.43 23.10 26.96
N LEU C 269 14.83 22.10 26.34
CA LEU C 269 15.41 21.53 25.13
C LEU C 269 15.47 22.56 24.01
N LEU C 270 14.42 23.37 23.87
CA LEU C 270 14.42 24.42 22.85
C LEU C 270 15.53 25.43 23.10
N ALA C 271 15.72 25.84 24.36
CA ALA C 271 16.77 26.80 24.69
C ALA C 271 18.15 26.21 24.41
N SER C 272 18.37 24.95 24.79
CA SER C 272 19.66 24.31 24.54
C SER C 272 19.92 24.16 23.05
N LEU C 273 18.89 23.82 22.28
CA LEU C 273 19.04 23.71 20.84
C LEU C 273 19.36 25.05 20.20
N HIS C 274 18.72 26.13 20.69
CA HIS C 274 19.04 27.46 20.18
C HIS C 274 20.48 27.83 20.50
N THR C 275 20.94 27.49 21.70
CA THR C 275 22.34 27.79 22.05
C THR C 275 23.30 26.99 21.19
N LEU C 276 22.98 25.72 20.91
CA LEU C 276 23.88 24.88 20.13
C LEU C 276 23.94 25.31 18.67
N LEU C 277 22.81 25.77 18.12
CA LEU C 277 22.81 26.21 16.73
C LEU C 277 23.60 27.50 16.55
N GLY C 278 23.63 28.36 17.56
CA GLY C 278 24.42 29.58 17.47
C GLY C 278 25.91 29.32 17.39
N ALA C 279 26.38 28.29 18.10
CA ALA C 279 27.80 27.92 18.03
C ALA C 279 28.12 27.22 16.72
N LEU C 280 27.23 26.34 16.25
CA LEU C 280 27.44 25.67 14.98
C LEU C 280 27.42 26.66 13.82
N TYR C 281 26.49 27.62 13.86
CA TYR C 281 26.32 28.60 12.79
C TYR C 281 27.13 29.87 13.03
N GLU C 282 28.25 29.78 13.72
CA GLU C 282 29.05 30.96 14.03
C GLU C 282 29.60 31.57 12.75
N GLY C 283 29.32 32.86 12.54
CA GLY C 283 29.73 33.56 11.34
C GLY C 283 28.79 33.44 10.17
N ALA C 284 27.71 32.68 10.30
CA ALA C 284 26.73 32.49 9.22
C ALA C 284 25.34 32.98 9.58
N GLU C 285 24.92 32.80 10.83
CA GLU C 285 23.60 33.25 11.26
C GLU C 285 23.56 34.76 11.44
N ALA C 307 37.31 22.18 14.45
CA ALA C 307 37.82 20.99 13.77
C ALA C 307 37.29 19.72 14.42
N HIS C 308 37.41 19.64 15.75
CA HIS C 308 36.91 18.51 16.52
C HIS C 308 35.80 18.88 17.50
N VAL C 309 35.80 20.11 18.02
CA VAL C 309 34.71 20.53 18.90
C VAL C 309 33.41 20.64 18.11
N LEU C 310 33.49 20.94 16.81
CA LEU C 310 32.29 21.04 15.99
C LEU C 310 31.58 19.69 15.88
N LEU C 311 32.34 18.60 15.84
CA LEU C 311 31.73 17.28 15.71
C LEU C 311 30.96 16.89 16.97
N GLN C 312 31.56 17.14 18.15
CA GLN C 312 30.84 16.90 19.40
C GLN C 312 29.65 17.84 19.54
N LEU C 313 29.81 19.08 19.07
CA LEU C 313 28.71 20.03 19.09
C LEU C 313 27.53 19.52 18.27
N ARG C 314 27.81 19.01 17.06
CA ARG C 314 26.74 18.49 16.22
C ARG C 314 26.14 17.21 16.78
N GLN C 315 26.96 16.38 17.44
CA GLN C 315 26.44 15.18 18.08
C GLN C 315 25.46 15.56 19.20
N ARG C 316 25.84 16.53 20.03
CA ARG C 316 24.94 17.00 21.09
C ARG C 316 23.67 17.60 20.51
N PHE C 317 23.81 18.39 19.43
CA PHE C 317 22.65 18.98 18.78
C PHE C 317 21.69 17.91 18.27
N SER C 318 22.22 16.89 17.61
CA SER C 318 21.39 15.81 17.09
C SER C 318 20.70 15.05 18.22
N GLY C 319 21.43 14.78 19.31
CA GLY C 319 20.82 14.09 20.43
C GLY C 319 19.68 14.87 21.06
N LEU C 320 19.90 16.18 21.27
CA LEU C 320 18.85 17.01 21.87
C LEU C 320 17.66 17.16 20.94
N ALA C 321 17.89 17.31 19.64
CA ALA C 321 16.78 17.41 18.70
C ALA C 321 16.00 16.10 18.62
N ARG C 322 16.70 14.96 18.69
CA ARG C 322 16.00 13.68 18.74
C ARG C 322 15.17 13.54 20.01
N CYS C 323 15.70 13.99 21.14
CA CYS C 323 14.93 13.97 22.38
C CYS C 323 13.67 14.82 22.26
N LEU C 324 13.80 16.03 21.70
CA LEU C 324 12.64 16.90 21.53
C LEU C 324 11.61 16.28 20.60
N GLY C 325 12.06 15.70 19.48
CA GLY C 325 11.13 15.07 18.56
C GLY C 325 10.44 13.86 19.17
N LEU C 326 11.16 13.10 19.99
CA LEU C 326 10.53 11.98 20.69
C LEU C 326 9.50 12.47 21.69
N MET C 327 9.80 13.57 22.39
CA MET C 327 8.81 14.14 23.31
C MET C 327 7.57 14.60 22.55
N LEU C 328 7.76 15.12 21.34
CA LEU C 328 6.61 15.57 20.55
C LEU C 328 5.74 14.40 20.10
N SER C 329 6.36 13.31 19.64
CA SER C 329 5.66 12.26 18.92
C SER C 329 5.35 11.03 19.77
N SER C 330 5.59 11.09 21.07
CA SER C 330 5.35 9.94 21.94
C SER C 330 4.13 10.20 22.82
N GLU C 331 3.48 9.10 23.21
CA GLU C 331 2.30 9.19 24.06
C GLU C 331 2.65 9.77 25.42
N PHE C 332 1.83 10.70 25.89
CA PHE C 332 1.96 11.28 27.21
C PHE C 332 0.64 11.12 27.95
N GLY C 333 0.72 10.91 29.26
CA GLY C 333 -0.45 10.61 30.04
C GLY C 333 -1.33 11.79 30.38
N ALA C 334 -0.88 13.01 30.14
CA ALA C 334 -1.64 14.20 30.47
C ALA C 334 -1.68 15.15 29.29
N PRO C 335 -2.73 15.97 29.19
CA PRO C 335 -2.75 17.00 28.14
C PRO C 335 -1.67 18.05 28.38
N VAL C 336 -1.09 18.53 27.28
CA VAL C 336 0.00 19.49 27.33
C VAL C 336 -0.26 20.60 26.33
N SER C 337 0.40 21.74 26.55
CA SER C 337 0.36 22.87 25.62
C SER C 337 1.62 22.84 24.78
N VAL C 338 1.45 22.74 23.47
CA VAL C 338 2.57 22.62 22.54
C VAL C 338 2.93 24.01 22.03
N PRO C 339 4.15 24.50 22.29
CA PRO C 339 4.56 25.79 21.73
C PRO C 339 4.87 25.66 20.24
N VAL C 340 3.81 25.67 19.42
CA VAL C 340 3.97 25.44 17.99
C VAL C 340 4.81 26.54 17.37
N GLN C 341 4.57 27.80 17.75
CA GLN C 341 5.29 28.91 17.14
C GLN C 341 6.77 28.87 17.48
N GLU C 342 7.11 28.50 18.72
CA GLU C 342 8.53 28.44 19.11
C GLU C 342 9.26 27.33 18.36
N ILE C 343 8.65 26.15 18.26
CA ILE C 343 9.27 25.04 17.53
C ILE C 343 9.43 25.40 16.06
N LEU C 344 8.39 26.02 15.47
CA LEU C 344 8.47 26.42 14.08
C LEU C 344 9.54 27.49 13.88
N ASP C 345 9.69 28.40 14.83
CA ASP C 345 10.73 29.43 14.75
C ASP C 345 12.11 28.80 14.79
N PHE C 346 12.32 27.82 15.67
CA PHE C 346 13.61 27.12 15.69
C PHE C 346 13.86 26.38 14.38
N ILE C 347 12.82 25.71 13.85
CA ILE C 347 12.98 24.99 12.59
C ILE C 347 13.34 25.94 11.46
N CYS C 348 12.68 27.11 11.41
CA CYS C 348 12.98 28.09 10.38
C CYS C 348 14.37 28.67 10.55
N ARG C 349 14.81 28.89 11.78
CA ARG C 349 16.16 29.40 12.02
C ARG C 349 17.20 28.39 11.56
N THR C 350 16.96 27.10 11.82
CA THR C 350 17.93 26.08 11.42
C THR C 350 18.05 26.00 9.90
N LEU C 351 16.93 26.05 9.18
CA LEU C 351 16.94 25.95 7.73
C LEU C 351 17.24 27.26 7.04
N SER C 352 17.36 28.36 7.78
CA SER C 352 17.61 29.66 7.18
C SER C 352 19.04 29.82 6.69
N VAL C 353 19.99 29.09 7.27
CA VAL C 353 21.39 29.19 6.88
C VAL C 353 21.66 28.13 5.82
N SER C 354 22.22 28.56 4.69
CA SER C 354 22.54 27.69 3.57
C SER C 354 24.05 27.72 3.31
N SER C 355 24.46 27.01 2.25
CA SER C 355 25.86 26.96 1.88
C SER C 355 26.39 28.33 1.48
N LYS C 356 25.52 29.25 1.08
CA LYS C 356 25.95 30.55 0.57
C LYS C 356 26.42 31.48 1.69
N ASN C 357 26.00 31.24 2.92
CA ASN C 357 26.32 32.13 4.03
C ASN C 357 27.56 31.70 4.81
N ILE C 358 28.03 30.47 4.63
CA ILE C 358 29.18 29.97 5.37
C ILE C 358 30.45 30.51 4.74
N SER C 359 31.30 31.13 5.56
CA SER C 359 32.57 31.66 5.09
C SER C 359 33.59 30.52 5.02
N LEU C 360 34.04 30.21 3.80
CA LEU C 360 34.92 29.07 3.56
C LEU C 360 36.38 29.48 3.79
N HIS C 361 36.66 29.88 5.03
CA HIS C 361 38.02 30.23 5.43
C HIS C 361 38.21 29.78 6.87
N GLY C 362 39.08 28.79 7.08
CA GLY C 362 39.32 28.28 8.41
C GLY C 362 38.48 27.05 8.73
N ASP C 363 37.51 27.22 9.62
CA ASP C 363 36.61 26.14 10.00
C ASP C 363 35.37 26.07 9.11
N GLY C 364 35.30 26.93 8.09
CA GLY C 364 34.16 27.00 7.21
C GLY C 364 33.80 25.72 6.49
N PRO C 365 34.78 25.03 5.90
CA PRO C 365 34.47 23.75 5.23
C PRO C 365 33.84 22.72 6.15
N LEU C 366 34.22 22.68 7.42
CA LEU C 366 33.59 21.74 8.35
C LEU C 366 32.14 22.13 8.61
N ARG C 367 31.88 23.44 8.72
CA ARG C 367 30.51 23.90 8.89
C ARG C 367 29.67 23.57 7.66
N LEU C 368 30.30 23.64 6.48
CA LEU C 368 29.58 23.30 5.24
C LEU C 368 29.32 21.81 5.13
N LEU C 369 30.26 20.99 5.59
CA LEU C 369 30.07 19.53 5.52
C LEU C 369 28.97 19.08 6.47
N LEU C 370 28.89 19.68 7.66
CA LEU C 370 27.91 19.29 8.66
C LEU C 370 26.51 19.86 8.39
N LEU C 371 26.39 20.83 7.49
CA LEU C 371 25.13 21.55 7.32
C LEU C 371 23.95 20.65 6.91
N PRO C 372 24.08 19.74 5.94
CA PRO C 372 22.91 18.91 5.59
C PRO C 372 22.37 18.08 6.73
N SER C 373 23.22 17.62 7.64
CA SER C 373 22.74 16.82 8.77
C SER C 373 21.91 17.66 9.74
N ILE C 374 22.32 18.91 9.96
CA ILE C 374 21.55 19.80 10.82
C ILE C 374 20.19 20.11 10.21
N HIS C 375 20.16 20.33 8.89
CA HIS C 375 18.90 20.54 8.19
C HIS C 375 18.01 19.30 8.26
N LEU C 376 18.62 18.12 8.17
CA LEU C 376 17.84 16.88 8.31
C LEU C 376 17.28 16.75 9.71
N GLU C 377 18.04 17.17 10.72
CA GLU C 377 17.54 17.19 12.09
C GLU C 377 16.33 18.11 12.22
N ALA C 378 16.42 19.30 11.61
CA ALA C 378 15.29 20.23 11.63
C ALA C 378 14.08 19.64 10.90
N LEU C 379 14.31 18.94 9.79
CA LEU C 379 13.22 18.34 9.04
C LEU C 379 12.56 17.21 9.83
N ASP C 380 13.35 16.45 10.58
CA ASP C 380 12.78 15.43 11.47
C ASP C 380 11.96 16.07 12.57
N LEU C 381 12.41 17.21 13.10
CA LEU C 381 11.62 17.95 14.07
C LEU C 381 10.30 18.42 13.46
N LEU C 382 10.35 18.87 12.20
CA LEU C 382 9.13 19.28 11.51
C LEU C 382 8.17 18.11 11.36
N SER C 383 8.69 16.94 11.00
CA SER C 383 7.84 15.74 10.89
C SER C 383 7.21 15.40 12.24
N ALA C 384 7.99 15.47 13.32
CA ALA C 384 7.45 15.19 14.64
C ALA C 384 6.36 16.18 15.02
N LEU C 385 6.55 17.46 14.70
CA LEU C 385 5.53 18.47 14.98
C LEU C 385 4.26 18.20 14.19
N ILE C 386 4.41 17.84 12.91
CA ILE C 386 3.23 17.54 12.08
C ILE C 386 2.48 16.35 12.63
N LEU C 387 3.20 15.31 13.06
CA LEU C 387 2.56 14.13 13.64
C LEU C 387 1.85 14.49 14.95
N ALA C 388 2.47 15.33 15.78
CA ALA C 388 1.88 15.67 17.07
C ALA C 388 0.63 16.52 16.91
N CYS C 389 0.68 17.53 16.04
CA CYS C 389 -0.43 18.47 15.95
C CYS C 389 -1.44 18.13 14.87
N GLY C 390 -1.01 17.53 13.76
CA GLY C 390 -1.94 17.13 12.73
C GLY C 390 -2.48 18.32 11.95
N SER C 391 -3.77 18.27 11.61
CA SER C 391 -4.40 19.34 10.85
C SER C 391 -4.59 20.62 11.66
N ARG C 392 -4.34 20.59 12.97
CA ARG C 392 -4.34 21.80 13.77
C ARG C 392 -3.27 22.79 13.30
N LEU C 393 -2.26 22.31 12.59
CA LEU C 393 -1.18 23.14 12.06
C LEU C 393 -1.56 23.87 10.78
N LEU C 394 -2.84 23.90 10.42
CA LEU C 394 -3.24 24.43 9.12
C LEU C 394 -3.03 25.94 9.03
N ARG C 395 -3.20 26.68 10.13
CA ARG C 395 -3.00 28.12 10.09
C ARG C 395 -1.54 28.49 9.88
N PHE C 396 -0.60 27.60 10.22
CA PHE C 396 0.81 27.76 9.90
C PHE C 396 1.16 27.15 8.55
N GLY C 397 0.14 26.87 7.73
CA GLY C 397 0.35 26.19 6.47
C GLY C 397 1.15 27.00 5.47
N ILE C 398 0.99 28.33 5.47
CA ILE C 398 1.76 29.17 4.55
C ILE C 398 3.26 28.99 4.81
N LEU C 399 3.67 29.10 6.07
CA LEU C 399 5.07 28.94 6.42
C LEU C 399 5.54 27.51 6.14
N ILE C 400 4.74 26.52 6.52
CA ILE C 400 5.15 25.13 6.34
C ILE C 400 5.33 24.81 4.86
N GLY C 401 4.41 25.28 4.01
CA GLY C 401 4.50 25.04 2.59
C GLY C 401 5.53 25.86 1.87
N ARG C 402 5.91 27.01 2.41
CA ARG C 402 7.04 27.74 1.85
C ARG C 402 8.38 27.18 2.30
N LEU C 403 8.40 26.44 3.41
CA LEU C 403 9.65 25.83 3.87
C LEU C 403 10.17 24.78 2.89
N LEU C 404 9.28 23.95 2.33
CA LEU C 404 9.72 22.83 1.52
C LEU C 404 10.46 23.24 0.25
N PRO C 405 9.92 24.12 -0.61
CA PRO C 405 10.72 24.55 -1.77
C PRO C 405 11.99 25.29 -1.39
N GLN C 406 12.02 25.93 -0.22
CA GLN C 406 13.25 26.58 0.24
C GLN C 406 14.35 25.55 0.50
N VAL C 407 14.00 24.47 1.19
CA VAL C 407 14.99 23.42 1.45
C VAL C 407 15.39 22.73 0.16
N LEU C 408 14.44 22.55 -0.76
CA LEU C 408 14.78 21.95 -2.05
C LEU C 408 15.68 22.85 -2.87
N ASN C 409 15.51 24.17 -2.76
CA ASN C 409 16.38 25.10 -3.47
C ASN C 409 17.77 25.12 -2.85
N SER C 410 17.86 24.97 -1.53
CA SER C 410 19.17 24.96 -0.88
C SER C 410 20.02 23.79 -1.36
N TRP C 411 19.47 22.58 -1.29
CA TRP C 411 20.22 21.37 -1.66
C TRP C 411 19.79 20.91 -3.05
N SER C 412 20.18 21.70 -4.04
CA SER C 412 19.94 21.37 -5.44
C SER C 412 21.21 21.58 -6.25
N ILE C 413 21.47 20.67 -7.18
CA ILE C 413 22.64 20.78 -8.05
C ILE C 413 22.26 20.30 -9.44
N GLY C 421 24.11 7.06 -15.01
CA GLY C 421 24.10 6.24 -13.81
C GLY C 421 24.73 6.93 -12.62
N GLN C 422 24.86 8.26 -12.72
CA GLN C 422 25.46 9.06 -11.67
C GLN C 422 24.39 9.59 -10.73
N GLU C 423 24.54 9.31 -9.44
CA GLU C 423 23.56 9.75 -8.45
C GLU C 423 23.71 11.24 -8.19
N ARG C 424 22.59 11.96 -8.21
CA ARG C 424 22.60 13.36 -7.83
C ARG C 424 22.76 13.48 -6.32
N PRO C 425 23.47 14.50 -5.84
CA PRO C 425 23.74 14.60 -4.40
C PRO C 425 22.51 15.06 -3.63
N TYR C 426 22.62 14.94 -2.30
CA TYR C 426 21.62 15.42 -1.36
C TYR C 426 20.28 14.72 -1.51
N SER C 427 20.31 13.47 -2.01
CA SER C 427 19.08 12.71 -2.19
C SER C 427 18.38 12.40 -0.87
N THR C 428 19.13 12.34 0.23
CA THR C 428 18.52 12.07 1.53
C THR C 428 17.68 13.26 2.00
N VAL C 429 18.14 14.48 1.74
CA VAL C 429 17.40 15.66 2.15
C VAL C 429 16.14 15.83 1.30
N ARG C 430 16.26 15.64 -0.01
CA ARG C 430 15.10 15.77 -0.89
C ARG C 430 14.06 14.70 -0.60
N THR C 431 14.49 13.47 -0.33
CA THR C 431 13.56 12.42 0.05
C THR C 431 12.85 12.75 1.35
N LYS C 432 13.57 13.34 2.31
CA LYS C 432 12.95 13.74 3.56
C LYS C 432 11.93 14.85 3.34
N VAL C 433 12.24 15.80 2.45
CA VAL C 433 11.28 16.86 2.13
C VAL C 433 10.02 16.28 1.50
N TYR C 434 10.19 15.34 0.58
CA TYR C 434 9.02 14.73 -0.07
C TYR C 434 8.22 13.89 0.91
N ALA C 435 8.89 13.23 1.85
CA ALA C 435 8.18 12.50 2.89
C ALA C 435 7.40 13.45 3.79
N ILE C 436 7.97 14.62 4.09
CA ILE C 436 7.26 15.62 4.88
C ILE C 436 6.03 16.11 4.13
N LEU C 437 6.17 16.33 2.81
CA LEU C 437 5.03 16.74 1.99
C LEU C 437 3.93 15.69 2.02
N GLU C 438 4.31 14.41 1.87
CA GLU C 438 3.33 13.33 1.92
C GLU C 438 2.63 13.27 3.27
N LEU C 439 3.39 13.41 4.36
CA LEU C 439 2.80 13.39 5.70
C LEU C 439 1.85 14.57 5.90
N TRP C 440 2.24 15.75 5.41
CA TRP C 440 1.39 16.93 5.53
C TRP C 440 0.08 16.75 4.80
N VAL C 441 0.12 16.19 3.59
CA VAL C 441 -1.12 15.92 2.87
C VAL C 441 -1.93 14.85 3.59
N GLN C 442 -1.26 13.87 4.20
CA GLN C 442 -1.97 12.82 4.93
C GLN C 442 -2.74 13.38 6.12
N VAL C 443 -2.12 14.29 6.88
CA VAL C 443 -2.80 14.80 8.06
C VAL C 443 -3.80 15.91 7.70
N CYS C 444 -3.58 16.62 6.59
CA CYS C 444 -4.45 17.73 6.22
C CYS C 444 -5.48 17.37 5.16
N GLY C 445 -5.24 16.30 4.39
CA GLY C 445 -6.20 15.91 3.37
C GLY C 445 -6.32 16.96 2.28
N ALA C 446 -7.57 17.32 1.96
CA ALA C 446 -7.84 18.31 0.93
C ALA C 446 -7.59 19.73 1.39
N SER C 447 -7.39 19.96 2.69
CA SER C 447 -7.09 21.27 3.23
C SER C 447 -5.60 21.60 3.18
N ALA C 448 -4.78 20.70 2.65
CA ALA C 448 -3.33 20.88 2.68
C ALA C 448 -2.91 22.16 1.98
N GLY C 449 -3.57 22.50 0.87
CA GLY C 449 -3.23 23.70 0.14
C GLY C 449 -1.99 23.59 -0.70
N MET C 450 -1.49 22.38 -0.94
CA MET C 450 -0.27 22.19 -1.71
C MET C 450 -0.56 22.29 -3.21
N LEU C 451 0.43 22.79 -3.95
CA LEU C 451 0.37 22.85 -5.41
C LEU C 451 -0.76 23.75 -5.91
N GLN C 452 -1.17 24.73 -5.11
CA GLN C 452 -2.33 25.58 -5.42
C GLN C 452 -1.89 27.04 -5.42
N GLY C 453 -1.36 27.50 -6.53
CA GLY C 453 -1.06 28.91 -6.71
C GLY C 453 0.13 29.40 -5.91
N GLY C 454 0.78 30.45 -6.40
CA GLY C 454 1.84 31.10 -5.67
C GLY C 454 3.22 30.63 -6.10
N ALA C 455 4.21 31.45 -5.74
CA ALA C 455 5.59 31.12 -6.06
C ALA C 455 6.03 29.85 -5.35
N SER C 456 5.59 29.66 -4.10
CA SER C 456 5.94 28.46 -3.36
C SER C 456 5.40 27.21 -4.03
N GLY C 457 4.13 27.25 -4.46
CA GLY C 457 3.55 26.10 -5.14
C GLY C 457 4.20 25.84 -6.48
N GLU C 458 4.49 26.89 -7.24
CA GLU C 458 5.15 26.72 -8.52
C GLU C 458 6.54 26.13 -8.36
N ALA C 459 7.29 26.61 -7.36
CA ALA C 459 8.63 26.09 -7.10
C ALA C 459 8.59 24.64 -6.66
N LEU C 460 7.64 24.29 -5.79
CA LEU C 460 7.51 22.90 -5.36
C LEU C 460 7.16 22.00 -6.53
N LEU C 461 6.26 22.45 -7.41
CA LEU C 461 5.93 21.65 -8.59
C LEU C 461 7.12 21.48 -9.51
N THR C 462 7.90 22.55 -9.71
CA THR C 462 9.08 22.46 -10.56
C THR C 462 10.10 21.49 -9.98
N HIS C 463 10.28 21.52 -8.65
CA HIS C 463 11.18 20.56 -8.01
C HIS C 463 10.66 19.14 -8.15
N LEU C 464 9.36 18.93 -7.97
CA LEU C 464 8.79 17.59 -8.05
C LEU C 464 8.91 17.03 -9.46
N LEU C 465 8.70 17.85 -10.48
CA LEU C 465 8.73 17.37 -11.85
C LEU C 465 10.14 16.97 -12.29
N SER C 466 11.16 17.66 -11.78
CA SER C 466 12.53 17.35 -12.17
C SER C 466 13.04 16.08 -11.52
N ASP C 467 12.54 15.73 -10.34
CA ASP C 467 12.99 14.53 -9.65
C ASP C 467 12.32 13.27 -10.14
N ILE C 468 11.22 13.38 -10.90
CA ILE C 468 10.55 12.22 -11.48
C ILE C 468 10.83 12.08 -12.97
N SER C 469 11.49 13.05 -13.59
CA SER C 469 11.81 12.96 -15.01
C SER C 469 12.93 11.95 -15.23
N PRO C 470 12.87 11.16 -16.29
CA PRO C 470 13.96 10.25 -16.61
C PRO C 470 15.17 11.02 -17.11
N PRO C 471 16.36 10.41 -17.09
CA PRO C 471 17.56 11.12 -17.55
C PRO C 471 17.45 11.54 -19.01
N ALA C 472 18.01 12.70 -19.32
CA ALA C 472 17.99 13.24 -20.68
C ALA C 472 19.36 13.77 -21.07
N ARG C 513 30.89 3.10 -18.79
CA ARG C 513 30.83 3.95 -17.60
C ARG C 513 30.50 3.14 -16.35
N LYS C 514 30.85 3.69 -15.19
CA LYS C 514 30.59 3.06 -13.90
C LYS C 514 29.43 3.78 -13.22
N GLY C 515 28.46 3.01 -12.74
CA GLY C 515 27.31 3.60 -12.08
C GLY C 515 26.24 2.56 -11.84
N ASP C 516 25.04 3.05 -11.57
CA ASP C 516 23.88 2.20 -11.31
C ASP C 516 22.79 2.49 -12.32
N SER C 517 22.14 1.42 -12.80
CA SER C 517 21.06 1.59 -13.77
C SER C 517 19.83 2.23 -13.14
N ASN C 518 19.58 1.97 -11.86
CA ASN C 518 18.45 2.52 -11.14
C ASN C 518 18.80 3.79 -10.37
N ALA C 519 19.74 4.57 -10.89
CA ALA C 519 20.19 5.76 -10.19
C ALA C 519 19.06 6.78 -10.05
N ASN C 520 19.07 7.51 -8.94
CA ASN C 520 18.12 8.58 -8.67
C ASN C 520 16.69 8.05 -8.59
N SER C 521 16.53 6.84 -8.04
CA SER C 521 15.22 6.23 -7.90
C SER C 521 14.59 6.43 -6.53
N ASP C 522 15.38 6.80 -5.52
CA ASP C 522 14.81 7.08 -4.21
C ASP C 522 14.08 8.43 -4.21
N VAL C 523 14.69 9.45 -4.80
CA VAL C 523 14.02 10.75 -4.91
C VAL C 523 12.85 10.67 -5.88
N CYS C 524 12.99 9.87 -6.94
CA CYS C 524 11.89 9.71 -7.90
C CYS C 524 10.68 9.08 -7.22
N ALA C 525 10.88 8.04 -6.42
CA ALA C 525 9.77 7.38 -5.75
C ALA C 525 9.12 8.30 -4.72
N ALA C 526 9.92 9.01 -3.92
CA ALA C 526 9.35 9.89 -2.91
C ALA C 526 8.58 11.04 -3.55
N ALA C 527 9.14 11.64 -4.60
CA ALA C 527 8.43 12.70 -5.30
C ALA C 527 7.15 12.18 -5.95
N LEU C 528 7.19 10.97 -6.49
CA LEU C 528 6.00 10.37 -7.07
C LEU C 528 4.92 10.15 -6.01
N ARG C 529 5.30 9.66 -4.84
CA ARG C 529 4.32 9.49 -3.75
C ARG C 529 3.74 10.82 -3.31
N GLY C 530 4.58 11.83 -3.16
CA GLY C 530 4.07 13.15 -2.77
C GLY C 530 3.10 13.71 -3.80
N LEU C 531 3.47 13.63 -5.08
CA LEU C 531 2.59 14.12 -6.14
C LEU C 531 1.28 13.35 -6.19
N SER C 532 1.35 12.02 -6.08
CA SER C 532 0.14 11.21 -6.14
C SER C 532 -0.79 11.50 -4.96
N ARG C 533 -0.23 11.61 -3.75
CA ARG C 533 -1.04 11.91 -2.58
C ARG C 533 -1.68 13.30 -2.71
N THR C 534 -0.91 14.29 -3.17
CA THR C 534 -1.45 15.63 -3.34
C THR C 534 -2.56 15.66 -4.38
N ILE C 535 -2.38 14.95 -5.49
CA ILE C 535 -3.39 14.96 -6.54
C ILE C 535 -4.65 14.24 -6.10
N LEU C 536 -4.49 13.12 -5.37
CA LEU C 536 -5.67 12.41 -4.89
C LEU C 536 -6.44 13.26 -3.87
N MET C 537 -5.73 13.98 -3.00
CA MET C 537 -6.41 14.79 -2.00
C MET C 537 -6.82 16.17 -2.51
N CYS C 538 -5.91 16.88 -3.18
CA CYS C 538 -6.12 18.28 -3.55
C CYS C 538 -6.35 18.48 -5.04
N GLY C 539 -6.56 17.41 -5.81
CA GLY C 539 -6.63 17.48 -7.24
C GLY C 539 -7.69 18.38 -7.83
N PRO C 540 -8.94 18.26 -7.36
CA PRO C 540 -9.99 19.15 -7.89
C PRO C 540 -9.73 20.62 -7.67
N LEU C 541 -9.06 20.99 -6.57
CA LEU C 541 -8.75 22.40 -6.31
C LEU C 541 -7.52 22.87 -7.07
N ILE C 542 -6.69 21.95 -7.57
CA ILE C 542 -5.52 22.33 -8.34
C ILE C 542 -5.96 22.77 -9.75
N LYS C 543 -5.29 23.78 -10.28
CA LYS C 543 -5.67 24.35 -11.56
C LYS C 543 -5.46 23.34 -12.69
N GLU C 544 -6.17 23.56 -13.80
CA GLU C 544 -6.14 22.62 -14.90
C GLU C 544 -4.84 22.68 -15.70
N GLU C 545 -4.10 23.79 -15.61
CA GLU C 545 -2.79 23.85 -16.25
C GLU C 545 -1.83 22.84 -15.63
N THR C 546 -1.85 22.71 -14.30
CA THR C 546 -1.02 21.71 -13.65
C THR C 546 -1.44 20.29 -14.04
N HIS C 547 -2.75 20.06 -14.17
CA HIS C 547 -3.22 18.74 -14.58
C HIS C 547 -2.78 18.40 -15.99
N ARG C 548 -2.83 19.38 -16.90
CA ARG C 548 -2.32 19.14 -18.25
C ARG C 548 -0.81 18.93 -18.25
N ARG C 549 -0.10 19.67 -17.40
CA ARG C 549 1.35 19.48 -17.29
C ARG C 549 1.68 18.07 -16.84
N LEU C 550 0.90 17.53 -15.90
CA LEU C 550 1.13 16.17 -15.43
C LEU C 550 0.70 15.15 -16.48
N HIS C 551 -0.38 15.43 -17.22
CA HIS C 551 -0.83 14.52 -18.27
C HIS C 551 0.20 14.44 -19.39
N ASP C 552 0.78 15.57 -19.78
CA ASP C 552 1.74 15.61 -20.87
C ASP C 552 3.07 14.94 -20.53
N LEU C 553 3.33 14.68 -19.25
CA LEU C 553 4.57 14.05 -18.82
C LEU C 553 4.39 12.62 -18.34
N VAL C 554 3.33 12.34 -17.59
CA VAL C 554 3.13 11.00 -17.04
C VAL C 554 2.78 10.01 -18.14
N LEU C 555 1.89 10.41 -19.07
CA LEU C 555 1.43 9.48 -20.10
C LEU C 555 2.54 9.01 -21.03
N PRO C 556 3.41 9.89 -21.57
CA PRO C 556 4.56 9.36 -22.32
C PRO C 556 5.49 8.50 -21.48
N LEU C 557 5.54 8.76 -20.17
CA LEU C 557 6.46 8.02 -19.31
C LEU C 557 5.98 6.59 -19.06
N VAL C 558 4.68 6.42 -18.78
CA VAL C 558 4.17 5.09 -18.45
C VAL C 558 4.30 4.16 -19.65
N MET C 559 3.96 4.65 -20.83
CA MET C 559 4.12 3.85 -22.04
C MET C 559 5.54 3.87 -22.58
N GLY C 560 6.38 4.79 -22.11
CA GLY C 560 7.78 4.76 -22.49
C GLY C 560 8.59 3.71 -21.76
N VAL C 561 8.19 3.38 -20.52
CA VAL C 561 8.84 2.29 -19.80
C VAL C 561 8.30 0.92 -20.20
N GLN C 562 7.23 0.89 -20.99
CA GLN C 562 6.68 -0.36 -21.50
C GLN C 562 7.29 -0.75 -22.84
N GLN C 563 7.57 0.23 -23.69
CA GLN C 563 8.19 -0.03 -24.99
C GLN C 563 9.32 0.97 -25.26
N GLY C 568 19.43 3.10 -20.99
CA GLY C 568 20.31 2.34 -20.13
C GLY C 568 20.07 2.55 -18.65
N SER C 569 20.34 3.77 -18.18
CA SER C 569 20.16 4.13 -16.78
C SER C 569 18.92 5.00 -16.65
N SER C 570 18.05 4.64 -15.70
CA SER C 570 16.80 5.37 -15.47
C SER C 570 16.29 5.02 -14.09
N PRO C 571 15.67 5.95 -13.37
CA PRO C 571 15.02 5.58 -12.10
C PRO C 571 13.86 4.63 -12.28
N TYR C 572 13.30 4.54 -13.49
CA TYR C 572 12.15 3.70 -13.76
C TYR C 572 12.53 2.28 -14.14
N THR C 573 13.82 1.94 -14.14
CA THR C 573 14.20 0.54 -14.13
C THR C 573 13.84 -0.12 -12.81
N SER C 574 13.59 0.67 -11.77
CA SER C 574 13.10 0.15 -10.50
C SER C 574 11.60 -0.08 -10.57
N SER C 575 11.16 -1.22 -10.04
CA SER C 575 9.73 -1.52 -10.04
C SER C 575 8.97 -0.65 -9.05
N ARG C 576 9.64 -0.18 -8.00
CA ARG C 576 9.02 0.74 -7.06
C ARG C 576 8.62 2.04 -7.75
N CYS C 577 9.52 2.58 -8.58
CA CYS C 577 9.22 3.81 -9.29
C CYS C 577 8.11 3.61 -10.32
N ARG C 578 8.12 2.47 -11.02
CA ARG C 578 7.05 2.19 -11.97
C ARG C 578 5.70 2.07 -11.27
N ARG C 579 5.67 1.40 -10.13
CA ARG C 579 4.42 1.27 -9.37
C ARG C 579 3.95 2.63 -8.87
N GLU C 580 4.87 3.49 -8.42
CA GLU C 580 4.48 4.81 -7.97
C GLU C 580 4.02 5.70 -9.12
N LEU C 581 4.59 5.53 -10.31
CA LEU C 581 4.12 6.26 -11.48
C LEU C 581 2.72 5.82 -11.88
N TYR C 582 2.44 4.51 -11.78
CA TYR C 582 1.09 4.03 -12.06
C TYR C 582 0.11 4.53 -11.00
N CYS C 583 0.54 4.63 -9.74
CA CYS C 583 -0.30 5.21 -8.71
C CYS C 583 -0.60 6.68 -9.00
N LEU C 584 0.40 7.42 -9.50
CA LEU C 584 0.17 8.81 -9.88
C LEU C 584 -0.82 8.90 -11.04
N LEU C 585 -0.71 8.00 -12.02
CA LEU C 585 -1.67 7.97 -13.12
C LEU C 585 -3.09 7.71 -12.62
N LEU C 586 -3.24 6.76 -11.71
CA LEU C 586 -4.55 6.48 -11.15
C LEU C 586 -5.08 7.66 -10.36
N ALA C 587 -4.21 8.34 -9.62
CA ALA C 587 -4.63 9.53 -8.87
C ALA C 587 -5.08 10.65 -9.82
N LEU C 588 -4.38 10.81 -10.95
CA LEU C 588 -4.78 11.80 -11.93
C LEU C 588 -6.13 11.44 -12.54
N LEU C 589 -6.39 10.15 -12.72
CA LEU C 589 -7.70 9.73 -13.21
C LEU C 589 -8.80 9.99 -12.19
N LEU C 590 -8.54 9.69 -10.92
CA LEU C 590 -9.60 9.69 -9.91
C LEU C 590 -10.00 11.10 -9.47
N ALA C 591 -9.06 12.04 -9.42
CA ALA C 591 -9.33 13.41 -8.95
C ALA C 591 -8.83 14.41 -9.98
N PRO C 592 -9.54 14.55 -11.10
CA PRO C 592 -9.14 15.51 -12.12
C PRO C 592 -9.66 16.91 -11.82
N SER C 593 -9.21 17.85 -12.64
CA SER C 593 -9.77 19.19 -12.60
C SER C 593 -11.14 19.19 -13.25
N PRO C 594 -12.10 19.98 -12.74
CA PRO C 594 -13.42 20.05 -13.39
C PRO C 594 -13.36 20.56 -14.81
N ARG C 595 -12.33 21.33 -15.17
CA ARG C 595 -12.19 21.89 -16.50
C ARG C 595 -11.24 21.10 -17.39
N CYS C 596 -10.79 19.94 -16.94
CA CYS C 596 -9.83 19.13 -17.69
C CYS C 596 -10.17 17.65 -17.53
N PRO C 597 -10.78 17.04 -18.55
CA PRO C 597 -11.02 15.59 -18.50
C PRO C 597 -9.72 14.82 -18.60
N PRO C 598 -9.52 13.82 -17.74
CA PRO C 598 -8.28 13.04 -17.80
C PRO C 598 -8.27 12.12 -18.99
N PRO C 599 -7.09 11.76 -19.50
CA PRO C 599 -6.99 10.83 -20.65
C PRO C 599 -7.25 9.38 -20.24
N LEU C 600 -8.55 9.03 -20.20
CA LEU C 600 -8.95 7.72 -19.69
C LEU C 600 -8.49 6.59 -20.59
N ALA C 601 -8.59 6.74 -21.91
CA ALA C 601 -8.25 5.66 -22.82
C ALA C 601 -6.75 5.35 -22.78
N CYS C 602 -5.91 6.38 -22.80
CA CYS C 602 -4.47 6.17 -22.74
C CYS C 602 -4.06 5.55 -21.41
N ALA C 603 -4.69 5.98 -20.32
CA ALA C 603 -4.40 5.39 -19.01
C ALA C 603 -4.85 3.93 -18.95
N LEU C 604 -5.99 3.62 -19.59
CA LEU C 604 -6.43 2.23 -19.66
C LEU C 604 -5.44 1.37 -20.41
N GLN C 605 -4.93 1.89 -21.54
CA GLN C 605 -3.90 1.16 -22.28
C GLN C 605 -2.64 0.97 -21.44
N ALA C 606 -2.24 2.00 -20.70
CA ALA C 606 -1.06 1.89 -19.85
C ALA C 606 -1.26 0.85 -18.75
N PHE C 607 -2.43 0.83 -18.11
CA PHE C 607 -2.71 -0.17 -17.07
C PHE C 607 -2.81 -1.57 -17.66
N SER C 608 -3.30 -1.70 -18.89
CA SER C 608 -3.33 -3.01 -19.54
C SER C 608 -1.93 -3.51 -19.85
N LEU C 609 -1.06 -2.62 -20.34
CA LEU C 609 0.33 -3.01 -20.60
C LEU C 609 1.05 -3.36 -19.30
N GLY C 610 0.82 -2.58 -18.25
CA GLY C 610 1.52 -2.80 -16.99
C GLY C 610 1.08 -4.03 -16.23
N GLN C 611 -0.14 -4.51 -16.47
CA GLN C 611 -0.61 -5.73 -15.83
C GLN C 611 0.02 -6.98 -16.45
N ARG C 612 0.66 -6.85 -17.60
CA ARG C 612 1.41 -7.93 -18.22
C ARG C 612 2.90 -7.85 -17.92
N GLU C 613 3.29 -7.00 -16.98
CA GLU C 613 4.69 -6.85 -16.61
C GLU C 613 5.19 -8.09 -15.87
N ASP C 614 6.51 -8.26 -15.89
CA ASP C 614 7.13 -9.37 -15.17
C ASP C 614 7.08 -9.15 -13.66
N SER C 615 7.19 -7.91 -13.22
CA SER C 615 7.16 -7.62 -11.78
C SER C 615 5.77 -7.82 -11.21
N LEU C 616 5.66 -8.58 -10.13
CA LEU C 616 4.37 -8.82 -9.50
C LEU C 616 3.79 -7.55 -8.90
N GLU C 617 4.65 -6.71 -8.33
CA GLU C 617 4.21 -5.44 -7.76
C GLU C 617 3.43 -4.61 -8.79
N VAL C 618 4.10 -4.29 -9.90
CA VAL C 618 3.50 -3.43 -10.91
C VAL C 618 2.27 -4.07 -11.53
N SER C 619 2.35 -5.37 -11.85
CA SER C 619 1.24 -6.04 -12.53
C SER C 619 0.01 -6.14 -11.64
N SER C 620 0.20 -6.51 -10.37
CA SER C 620 -0.94 -6.59 -9.46
C SER C 620 -1.54 -5.22 -9.20
N PHE C 621 -0.70 -4.19 -9.05
CA PHE C 621 -1.24 -2.85 -8.88
C PHE C 621 -2.04 -2.43 -10.11
N CYS C 622 -1.55 -2.78 -11.31
CA CYS C 622 -2.26 -2.41 -12.53
C CYS C 622 -3.58 -3.17 -12.64
N SER C 623 -3.63 -4.40 -12.15
CA SER C 623 -4.90 -5.13 -12.13
C SER C 623 -5.92 -4.44 -11.23
N GLU C 624 -5.52 -4.07 -10.02
CA GLU C 624 -6.45 -3.37 -9.13
C GLU C 624 -6.84 -2.01 -9.70
N ALA C 625 -5.88 -1.30 -10.31
CA ALA C 625 -6.18 -0.03 -10.95
C ALA C 625 -7.14 -0.20 -12.11
N LEU C 626 -7.06 -1.33 -12.82
CA LEU C 626 -8.01 -1.61 -13.89
C LEU C 626 -9.40 -1.89 -13.34
N VAL C 627 -9.49 -2.52 -12.16
CA VAL C 627 -10.80 -2.66 -11.52
C VAL C 627 -11.38 -1.28 -11.19
N THR C 628 -10.55 -0.40 -10.63
CA THR C 628 -11.02 0.95 -10.32
C THR C 628 -11.41 1.72 -11.59
N CYS C 629 -10.64 1.54 -12.66
CA CYS C 629 -10.97 2.20 -13.92
C CYS C 629 -12.22 1.62 -14.57
N ALA C 630 -12.51 0.34 -14.34
CA ALA C 630 -13.80 -0.22 -14.75
C ALA C 630 -14.94 0.44 -14.00
N ALA C 631 -14.74 0.68 -12.69
CA ALA C 631 -15.72 1.46 -11.94
C ALA C 631 -15.87 2.86 -12.53
N LEU C 632 -14.77 3.44 -13.00
CA LEU C 632 -14.82 4.76 -13.65
C LEU C 632 -15.51 4.72 -15.01
N THR C 633 -15.46 3.58 -15.70
CA THR C 633 -15.93 3.49 -17.08
C THR C 633 -17.37 2.98 -17.20
N HIS C 634 -17.80 2.12 -16.28
CA HIS C 634 -19.15 1.55 -16.30
C HIS C 634 -19.93 2.05 -15.10
N PRO C 635 -20.60 3.20 -15.20
CA PRO C 635 -21.32 3.74 -14.06
C PRO C 635 -22.51 2.88 -13.66
N ARG C 636 -22.79 2.85 -12.36
CA ARG C 636 -23.96 2.19 -11.83
C ARG C 636 -25.10 3.16 -11.54
N VAL C 637 -24.87 4.46 -11.69
CA VAL C 637 -25.89 5.48 -11.47
C VAL C 637 -26.01 6.31 -12.75
N PRO C 638 -27.22 6.74 -13.14
CA PRO C 638 -27.39 7.64 -14.29
C PRO C 638 -26.67 8.97 -14.10
N SER D 31 36.87 25.34 -5.17
CA SER D 31 35.67 24.56 -5.45
C SER D 31 35.08 23.98 -4.17
N GLY D 32 33.76 23.79 -4.17
CA GLY D 32 33.06 23.24 -3.03
C GLY D 32 33.50 21.84 -2.65
N PRO D 33 33.35 20.87 -3.56
CA PRO D 33 33.76 19.50 -3.24
C PRO D 33 35.24 19.36 -2.92
N ARG D 34 36.11 20.16 -3.53
CA ARG D 34 37.53 20.09 -3.21
C ARG D 34 37.79 20.53 -1.77
N LEU D 35 37.14 21.61 -1.32
CA LEU D 35 37.28 22.05 0.05
C LEU D 35 36.73 21.01 1.02
N ARG D 36 35.58 20.42 0.70
CA ARG D 36 34.98 19.42 1.57
C ARG D 36 35.79 18.13 1.60
N LEU D 37 36.62 17.89 0.58
CA LEU D 37 37.52 16.74 0.61
C LEU D 37 38.76 17.04 1.42
N LEU D 38 39.37 18.22 1.19
CA LEU D 38 40.55 18.61 1.94
C LEU D 38 40.25 18.76 3.42
N LEU D 39 39.01 19.07 3.77
CA LEU D 39 38.64 19.18 5.18
C LEU D 39 38.85 17.85 5.91
N LEU D 40 38.28 16.75 5.39
CA LEU D 40 38.48 15.47 6.04
C LEU D 40 39.87 14.91 5.80
N GLU D 41 40.55 15.34 4.74
CA GLU D 41 41.94 14.96 4.58
C GLU D 41 42.78 15.54 5.71
N SER D 42 42.54 16.80 6.08
CA SER D 42 43.28 17.41 7.18
C SER D 42 42.81 16.88 8.52
N VAL D 43 41.53 16.54 8.64
CA VAL D 43 41.04 15.98 9.90
C VAL D 43 41.68 14.63 10.17
N SER D 44 41.73 13.77 9.14
CA SER D 44 42.34 12.45 9.29
C SER D 44 43.87 12.54 9.30
N GLY D 45 44.43 13.43 8.49
CA GLY D 45 45.87 13.59 8.41
C GLY D 45 46.36 14.88 9.04
N SER D 64 39.32 10.67 16.29
CA SER D 64 38.90 10.87 14.91
C SER D 64 38.25 9.60 14.35
N ALA D 65 38.74 8.44 14.80
CA ALA D 65 38.19 7.18 14.32
C ALA D 65 36.71 7.00 14.65
N PRO D 66 36.21 7.30 15.86
CA PRO D 66 34.77 7.17 16.09
C PRO D 66 33.92 8.06 15.20
N HIS D 67 34.46 9.19 14.74
CA HIS D 67 33.72 10.08 13.86
C HIS D 67 33.85 9.72 12.38
N LEU D 68 34.70 8.75 12.03
CA LEU D 68 34.97 8.48 10.63
C LEU D 68 33.75 7.97 9.86
N PRO D 69 32.95 7.02 10.37
CA PRO D 69 31.75 6.62 9.61
C PRO D 69 30.82 7.78 9.31
N GLY D 70 30.63 8.69 10.26
CA GLY D 70 29.80 9.87 10.01
C GLY D 70 30.41 10.78 8.98
N LEU D 71 31.74 10.94 9.01
CA LEU D 71 32.41 11.76 8.01
C LEU D 71 32.26 11.17 6.62
N MET D 72 32.38 9.85 6.50
CA MET D 72 32.19 9.20 5.20
C MET D 72 30.76 9.35 4.71
N CYS D 73 29.79 9.21 5.62
CA CYS D 73 28.39 9.40 5.25
C CYS D 73 28.14 10.83 4.77
N LEU D 74 28.71 11.81 5.47
CA LEU D 74 28.55 13.20 5.07
C LEU D 74 29.21 13.47 3.72
N LEU D 75 30.40 12.92 3.50
CA LEU D 75 31.09 13.12 2.24
C LEU D 75 30.34 12.47 1.08
N ARG D 76 29.67 11.34 1.35
CA ARG D 76 28.83 10.71 0.34
C ARG D 76 27.57 11.53 0.08
N LEU D 77 27.03 12.18 1.13
CA LEU D 77 25.83 12.99 0.96
C LEU D 77 26.08 14.16 0.02
N HIS D 78 27.23 14.81 0.14
CA HIS D 78 27.57 15.94 -0.72
C HIS D 78 27.96 15.52 -2.13
N GLY D 79 28.28 14.25 -2.34
CA GLY D 79 28.79 13.81 -3.63
C GLY D 79 30.13 14.40 -3.98
N SER D 80 31.04 14.49 -3.01
CA SER D 80 32.34 15.13 -3.25
C SER D 80 33.25 14.23 -4.07
N VAL D 81 33.24 12.92 -3.83
CA VAL D 81 34.09 12.01 -4.57
C VAL D 81 33.63 11.89 -6.02
N GLY D 82 32.33 11.72 -6.22
CA GLY D 82 31.77 11.62 -7.56
C GLY D 82 31.26 12.95 -8.09
N ALA D 89 43.28 15.90 -5.58
CA ALA D 89 42.02 15.81 -4.86
C ALA D 89 41.76 14.38 -4.37
N LEU D 90 41.32 13.52 -5.30
CA LEU D 90 41.04 12.14 -4.95
C LEU D 90 42.32 11.33 -4.77
N GLY D 91 43.41 11.75 -5.42
CA GLY D 91 44.67 11.05 -5.26
C GLY D 91 45.19 11.12 -3.84
N ALA D 92 44.97 12.26 -3.17
CA ALA D 92 45.36 12.36 -1.76
C ALA D 92 44.59 11.38 -0.91
N LEU D 93 43.28 11.23 -1.15
CA LEU D 93 42.49 10.27 -0.40
C LEU D 93 42.95 8.83 -0.69
N VAL D 94 43.27 8.54 -1.94
CA VAL D 94 43.75 7.20 -2.29
C VAL D 94 45.05 6.89 -1.57
N SER D 95 45.99 7.84 -1.58
CA SER D 95 47.26 7.64 -0.90
C SER D 95 47.07 7.51 0.61
N LEU D 96 46.17 8.31 1.19
CA LEU D 96 45.89 8.22 2.62
C LEU D 96 45.33 6.86 2.99
N SER D 97 44.37 6.34 2.19
CA SER D 97 43.82 5.03 2.45
C SER D 97 44.88 3.94 2.33
N ASN D 98 45.73 4.04 1.30
CA ASN D 98 46.80 3.05 1.13
C ASN D 98 47.76 3.08 2.31
N ALA D 99 48.10 4.28 2.79
CA ALA D 99 49.00 4.39 3.94
C ALA D 99 48.36 3.82 5.20
N ARG D 100 47.08 4.10 5.43
CA ARG D 100 46.42 3.60 6.63
C ARG D 100 46.17 2.09 6.58
N LEU D 101 46.09 1.51 5.39
CA LEU D 101 45.85 0.07 5.28
C LEU D 101 47.08 -0.78 5.62
N SER D 102 48.24 -0.15 5.79
CA SER D 102 49.48 -0.91 5.99
C SER D 102 49.57 -1.53 7.39
N SER D 103 49.04 -0.87 8.40
CA SER D 103 49.19 -1.30 9.78
C SER D 103 47.84 -1.72 10.37
N ILE D 104 47.90 -2.67 11.30
CA ILE D 104 46.68 -3.17 11.94
C ILE D 104 46.02 -2.07 12.78
N LYS D 105 46.84 -1.20 13.40
CA LYS D 105 46.32 -0.16 14.27
C LYS D 105 45.49 0.87 13.51
N THR D 106 45.67 0.99 12.19
CA THR D 106 44.96 1.97 11.38
C THR D 106 44.20 1.34 10.23
N ARG D 107 43.91 0.04 10.30
CA ARG D 107 43.28 -0.64 9.17
C ARG D 107 41.81 -0.25 9.03
N PHE D 108 41.14 0.07 10.13
CA PHE D 108 39.73 0.46 10.06
C PHE D 108 39.56 1.76 9.29
N GLU D 109 40.44 2.74 9.56
CA GLU D 109 40.37 4.02 8.85
C GLU D 109 40.64 3.83 7.36
N GLY D 110 41.64 3.02 7.03
CA GLY D 110 41.92 2.75 5.62
C GLY D 110 40.78 2.05 4.93
N LEU D 111 40.12 1.12 5.64
CA LEU D 111 38.99 0.41 5.05
C LEU D 111 37.79 1.33 4.87
N CYS D 112 37.57 2.25 5.80
CA CYS D 112 36.49 3.23 5.63
C CYS D 112 36.74 4.13 4.42
N LEU D 113 37.97 4.64 4.31
CA LEU D 113 38.31 5.46 3.15
C LEU D 113 38.19 4.67 1.86
N LEU D 114 38.61 3.40 1.88
CA LEU D 114 38.49 2.54 0.71
C LEU D 114 37.03 2.31 0.33
N SER D 115 36.17 2.10 1.33
CA SER D 115 34.75 1.91 1.03
C SER D 115 34.17 3.14 0.37
N LEU D 116 34.48 4.33 0.89
CA LEU D 116 33.99 5.55 0.27
C LEU D 116 34.52 5.70 -1.14
N LEU D 117 35.83 5.45 -1.34
CA LEU D 117 36.43 5.61 -2.65
C LEU D 117 35.84 4.64 -3.66
N VAL D 118 35.66 3.37 -3.26
CA VAL D 118 35.10 2.38 -4.16
C VAL D 118 33.67 2.73 -4.52
N GLY D 119 32.87 3.14 -3.53
CA GLY D 119 31.47 3.44 -3.79
C GLY D 119 31.27 4.65 -4.69
N GLU D 120 32.02 5.72 -4.44
CA GLU D 120 31.73 7.01 -5.06
C GLU D 120 32.75 7.44 -6.10
N SER D 121 33.60 6.52 -6.57
CA SER D 121 34.63 6.90 -7.53
C SER D 121 34.02 7.19 -8.90
N PRO D 122 34.65 8.07 -9.67
CA PRO D 122 34.32 8.17 -11.10
C PRO D 122 34.83 6.95 -11.85
N THR D 123 34.47 6.88 -13.13
CA THR D 123 34.86 5.73 -13.95
C THR D 123 36.38 5.65 -14.10
N GLU D 124 37.03 6.79 -14.34
CA GLU D 124 38.45 6.79 -14.61
C GLU D 124 39.27 6.40 -13.38
N LEU D 125 38.95 6.96 -12.21
CA LEU D 125 39.67 6.61 -10.99
C LEU D 125 39.45 5.14 -10.62
N PHE D 126 38.22 4.66 -10.77
CA PHE D 126 37.94 3.25 -10.48
C PHE D 126 38.73 2.35 -11.43
N GLN D 127 38.76 2.68 -12.72
CA GLN D 127 39.55 1.89 -13.66
C GLN D 127 41.03 1.93 -13.32
N GLN D 128 41.51 3.06 -12.81
CA GLN D 128 42.92 3.19 -12.47
C GLN D 128 43.29 2.35 -11.24
N HIS D 129 42.43 2.33 -10.22
CA HIS D 129 42.81 1.78 -8.92
C HIS D 129 42.07 0.50 -8.54
N CYS D 130 41.27 -0.09 -9.44
CA CYS D 130 40.47 -1.26 -9.06
C CYS D 130 41.35 -2.46 -8.70
N VAL D 131 42.38 -2.74 -9.51
CA VAL D 131 43.23 -3.90 -9.25
C VAL D 131 43.99 -3.73 -7.95
N SER D 132 44.52 -2.54 -7.71
CA SER D 132 45.24 -2.28 -6.45
C SER D 132 44.30 -2.39 -5.26
N TRP D 133 43.07 -1.90 -5.38
CA TRP D 133 42.11 -2.02 -4.30
C TRP D 133 41.76 -3.48 -4.03
N LEU D 134 41.62 -4.27 -5.08
CA LEU D 134 41.36 -5.70 -4.91
C LEU D 134 42.52 -6.39 -4.21
N ARG D 135 43.75 -6.05 -4.60
CA ARG D 135 44.92 -6.65 -3.94
C ARG D 135 45.00 -6.24 -2.48
N SER D 136 44.67 -4.99 -2.16
CA SER D 136 44.67 -4.55 -0.77
C SER D 136 43.60 -5.28 0.03
N ILE D 137 42.42 -5.47 -0.56
CA ILE D 137 41.35 -6.21 0.12
C ILE D 137 41.79 -7.65 0.38
N GLN D 138 42.43 -8.28 -0.60
CA GLN D 138 42.93 -9.64 -0.42
C GLN D 138 43.97 -9.69 0.70
N GLN D 139 44.89 -8.74 0.71
CA GLN D 139 45.92 -8.70 1.75
C GLN D 139 45.29 -8.56 3.12
N VAL D 140 44.28 -7.70 3.25
CA VAL D 140 43.55 -7.60 4.51
C VAL D 140 42.89 -8.93 4.85
N LEU D 141 42.34 -9.61 3.85
CA LEU D 141 41.69 -10.90 4.06
C LEU D 141 42.66 -11.98 4.50
N GLN D 142 43.97 -11.79 4.30
CA GLN D 142 44.92 -12.78 4.80
C GLN D 142 45.87 -12.19 5.85
N THR D 143 45.33 -11.44 6.83
CA THR D 143 46.14 -10.82 7.86
C THR D 143 45.87 -11.31 9.28
N GLN D 144 44.98 -12.30 9.46
CA GLN D 144 44.63 -12.80 10.79
C GLN D 144 44.07 -11.68 11.67
N ASP D 145 43.30 -10.79 11.07
CA ASP D 145 42.68 -9.65 11.73
C ASP D 145 41.37 -10.06 12.40
N PRO D 146 40.84 -9.23 13.30
CA PRO D 146 39.58 -9.58 13.94
C PRO D 146 38.47 -9.72 12.92
N PRO D 147 37.43 -10.49 13.23
CA PRO D 147 36.38 -10.76 12.23
C PRO D 147 35.69 -9.52 11.70
N ALA D 148 35.52 -8.47 12.51
CA ALA D 148 34.84 -7.28 12.05
C ALA D 148 35.60 -6.59 10.92
N THR D 149 36.93 -6.62 10.99
CA THR D 149 37.75 -6.11 9.89
C THR D 149 37.44 -6.89 8.61
N MET D 150 37.26 -8.20 8.72
CA MET D 150 36.95 -9.01 7.55
C MET D 150 35.54 -8.73 7.03
N GLU D 151 34.58 -8.48 7.91
CA GLU D 151 33.25 -8.08 7.46
C GLU D 151 33.31 -6.77 6.67
N LEU D 152 34.07 -5.80 7.18
CA LEU D 152 34.21 -4.53 6.46
C LEU D 152 34.91 -4.73 5.11
N ALA D 153 35.97 -5.54 5.09
CA ALA D 153 36.69 -5.80 3.85
C ALA D 153 35.79 -6.48 2.82
N VAL D 154 34.97 -7.44 3.27
CA VAL D 154 34.06 -8.13 2.36
C VAL D 154 32.97 -7.18 1.87
N ALA D 155 32.50 -6.29 2.75
CA ALA D 155 31.50 -5.30 2.31
C ALA D 155 32.07 -4.39 1.24
N VAL D 156 33.32 -3.97 1.38
CA VAL D 156 33.96 -3.17 0.34
C VAL D 156 34.13 -3.99 -0.94
N LEU D 157 34.56 -5.25 -0.79
CA LEU D 157 34.82 -6.09 -1.95
C LEU D 157 33.55 -6.39 -2.75
N ARG D 158 32.40 -6.47 -2.07
CA ARG D 158 31.14 -6.68 -2.77
C ARG D 158 30.89 -5.57 -3.79
N ASP D 159 31.00 -4.30 -3.35
CA ASP D 159 30.80 -3.18 -4.24
C ASP D 159 31.89 -3.11 -5.30
N LEU D 160 33.14 -3.41 -4.92
CA LEU D 160 34.23 -3.39 -5.88
C LEU D 160 34.00 -4.39 -7.01
N LEU D 161 33.57 -5.60 -6.66
CA LEU D 161 33.30 -6.62 -7.67
C LEU D 161 32.06 -6.27 -8.49
N ARG D 162 31.04 -5.68 -7.85
CA ARG D 162 29.85 -5.28 -8.57
C ARG D 162 30.17 -4.24 -9.65
N TYR D 163 30.97 -3.24 -9.29
CA TYR D 163 31.30 -2.18 -10.25
C TYR D 163 32.33 -2.63 -11.28
N ALA D 164 33.24 -3.53 -10.90
CA ALA D 164 34.27 -3.98 -11.83
C ALA D 164 33.68 -4.86 -12.94
N ALA D 165 32.59 -5.58 -12.64
CA ALA D 165 31.94 -6.41 -13.65
C ALA D 165 31.27 -5.58 -14.74
N GLN D 166 31.04 -4.30 -14.49
CA GLN D 166 30.42 -3.41 -15.48
C GLN D 166 31.41 -2.91 -16.52
N LEU D 167 32.70 -3.06 -16.29
CA LEU D 167 33.72 -2.54 -17.19
C LEU D 167 34.42 -3.71 -17.89
N PRO D 168 34.27 -3.84 -19.22
CA PRO D 168 34.74 -5.07 -19.89
C PRO D 168 36.22 -5.35 -19.72
N ALA D 169 37.08 -4.32 -19.78
CA ALA D 169 38.51 -4.55 -19.62
C ALA D 169 38.83 -5.00 -18.20
N LEU D 170 38.27 -4.31 -17.20
CA LEU D 170 38.47 -4.72 -15.81
C LEU D 170 37.88 -6.10 -15.56
N PHE D 171 36.70 -6.36 -16.12
CA PHE D 171 36.08 -7.68 -15.95
C PHE D 171 36.98 -8.78 -16.50
N ARG D 172 37.50 -8.58 -17.72
CA ARG D 172 38.39 -9.58 -18.32
C ARG D 172 39.64 -9.78 -17.49
N ASP D 173 40.30 -8.68 -17.11
CA ASP D 173 41.54 -8.78 -16.36
C ASP D 173 41.33 -9.48 -15.03
N ILE D 174 40.28 -9.11 -14.30
CA ILE D 174 40.03 -9.72 -13.01
C ILE D 174 39.68 -11.19 -13.16
N SER D 175 38.74 -11.51 -14.05
CA SER D 175 38.34 -12.91 -14.24
C SER D 175 39.52 -13.76 -14.67
N MET D 176 40.50 -13.18 -15.38
CA MET D 176 41.63 -13.97 -15.85
C MET D 176 42.72 -14.11 -14.81
N ASN D 177 42.97 -13.08 -13.99
CA ASN D 177 44.17 -13.05 -13.17
C ASN D 177 43.99 -12.87 -11.67
N HIS D 178 42.78 -12.58 -11.17
CA HIS D 178 42.63 -12.19 -9.78
C HIS D 178 41.52 -12.90 -9.02
N LEU D 179 40.51 -13.45 -9.69
CA LEU D 179 39.37 -13.99 -8.98
C LEU D 179 39.64 -15.35 -8.34
N PRO D 180 40.34 -16.27 -9.01
CA PRO D 180 40.68 -17.53 -8.32
C PRO D 180 41.50 -17.33 -7.06
N GLY D 181 42.45 -16.39 -7.05
CA GLY D 181 43.18 -16.10 -5.84
C GLY D 181 42.31 -15.50 -4.75
N LEU D 182 41.37 -14.65 -5.14
CA LEU D 182 40.42 -14.09 -4.18
C LEU D 182 39.56 -15.18 -3.57
N LEU D 183 39.11 -16.13 -4.39
CA LEU D 183 38.32 -17.25 -3.88
C LEU D 183 39.16 -18.12 -2.95
N THR D 184 40.43 -18.33 -3.28
CA THR D 184 41.31 -19.08 -2.39
C THR D 184 41.49 -18.38 -1.06
N SER D 185 41.65 -17.05 -1.08
CA SER D 185 41.77 -16.30 0.16
C SER D 185 40.49 -16.39 0.99
N LEU D 186 39.32 -16.32 0.34
CA LEU D 186 38.07 -16.46 1.06
C LEU D 186 37.91 -17.86 1.65
N LEU D 187 38.32 -18.89 0.91
CA LEU D 187 38.23 -20.26 1.40
C LEU D 187 39.23 -20.54 2.50
N GLY D 188 40.33 -19.78 2.56
CA GLY D 188 41.33 -19.95 3.59
C GLY D 188 41.13 -19.14 4.84
N LEU D 189 39.97 -18.49 4.98
CA LEU D 189 39.71 -17.68 6.17
C LEU D 189 39.52 -18.57 7.39
N ARG D 190 39.63 -17.95 8.57
CA ARG D 190 39.46 -18.66 9.82
C ARG D 190 37.99 -19.07 9.99
N PRO D 191 37.74 -20.12 10.78
CA PRO D 191 36.35 -20.50 11.06
C PRO D 191 35.55 -19.42 11.77
N GLU D 192 36.22 -18.49 12.45
CA GLU D 192 35.52 -17.39 13.10
C GLU D 192 34.98 -16.37 12.11
N CYS D 193 35.49 -16.37 10.88
CA CYS D 193 35.09 -15.43 9.84
C CYS D 193 34.37 -16.13 8.70
N GLU D 194 33.60 -17.18 9.00
CA GLU D 194 32.93 -17.95 7.95
C GLU D 194 31.77 -17.17 7.34
N GLN D 195 31.15 -16.26 8.10
CA GLN D 195 30.10 -15.42 7.56
C GLN D 195 30.64 -14.49 6.49
N SER D 196 31.78 -13.86 6.77
CA SER D 196 32.42 -12.98 5.79
C SER D 196 32.92 -13.79 4.59
N ALA D 197 33.43 -15.00 4.83
CA ALA D 197 33.85 -15.85 3.74
C ALA D 197 32.69 -16.19 2.82
N LEU D 198 31.54 -16.56 3.40
CA LEU D 198 30.36 -16.88 2.61
C LEU D 198 29.88 -15.66 1.83
N GLU D 199 29.89 -14.49 2.46
CA GLU D 199 29.49 -13.27 1.76
C GLU D 199 30.43 -12.97 0.59
N GLY D 200 31.73 -13.16 0.80
CA GLY D 200 32.69 -12.92 -0.28
C GLY D 200 32.51 -13.88 -1.44
N MET D 201 32.32 -15.17 -1.15
CA MET D 201 32.07 -16.12 -2.24
C MET D 201 30.75 -15.82 -2.95
N LYS D 202 29.73 -15.40 -2.21
CA LYS D 202 28.47 -15.02 -2.85
C LYS D 202 28.66 -13.86 -3.81
N ALA D 203 29.43 -12.85 -3.38
CA ALA D 203 29.74 -11.74 -4.28
C ALA D 203 30.53 -12.19 -5.49
N CYS D 204 31.49 -13.11 -5.29
CA CYS D 204 32.31 -13.58 -6.39
C CYS D 204 31.48 -14.33 -7.42
N MET D 205 30.58 -15.21 -6.99
CA MET D 205 29.76 -15.94 -7.94
C MET D 205 28.67 -15.07 -8.55
N THR D 206 28.24 -14.02 -7.85
CA THR D 206 27.20 -13.16 -8.39
C THR D 206 27.68 -12.41 -9.64
N TYR D 207 28.91 -11.92 -9.62
CA TYR D 207 29.41 -11.05 -10.68
C TYR D 207 30.48 -11.70 -11.56
N PHE D 208 31.15 -12.74 -11.07
CA PHE D 208 32.12 -13.50 -11.85
C PHE D 208 31.81 -14.99 -11.72
N PRO D 209 30.66 -15.44 -12.23
CA PRO D 209 30.33 -16.87 -12.09
C PRO D 209 31.12 -17.77 -13.00
N ARG D 210 31.57 -17.27 -14.16
CA ARG D 210 32.32 -18.10 -15.09
C ARG D 210 33.71 -18.40 -14.56
N ALA D 211 34.33 -17.46 -13.83
CA ALA D 211 35.65 -17.67 -13.28
C ALA D 211 35.63 -18.43 -11.95
N CYS D 212 34.45 -18.76 -11.43
CA CYS D 212 34.33 -19.56 -10.23
C CYS D 212 34.23 -21.06 -10.52
N GLY D 213 34.22 -21.45 -11.79
CA GLY D 213 34.00 -22.85 -12.12
C GLY D 213 35.18 -23.75 -11.81
N SER D 214 36.38 -23.18 -11.75
CA SER D 214 37.56 -23.99 -11.44
C SER D 214 37.57 -24.45 -9.98
N LEU D 215 36.94 -23.68 -9.09
CA LEU D 215 36.85 -24.01 -7.68
C LEU D 215 35.43 -24.42 -7.28
N LYS D 216 34.66 -24.92 -8.25
CA LYS D 216 33.25 -25.22 -8.00
C LYS D 216 33.09 -26.34 -6.97
N GLY D 217 33.97 -27.35 -7.01
CA GLY D 217 33.86 -28.43 -6.04
C GLY D 217 34.14 -27.99 -4.62
N LYS D 218 35.19 -27.19 -4.43
CA LYS D 218 35.49 -26.67 -3.09
C LYS D 218 34.41 -25.73 -2.61
N LEU D 219 33.88 -24.89 -3.50
CA LEU D 219 32.77 -24.01 -3.13
C LEU D 219 31.55 -24.81 -2.71
N ALA D 220 31.23 -25.88 -3.46
CA ALA D 220 30.09 -26.72 -3.11
C ALA D 220 30.31 -27.41 -1.77
N SER D 221 31.52 -27.88 -1.50
CA SER D 221 31.81 -28.50 -0.22
C SER D 221 31.68 -27.49 0.92
N PHE D 222 32.13 -26.26 0.70
CA PHE D 222 32.01 -25.23 1.72
C PHE D 222 30.54 -24.89 1.99
N PHE D 223 29.74 -24.78 0.94
CA PHE D 223 28.33 -24.40 1.12
C PHE D 223 27.52 -25.52 1.74
N LEU D 224 27.77 -26.77 1.33
CA LEU D 224 26.96 -27.89 1.80
C LEU D 224 27.15 -28.14 3.29
N SER D 225 28.31 -27.80 3.84
CA SER D 225 28.57 -28.04 5.25
C SER D 225 27.83 -27.07 6.17
N ARG D 226 27.22 -26.01 5.62
CA ARG D 226 26.58 -24.98 6.43
C ARG D 226 25.11 -24.79 6.10
N VAL D 227 24.53 -25.60 5.23
CA VAL D 227 23.11 -25.49 4.95
C VAL D 227 22.28 -25.99 6.12
N ASP D 228 22.85 -26.81 7.00
CA ASP D 228 22.18 -27.31 8.18
C ASP D 228 22.60 -26.55 9.45
N ALA D 229 23.23 -25.39 9.29
CA ALA D 229 23.72 -24.64 10.43
C ALA D 229 22.57 -24.17 11.32
N LEU D 230 22.80 -24.19 12.62
CA LEU D 230 21.77 -23.77 13.58
C LEU D 230 21.64 -22.26 13.68
N SER D 231 22.65 -21.51 13.26
CA SER D 231 22.53 -20.06 13.20
C SER D 231 21.70 -19.66 12.00
N PRO D 232 20.57 -18.96 12.18
CA PRO D 232 19.71 -18.64 11.03
C PRO D 232 20.40 -17.84 9.94
N GLN D 233 21.25 -16.88 10.30
CA GLN D 233 21.89 -16.05 9.29
C GLN D 233 22.93 -16.85 8.50
N LEU D 234 23.73 -17.66 9.19
CA LEU D 234 24.70 -18.50 8.49
C LEU D 234 24.01 -19.51 7.59
N GLN D 235 22.91 -20.11 8.09
CA GLN D 235 22.17 -21.06 7.27
C GLN D 235 21.58 -20.39 6.03
N GLN D 236 21.02 -19.19 6.20
CA GLN D 236 20.46 -18.47 5.05
C GLN D 236 21.55 -18.13 4.04
N LEU D 237 22.71 -17.66 4.51
CA LEU D 237 23.80 -17.32 3.61
C LEU D 237 24.31 -18.55 2.87
N ALA D 238 24.45 -19.68 3.56
CA ALA D 238 24.93 -20.89 2.92
C ALA D 238 23.92 -21.44 1.93
N CYS D 239 22.63 -21.32 2.24
CA CYS D 239 21.60 -21.74 1.28
C CYS D 239 21.60 -20.86 0.05
N GLU D 240 21.79 -19.54 0.24
CA GLU D 240 21.87 -18.64 -0.90
C GLU D 240 23.10 -18.94 -1.75
N CYS D 241 24.22 -19.27 -1.12
CA CYS D 241 25.43 -19.60 -1.86
C CYS D 241 25.28 -20.92 -2.62
N TYR D 242 24.68 -21.92 -1.98
CA TYR D 242 24.55 -23.23 -2.61
C TYR D 242 23.65 -23.18 -3.83
N SER D 243 22.56 -22.40 -3.76
CA SER D 243 21.63 -22.30 -4.88
C SER D 243 22.25 -21.66 -6.12
N ARG D 244 23.37 -20.98 -5.97
CA ARG D 244 24.05 -20.31 -7.07
C ARG D 244 25.04 -21.21 -7.80
N LEU D 245 25.24 -22.43 -7.30
CA LEU D 245 26.19 -23.35 -7.93
C LEU D 245 25.87 -23.69 -9.39
N PRO D 246 24.62 -23.96 -9.79
CA PRO D 246 24.38 -24.36 -11.19
C PRO D 246 24.79 -23.31 -12.21
N SER D 247 24.92 -22.04 -11.82
CA SER D 247 25.32 -20.99 -12.73
C SER D 247 26.84 -20.85 -12.85
N LEU D 248 27.60 -21.64 -12.11
CA LEU D 248 29.05 -21.55 -12.10
C LEU D 248 29.66 -22.31 -13.27
N GLY D 249 30.73 -21.76 -13.82
CA GLY D 249 31.46 -22.38 -14.91
C GLY D 249 31.15 -21.72 -16.24
N ALA D 250 31.81 -22.24 -17.27
CA ALA D 250 31.66 -21.73 -18.63
C ALA D 250 30.26 -22.03 -19.17
N LEU D 256 23.11 -23.76 -21.91
CA LEU D 256 22.92 -25.14 -22.35
C LEU D 256 23.37 -26.12 -21.28
N LYS D 257 24.64 -25.99 -20.86
CA LYS D 257 25.11 -26.79 -19.74
C LYS D 257 24.59 -26.28 -18.42
N HIS D 258 24.33 -24.97 -18.32
CA HIS D 258 23.76 -24.41 -17.09
C HIS D 258 22.34 -24.90 -16.86
N THR D 259 21.55 -25.01 -17.93
CA THR D 259 20.20 -25.55 -17.82
C THR D 259 20.23 -26.98 -17.29
N GLU D 260 21.11 -27.80 -17.86
CA GLU D 260 21.24 -29.18 -17.40
C GLU D 260 21.68 -29.22 -15.94
N SER D 261 22.66 -28.39 -15.57
CA SER D 261 23.12 -28.38 -14.18
C SER D 261 22.01 -27.99 -13.23
N TRP D 262 21.21 -26.99 -13.60
CA TRP D 262 20.07 -26.59 -12.80
C TRP D 262 19.10 -27.75 -12.62
N GLU D 263 18.80 -28.48 -13.70
CA GLU D 263 17.85 -29.57 -13.63
C GLU D 263 18.35 -30.71 -12.73
N GLN D 264 19.61 -31.13 -12.92
CA GLN D 264 20.13 -32.20 -12.08
C GLN D 264 20.22 -31.78 -10.62
N GLU D 265 20.63 -30.53 -10.35
CA GLU D 265 20.70 -30.09 -8.96
C GLU D 265 19.32 -30.07 -8.31
N LEU D 266 18.31 -29.60 -9.05
CA LEU D 266 16.97 -29.54 -8.48
C LEU D 266 16.41 -30.94 -8.24
N HIS D 267 16.66 -31.88 -9.16
CA HIS D 267 16.17 -33.24 -8.96
C HIS D 267 16.91 -33.93 -7.82
N SER D 268 18.21 -33.67 -7.67
CA SER D 268 18.95 -34.21 -6.54
C SER D 268 18.41 -33.68 -5.22
N LEU D 269 18.10 -32.38 -5.18
CA LEU D 269 17.51 -31.80 -3.97
C LEU D 269 16.15 -32.42 -3.68
N LEU D 270 15.36 -32.66 -4.72
CA LEU D 270 14.06 -33.30 -4.53
C LEU D 270 14.21 -34.71 -3.96
N ALA D 271 15.16 -35.49 -4.48
CA ALA D 271 15.38 -36.84 -3.98
C ALA D 271 15.85 -36.82 -2.52
N SER D 272 16.77 -35.91 -2.21
CA SER D 272 17.26 -35.80 -0.83
C SER D 272 16.14 -35.37 0.11
N LEU D 273 15.28 -34.45 -0.34
CA LEU D 273 14.15 -34.03 0.47
C LEU D 273 13.17 -35.16 0.71
N HIS D 274 12.92 -35.99 -0.32
CA HIS D 274 12.06 -37.15 -0.14
C HIS D 274 12.64 -38.12 0.87
N THR D 275 13.95 -38.37 0.80
CA THR D 275 14.59 -39.25 1.77
C THR D 275 14.51 -38.68 3.17
N LEU D 276 14.75 -37.37 3.32
CA LEU D 276 14.68 -36.74 4.64
C LEU D 276 13.27 -36.78 5.21
N LEU D 277 12.26 -36.55 4.37
CA LEU D 277 10.88 -36.64 4.84
C LEU D 277 10.53 -38.06 5.26
N GLY D 278 10.98 -39.05 4.50
CA GLY D 278 10.78 -40.43 4.91
C GLY D 278 11.44 -40.74 6.24
N ALA D 279 12.62 -40.17 6.47
CA ALA D 279 13.28 -40.35 7.77
C ALA D 279 12.50 -39.67 8.89
N LEU D 280 11.97 -38.47 8.63
CA LEU D 280 11.24 -37.74 9.66
C LEU D 280 9.87 -38.37 9.91
N TYR D 281 9.15 -38.71 8.86
CA TYR D 281 7.80 -39.28 8.98
C TYR D 281 7.90 -40.79 9.15
N GLU D 282 8.45 -41.19 10.30
CA GLU D 282 8.62 -42.61 10.60
C GLU D 282 8.03 -42.95 11.96
N ALA D 307 15.60 -38.22 19.31
CA ALA D 307 16.22 -37.26 20.21
C ALA D 307 16.95 -36.17 19.42
N HIS D 308 18.29 -36.22 19.47
CA HIS D 308 19.09 -35.27 18.71
C HIS D 308 19.15 -35.62 17.23
N VAL D 309 18.89 -36.88 16.86
CA VAL D 309 18.89 -37.27 15.46
C VAL D 309 17.78 -36.54 14.70
N LEU D 310 16.60 -36.46 15.31
CA LEU D 310 15.47 -35.80 14.65
C LEU D 310 15.74 -34.31 14.44
N LEU D 311 16.40 -33.66 15.40
CA LEU D 311 16.72 -32.24 15.25
C LEU D 311 17.68 -32.01 14.11
N GLN D 312 18.71 -32.86 13.98
CA GLN D 312 19.64 -32.74 12.86
C GLN D 312 18.95 -33.02 11.53
N LEU D 313 18.06 -34.01 11.51
CA LEU D 313 17.29 -34.30 10.29
C LEU D 313 16.43 -33.11 9.90
N ARG D 314 15.79 -32.47 10.88
CA ARG D 314 14.97 -31.30 10.60
C ARG D 314 15.82 -30.14 10.09
N GLN D 315 17.00 -29.93 10.67
CA GLN D 315 17.90 -28.88 10.18
C GLN D 315 18.31 -29.13 8.74
N ARG D 316 18.67 -30.37 8.41
CA ARG D 316 19.03 -30.70 7.04
C ARG D 316 17.86 -30.51 6.10
N PHE D 317 16.66 -30.92 6.52
CA PHE D 317 15.46 -30.76 5.70
C PHE D 317 15.19 -29.29 5.41
N SER D 318 15.25 -28.45 6.45
CA SER D 318 15.01 -27.03 6.27
C SER D 318 16.06 -26.41 5.36
N GLY D 319 17.32 -26.79 5.52
CA GLY D 319 18.35 -26.25 4.65
C GLY D 319 18.15 -26.62 3.19
N LEU D 320 17.85 -27.90 2.94
CA LEU D 320 17.66 -28.34 1.55
C LEU D 320 16.41 -27.74 0.94
N ALA D 321 15.33 -27.62 1.72
CA ALA D 321 14.12 -26.98 1.21
C ALA D 321 14.36 -25.51 0.90
N ARG D 322 15.11 -24.81 1.74
CA ARG D 322 15.46 -23.43 1.46
C ARG D 322 16.31 -23.32 0.19
N CYS D 323 17.25 -24.25 0.01
CA CYS D 323 18.07 -24.25 -1.20
C CYS D 323 17.21 -24.45 -2.45
N LEU D 324 16.27 -25.40 -2.39
CA LEU D 324 15.38 -25.63 -3.53
C LEU D 324 14.52 -24.41 -3.82
N GLY D 325 13.96 -23.80 -2.78
CA GLY D 325 13.14 -22.62 -2.97
C GLY D 325 13.93 -21.45 -3.54
N LEU D 326 15.17 -21.28 -3.08
CA LEU D 326 16.04 -20.23 -3.62
C LEU D 326 16.37 -20.50 -5.08
N MET D 327 16.62 -21.76 -5.44
CA MET D 327 16.85 -22.08 -6.84
C MET D 327 15.62 -21.83 -7.69
N LEU D 328 14.43 -22.00 -7.11
CA LEU D 328 13.20 -21.74 -7.85
C LEU D 328 12.96 -20.25 -8.06
N SER D 329 13.16 -19.44 -7.02
CA SER D 329 12.74 -18.05 -7.02
C SER D 329 13.83 -17.07 -7.43
N SER D 330 15.02 -17.53 -7.76
CA SER D 330 16.12 -16.64 -8.12
C SER D 330 16.32 -16.62 -9.63
N GLU D 331 16.96 -15.54 -10.10
CA GLU D 331 17.21 -15.38 -11.52
C GLU D 331 18.24 -16.39 -12.00
N PHE D 332 18.00 -16.94 -13.20
CA PHE D 332 18.94 -17.82 -13.86
C PHE D 332 19.22 -17.31 -15.26
N GLY D 333 20.41 -17.63 -15.77
CA GLY D 333 20.82 -17.11 -17.07
C GLY D 333 20.27 -17.85 -18.26
N ALA D 334 19.73 -19.05 -18.06
CA ALA D 334 19.23 -19.86 -19.15
C ALA D 334 17.84 -20.37 -18.83
N PRO D 335 17.03 -20.65 -19.85
CA PRO D 335 15.73 -21.27 -19.59
C PRO D 335 15.88 -22.69 -19.07
N VAL D 336 14.95 -23.07 -18.20
CA VAL D 336 14.97 -24.38 -17.57
C VAL D 336 13.58 -25.00 -17.64
N SER D 337 13.54 -26.31 -17.47
CA SER D 337 12.28 -27.06 -17.39
C SER D 337 11.98 -27.32 -15.92
N VAL D 338 10.90 -26.74 -15.43
CA VAL D 338 10.51 -26.85 -14.03
C VAL D 338 9.59 -28.05 -13.88
N PRO D 339 9.98 -29.08 -13.13
CA PRO D 339 9.08 -30.22 -12.88
C PRO D 339 8.03 -29.88 -11.84
N VAL D 340 6.98 -29.19 -12.29
CA VAL D 340 5.95 -28.72 -11.38
C VAL D 340 5.24 -29.89 -10.72
N GLN D 341 5.01 -30.97 -11.46
CA GLN D 341 4.31 -32.12 -10.89
C GLN D 341 5.09 -32.74 -9.75
N GLU D 342 6.41 -32.89 -9.91
CA GLU D 342 7.22 -33.49 -8.85
C GLU D 342 7.29 -32.61 -7.61
N ILE D 343 7.47 -31.30 -7.80
CA ILE D 343 7.52 -30.38 -6.66
C ILE D 343 6.19 -30.37 -5.93
N LEU D 344 5.08 -30.32 -6.68
CA LEU D 344 3.77 -30.34 -6.06
C LEU D 344 3.50 -31.67 -5.36
N ASP D 345 4.00 -32.77 -5.92
CA ASP D 345 3.87 -34.06 -5.27
C ASP D 345 4.60 -34.09 -3.94
N PHE D 346 5.82 -33.54 -3.91
CA PHE D 346 6.56 -33.48 -2.64
C PHE D 346 5.85 -32.58 -1.65
N ILE D 347 5.33 -31.44 -2.11
CA ILE D 347 4.61 -30.52 -1.23
C ILE D 347 3.38 -31.20 -0.62
N CYS D 348 2.63 -31.92 -1.46
CA CYS D 348 1.45 -32.64 -0.97
C CYS D 348 1.83 -33.74 0.00
N ARG D 349 2.92 -34.46 -0.29
CA ARG D 349 3.37 -35.52 0.61
C ARG D 349 3.77 -34.95 1.97
N THR D 350 4.45 -33.80 1.98
CA THR D 350 4.85 -33.18 3.24
C THR D 350 3.64 -32.75 4.05
N LEU D 351 2.64 -32.17 3.40
CA LEU D 351 1.47 -31.64 4.07
C LEU D 351 0.40 -32.68 4.34
N SER D 352 0.59 -33.92 3.89
CA SER D 352 -0.41 -34.96 4.04
C SER D 352 -0.34 -35.69 5.37
N VAL D 353 0.65 -35.39 6.20
CA VAL D 353 0.80 -36.01 7.52
C VAL D 353 0.43 -34.97 8.56
N SER D 354 -0.52 -35.31 9.42
CA SER D 354 -1.03 -34.40 10.44
C SER D 354 -0.70 -34.93 11.84
N SER D 355 -1.21 -34.25 12.85
CA SER D 355 -0.95 -34.64 14.23
C SER D 355 -1.50 -36.02 14.53
N LYS D 356 -2.69 -36.34 13.99
CA LYS D 356 -3.30 -37.63 14.23
C LYS D 356 -2.52 -38.77 13.59
N ASN D 357 -1.68 -38.49 12.61
CA ASN D 357 -0.88 -39.52 11.97
C ASN D 357 0.29 -39.98 12.83
N ILE D 358 0.73 -39.15 13.76
CA ILE D 358 1.91 -39.43 14.57
C ILE D 358 1.49 -40.13 15.85
N SER D 359 2.16 -41.23 16.17
CA SER D 359 1.92 -41.93 17.42
C SER D 359 2.45 -41.11 18.59
N LEU D 360 1.94 -41.42 19.78
CA LEU D 360 2.30 -40.70 21.00
C LEU D 360 3.31 -41.44 21.86
N HIS D 361 3.92 -42.51 21.34
CA HIS D 361 4.84 -43.33 22.10
C HIS D 361 6.20 -43.33 21.43
N GLY D 362 7.26 -43.25 22.24
CA GLY D 362 8.61 -43.22 21.72
C GLY D 362 9.04 -41.82 21.38
N ASP D 363 9.58 -41.64 20.17
CA ASP D 363 9.95 -40.33 19.67
C ASP D 363 8.77 -39.59 19.03
N GLY D 364 7.55 -40.05 19.28
CA GLY D 364 6.37 -39.47 18.69
C GLY D 364 6.12 -38.01 19.03
N PRO D 365 6.20 -37.66 20.33
CA PRO D 365 6.04 -36.24 20.69
C PRO D 365 7.06 -35.32 20.05
N LEU D 366 8.30 -35.79 19.85
CA LEU D 366 9.30 -34.97 19.17
C LEU D 366 8.92 -34.73 17.71
N ARG D 367 8.43 -35.77 17.03
CA ARG D 367 7.97 -35.59 15.66
C ARG D 367 6.76 -34.68 15.59
N LEU D 368 5.87 -34.78 16.59
CA LEU D 368 4.71 -33.90 16.65
C LEU D 368 5.12 -32.45 16.85
N LEU D 369 6.13 -32.21 17.68
CA LEU D 369 6.60 -30.85 17.92
C LEU D 369 7.22 -30.24 16.66
N LEU D 370 7.94 -31.05 15.89
CA LEU D 370 8.63 -30.56 14.69
C LEU D 370 7.72 -30.46 13.47
N LEU D 371 6.52 -31.04 13.51
CA LEU D 371 5.67 -31.11 12.33
C LEU D 371 5.29 -29.74 11.75
N PRO D 372 4.87 -28.76 12.55
CA PRO D 372 4.53 -27.45 11.95
C PRO D 372 5.68 -26.80 11.22
N SER D 373 6.93 -27.00 11.65
CA SER D 373 8.07 -26.43 10.94
C SER D 373 8.25 -27.09 9.57
N ILE D 374 8.05 -28.40 9.50
CA ILE D 374 8.13 -29.10 8.22
C ILE D 374 7.03 -28.64 7.28
N HIS D 375 5.81 -28.50 7.81
CA HIS D 375 4.71 -27.99 6.99
C HIS D 375 4.99 -26.57 6.52
N LEU D 376 5.60 -25.74 7.38
CA LEU D 376 5.97 -24.40 6.97
C LEU D 376 7.01 -24.43 5.86
N GLU D 377 7.99 -25.34 5.95
CA GLU D 377 8.98 -25.45 4.87
C GLU D 377 8.31 -25.81 3.56
N ALA D 378 7.36 -26.75 3.59
CA ALA D 378 6.57 -27.04 2.39
C ALA D 378 5.82 -25.82 1.91
N LEU D 379 5.36 -24.96 2.83
CA LEU D 379 4.61 -23.78 2.43
C LEU D 379 5.48 -22.75 1.72
N ASP D 380 6.71 -22.50 2.21
CA ASP D 380 7.61 -21.64 1.43
C ASP D 380 8.02 -22.29 0.11
N LEU D 381 8.11 -23.63 0.06
CA LEU D 381 8.34 -24.25 -1.25
C LEU D 381 7.21 -23.95 -2.21
N LEU D 382 5.96 -24.03 -1.73
CA LEU D 382 4.81 -23.70 -2.55
C LEU D 382 4.84 -22.24 -2.99
N SER D 383 5.20 -21.34 -2.08
CA SER D 383 5.30 -19.92 -2.42
C SER D 383 6.35 -19.68 -3.50
N ALA D 384 7.52 -20.32 -3.37
CA ALA D 384 8.57 -20.18 -4.36
C ALA D 384 8.13 -20.72 -5.71
N LEU D 385 7.42 -21.84 -5.73
CA LEU D 385 6.91 -22.38 -6.99
C LEU D 385 5.90 -21.44 -7.63
N ILE D 386 5.01 -20.85 -6.81
CA ILE D 386 4.03 -19.90 -7.35
C ILE D 386 4.74 -18.69 -7.95
N LEU D 387 5.76 -18.18 -7.25
CA LEU D 387 6.52 -17.04 -7.77
C LEU D 387 7.24 -17.40 -9.07
N ALA D 388 7.82 -18.60 -9.12
CA ALA D 388 8.57 -19.00 -10.31
C ALA D 388 7.66 -19.18 -11.53
N CYS D 389 6.51 -19.83 -11.35
CA CYS D 389 5.67 -20.17 -12.49
C CYS D 389 4.55 -19.17 -12.75
N GLY D 390 4.02 -18.53 -11.70
CA GLY D 390 2.98 -17.53 -11.91
C GLY D 390 1.66 -18.17 -12.28
N SER D 391 0.98 -17.58 -13.27
CA SER D 391 -0.33 -18.05 -13.70
C SER D 391 -0.26 -19.31 -14.54
N ARG D 392 0.95 -19.77 -14.90
CA ARG D 392 1.09 -21.06 -15.57
C ARG D 392 0.61 -22.21 -14.70
N LEU D 393 0.52 -21.99 -13.39
CA LEU D 393 0.06 -22.99 -12.43
C LEU D 393 -1.44 -23.15 -12.41
N LEU D 394 -2.16 -22.52 -13.36
CA LEU D 394 -3.61 -22.53 -13.32
C LEU D 394 -4.18 -23.93 -13.51
N ARG D 395 -3.45 -24.81 -14.20
CA ARG D 395 -3.90 -26.19 -14.37
C ARG D 395 -3.87 -26.97 -13.07
N PHE D 396 -3.08 -26.53 -12.08
CA PHE D 396 -2.99 -27.16 -10.77
C PHE D 396 -3.75 -26.38 -9.71
N GLY D 397 -4.63 -25.47 -10.13
CA GLY D 397 -5.36 -24.65 -9.19
C GLY D 397 -6.29 -25.44 -8.30
N ILE D 398 -6.89 -26.50 -8.82
CA ILE D 398 -7.76 -27.34 -8.01
C ILE D 398 -6.97 -27.96 -6.86
N LEU D 399 -5.79 -28.49 -7.16
CA LEU D 399 -4.97 -29.10 -6.13
C LEU D 399 -4.50 -28.06 -5.10
N ILE D 400 -4.11 -26.87 -5.57
CA ILE D 400 -3.62 -25.85 -4.65
C ILE D 400 -4.75 -25.34 -3.75
N GLY D 401 -5.93 -25.11 -4.32
CA GLY D 401 -7.07 -24.65 -3.55
C GLY D 401 -7.70 -25.72 -2.69
N ARG D 402 -7.39 -26.99 -2.93
CA ARG D 402 -7.67 -28.02 -1.95
C ARG D 402 -6.62 -28.06 -0.86
N LEU D 403 -5.37 -27.76 -1.21
CA LEU D 403 -4.29 -27.78 -0.24
C LEU D 403 -4.48 -26.73 0.85
N LEU D 404 -4.90 -25.52 0.47
CA LEU D 404 -4.96 -24.44 1.45
C LEU D 404 -5.91 -24.74 2.61
N PRO D 405 -7.21 -25.03 2.38
CA PRO D 405 -8.07 -25.40 3.50
C PRO D 405 -7.64 -26.68 4.20
N GLN D 406 -6.91 -27.57 3.51
CA GLN D 406 -6.42 -28.78 4.17
C GLN D 406 -5.44 -28.43 5.28
N VAL D 407 -4.48 -27.55 4.98
CA VAL D 407 -3.53 -27.10 6.00
C VAL D 407 -4.26 -26.32 7.09
N LEU D 408 -5.20 -25.47 6.70
CA LEU D 408 -5.95 -24.71 7.71
C LEU D 408 -6.71 -25.63 8.66
N ASN D 409 -7.33 -26.69 8.13
CA ASN D 409 -7.98 -27.69 8.97
C ASN D 409 -6.97 -28.42 9.85
N SER D 410 -5.81 -28.76 9.29
CA SER D 410 -4.79 -29.48 10.04
C SER D 410 -4.21 -28.66 11.18
N TRP D 411 -4.26 -27.33 11.11
CA TRP D 411 -3.68 -26.52 12.16
C TRP D 411 -4.68 -25.54 12.75
N SER D 412 -5.87 -26.05 13.11
CA SER D 412 -6.90 -25.26 13.75
C SER D 412 -7.17 -25.80 15.15
N ILE D 413 -7.37 -24.90 16.10
CA ILE D 413 -7.65 -25.29 17.48
C ILE D 413 -9.13 -25.60 17.66
N GLY D 421 -7.94 -12.59 25.41
CA GLY D 421 -6.61 -12.02 25.38
C GLY D 421 -5.52 -13.05 25.17
N GLN D 422 -5.94 -14.28 24.91
CA GLN D 422 -5.02 -15.40 24.71
C GLN D 422 -4.82 -15.65 23.23
N GLU D 423 -3.56 -15.76 22.81
CA GLU D 423 -3.26 -16.02 21.41
C GLU D 423 -3.63 -17.45 21.04
N ARG D 424 -4.22 -17.60 19.86
CA ARG D 424 -4.50 -18.93 19.36
C ARG D 424 -3.23 -19.55 18.79
N PRO D 425 -3.05 -20.86 18.93
CA PRO D 425 -1.82 -21.49 18.45
C PRO D 425 -1.78 -21.58 16.93
N TYR D 426 -0.58 -21.86 16.44
CA TYR D 426 -0.32 -22.06 15.01
C TYR D 426 -0.67 -20.83 14.17
N SER D 427 -0.44 -19.65 14.72
CA SER D 427 -0.71 -18.42 13.98
C SER D 427 0.26 -18.25 12.82
N THR D 428 1.48 -18.74 12.96
CA THR D 428 2.46 -18.64 11.88
C THR D 428 2.02 -19.44 10.65
N VAL D 429 1.54 -20.66 10.86
CA VAL D 429 1.11 -21.51 9.75
C VAL D 429 -0.10 -20.90 9.05
N ARG D 430 -1.08 -20.42 9.82
CA ARG D 430 -2.28 -19.83 9.23
C ARG D 430 -1.95 -18.54 8.48
N THR D 431 -1.07 -17.71 9.06
CA THR D 431 -0.63 -16.50 8.38
C THR D 431 0.08 -16.83 7.07
N LYS D 432 0.92 -17.87 7.06
CA LYS D 432 1.59 -18.28 5.84
C LYS D 432 0.60 -18.77 4.80
N VAL D 433 -0.43 -19.53 5.23
CA VAL D 433 -1.43 -20.02 4.29
C VAL D 433 -2.20 -18.86 3.68
N TYR D 434 -2.57 -17.87 4.49
CA TYR D 434 -3.29 -16.71 3.97
C TYR D 434 -2.41 -15.88 3.05
N ALA D 435 -1.11 -15.79 3.36
CA ALA D 435 -0.18 -15.10 2.47
C ALA D 435 -0.06 -15.83 1.14
N ILE D 436 -0.06 -17.17 1.17
CA ILE D 436 -0.01 -17.95 -0.06
C ILE D 436 -1.27 -17.71 -0.88
N LEU D 437 -2.43 -17.64 -0.22
CA LEU D 437 -3.68 -17.35 -0.92
C LEU D 437 -3.61 -15.98 -1.58
N GLU D 438 -3.11 -14.97 -0.85
CA GLU D 438 -2.98 -13.64 -1.42
C GLU D 438 -2.03 -13.63 -2.61
N LEU D 439 -0.91 -14.33 -2.50
CA LEU D 439 0.06 -14.40 -3.59
C LEU D 439 -0.54 -15.09 -4.81
N TRP D 440 -1.29 -16.17 -4.60
CA TRP D 440 -1.94 -16.87 -5.69
C TRP D 440 -2.94 -15.98 -6.40
N VAL D 441 -3.74 -15.22 -5.65
CA VAL D 441 -4.67 -14.30 -6.28
C VAL D 441 -3.91 -13.21 -7.02
N GLN D 442 -2.79 -12.74 -6.45
CA GLN D 442 -1.99 -11.71 -7.11
C GLN D 442 -1.47 -12.20 -8.45
N VAL D 443 -0.99 -13.44 -8.52
CA VAL D 443 -0.43 -13.93 -9.77
C VAL D 443 -1.50 -14.39 -10.77
N CYS D 444 -2.69 -14.74 -10.30
CA CYS D 444 -3.70 -15.29 -11.20
C CYS D 444 -4.75 -14.28 -11.63
N GLY D 445 -4.97 -13.20 -10.89
CA GLY D 445 -6.00 -12.26 -11.26
C GLY D 445 -7.39 -12.81 -10.99
N ALA D 446 -8.30 -12.59 -11.94
CA ALA D 446 -9.65 -13.14 -11.85
C ALA D 446 -9.71 -14.62 -12.16
N SER D 447 -8.61 -15.22 -12.62
CA SER D 447 -8.56 -16.63 -12.94
C SER D 447 -8.24 -17.50 -11.74
N ALA D 448 -8.08 -16.90 -10.55
CA ALA D 448 -7.65 -17.66 -9.38
C ALA D 448 -8.65 -18.74 -9.02
N GLY D 449 -9.95 -18.44 -9.13
CA GLY D 449 -10.96 -19.43 -8.81
C GLY D 449 -11.17 -19.69 -7.34
N MET D 450 -10.77 -18.75 -6.49
CA MET D 450 -10.89 -18.90 -5.05
C MET D 450 -12.28 -18.49 -4.58
N LEU D 451 -12.82 -19.25 -3.62
CA LEU D 451 -14.14 -18.98 -3.05
C LEU D 451 -15.22 -18.94 -4.13
N GLN D 452 -15.14 -19.86 -5.09
CA GLN D 452 -16.04 -19.87 -6.23
C GLN D 452 -16.70 -21.25 -6.39
N GLY D 453 -17.21 -21.77 -5.29
CA GLY D 453 -17.97 -23.01 -5.34
C GLY D 453 -17.14 -24.26 -5.09
N GLY D 454 -17.67 -25.16 -4.29
CA GLY D 454 -17.01 -26.41 -3.96
C GLY D 454 -16.84 -26.56 -2.46
N ALA D 455 -16.39 -27.76 -2.09
CA ALA D 455 -16.14 -28.04 -0.67
C ALA D 455 -14.93 -27.26 -0.16
N SER D 456 -13.89 -27.11 -0.99
CA SER D 456 -12.71 -26.39 -0.57
C SER D 456 -12.92 -24.88 -0.59
N GLY D 457 -13.73 -24.37 -1.51
CA GLY D 457 -14.03 -22.95 -1.50
C GLY D 457 -14.84 -22.52 -0.30
N GLU D 458 -15.77 -23.37 0.13
CA GLU D 458 -16.55 -23.07 1.33
C GLU D 458 -15.75 -23.33 2.61
N ALA D 459 -14.86 -24.32 2.60
CA ALA D 459 -14.01 -24.56 3.76
C ALA D 459 -13.02 -23.43 3.96
N LEU D 460 -12.45 -22.91 2.87
CA LEU D 460 -11.56 -21.76 2.97
C LEU D 460 -12.28 -20.53 3.49
N LEU D 461 -13.53 -20.32 3.04
CA LEU D 461 -14.30 -19.18 3.51
C LEU D 461 -14.61 -19.29 5.00
N THR D 462 -14.92 -20.50 5.47
CA THR D 462 -15.20 -20.68 6.89
C THR D 462 -13.97 -20.38 7.74
N HIS D 463 -12.79 -20.81 7.29
CA HIS D 463 -11.56 -20.49 8.01
C HIS D 463 -11.27 -18.99 7.95
N LEU D 464 -11.49 -18.37 6.80
CA LEU D 464 -11.22 -16.94 6.66
C LEU D 464 -12.11 -16.11 7.57
N LEU D 465 -13.41 -16.46 7.65
CA LEU D 465 -14.35 -15.66 8.42
C LEU D 465 -14.10 -15.80 9.93
N SER D 466 -13.62 -16.95 10.38
CA SER D 466 -13.37 -17.15 11.80
C SER D 466 -12.13 -16.42 12.28
N ASP D 467 -11.16 -16.19 11.40
CA ASP D 467 -9.94 -15.49 11.80
C ASP D 467 -10.08 -13.98 11.77
N ILE D 468 -11.12 -13.46 11.13
CA ILE D 468 -11.39 -12.03 11.14
C ILE D 468 -12.50 -11.64 12.10
N SER D 469 -13.02 -12.60 12.86
CA SER D 469 -14.10 -12.35 13.80
C SER D 469 -13.53 -12.00 15.17
N PRO D 470 -14.06 -10.98 15.85
CA PRO D 470 -13.59 -10.67 17.19
C PRO D 470 -14.00 -11.77 18.16
N PRO D 471 -13.28 -11.92 19.29
CA PRO D 471 -13.60 -12.95 20.29
C PRO D 471 -14.99 -12.79 20.90
N HIS D 512 -7.29 -8.32 35.77
CA HIS D 512 -7.80 -9.64 36.09
C HIS D 512 -7.02 -10.76 35.39
N ARG D 513 -6.91 -10.65 34.07
CA ARG D 513 -6.30 -11.69 33.25
C ARG D 513 -5.03 -11.18 32.59
N LYS D 514 -4.07 -12.08 32.42
CA LYS D 514 -2.84 -11.79 31.71
C LYS D 514 -3.02 -12.07 30.22
N GLY D 515 -2.71 -11.09 29.39
CA GLY D 515 -2.87 -11.24 27.97
C GLY D 515 -2.54 -9.95 27.24
N ASP D 516 -2.82 -9.96 25.94
CA ASP D 516 -2.56 -8.84 25.05
C ASP D 516 -3.85 -8.35 24.45
N SER D 517 -3.99 -7.03 24.36
CA SER D 517 -5.22 -6.44 23.84
C SER D 517 -5.39 -6.68 22.35
N ASN D 518 -4.29 -6.72 21.60
CA ASN D 518 -4.33 -6.95 20.16
C ASN D 518 -4.06 -8.41 19.80
N ALA D 519 -4.50 -9.33 20.63
CA ALA D 519 -4.25 -10.74 20.39
C ALA D 519 -4.92 -11.21 19.10
N ASN D 520 -4.25 -12.12 18.39
CA ASN D 520 -4.76 -12.72 17.17
C ASN D 520 -4.94 -11.70 16.05
N SER D 521 -4.13 -10.65 16.05
CA SER D 521 -4.18 -9.63 15.01
C SER D 521 -3.29 -9.95 13.82
N ASP D 522 -2.46 -11.00 13.91
CA ASP D 522 -1.63 -11.38 12.77
C ASP D 522 -2.42 -12.23 11.78
N VAL D 523 -3.14 -13.24 12.28
CA VAL D 523 -3.99 -14.04 11.41
C VAL D 523 -5.14 -13.20 10.87
N CYS D 524 -5.65 -12.28 11.68
CA CYS D 524 -6.75 -11.43 11.25
C CYS D 524 -6.34 -10.57 10.06
N ALA D 525 -5.18 -9.92 10.15
CA ALA D 525 -4.73 -9.05 9.06
C ALA D 525 -4.43 -9.84 7.79
N ALA D 526 -3.80 -11.01 7.93
CA ALA D 526 -3.51 -11.83 6.76
C ALA D 526 -4.80 -12.32 6.09
N ALA D 527 -5.76 -12.76 6.90
CA ALA D 527 -7.04 -13.22 6.36
C ALA D 527 -7.78 -12.07 5.69
N LEU D 528 -7.74 -10.87 6.29
CA LEU D 528 -8.37 -9.72 5.68
C LEU D 528 -7.73 -9.37 4.35
N ARG D 529 -6.39 -9.43 4.28
CA ARG D 529 -5.69 -9.14 3.04
C ARG D 529 -6.07 -10.15 1.95
N GLY D 530 -6.09 -11.44 2.30
CA GLY D 530 -6.47 -12.44 1.32
C GLY D 530 -7.91 -12.29 0.85
N LEU D 531 -8.82 -12.03 1.80
CA LEU D 531 -10.23 -11.85 1.45
C LEU D 531 -10.42 -10.63 0.54
N SER D 532 -9.78 -9.51 0.87
CA SER D 532 -9.95 -8.31 0.05
C SER D 532 -9.34 -8.49 -1.33
N ARG D 533 -8.18 -9.15 -1.41
CA ARG D 533 -7.57 -9.41 -2.71
C ARG D 533 -8.47 -10.30 -3.57
N THR D 534 -9.02 -11.37 -2.96
CA THR D 534 -9.90 -12.26 -3.70
C THR D 534 -11.19 -11.55 -4.15
N ILE D 535 -11.77 -10.74 -3.27
CA ILE D 535 -13.01 -10.04 -3.61
C ILE D 535 -12.76 -9.02 -4.71
N LEU D 536 -11.65 -8.29 -4.64
CA LEU D 536 -11.34 -7.34 -5.70
C LEU D 536 -11.09 -8.04 -7.03
N MET D 537 -10.42 -9.20 -7.01
CA MET D 537 -10.08 -9.86 -8.26
C MET D 537 -11.21 -10.75 -8.78
N CYS D 538 -11.82 -11.55 -7.92
CA CYS D 538 -12.80 -12.56 -8.34
C CYS D 538 -14.21 -12.26 -7.83
N GLY D 539 -14.48 -11.03 -7.40
CA GLY D 539 -15.74 -10.68 -6.80
C GLY D 539 -16.98 -10.88 -7.66
N PRO D 540 -16.95 -10.39 -8.90
CA PRO D 540 -18.12 -10.61 -9.78
C PRO D 540 -18.44 -12.07 -10.03
N LEU D 541 -17.45 -12.96 -9.99
CA LEU D 541 -17.68 -14.37 -10.22
C LEU D 541 -18.07 -15.13 -8.96
N ILE D 542 -18.04 -14.47 -7.81
CA ILE D 542 -18.40 -15.10 -6.54
C ILE D 542 -19.90 -14.99 -6.35
N LYS D 543 -20.49 -16.05 -5.79
CA LYS D 543 -21.93 -16.12 -5.59
C LYS D 543 -22.41 -15.04 -4.62
N GLU D 544 -23.67 -14.62 -4.79
CA GLU D 544 -24.19 -13.47 -4.06
C GLU D 544 -24.42 -13.76 -2.58
N GLU D 545 -24.63 -15.01 -2.21
CA GLU D 545 -24.81 -15.33 -0.78
C GLU D 545 -23.52 -15.11 -0.02
N THR D 546 -22.37 -15.39 -0.63
CA THR D 546 -21.09 -15.09 -0.01
C THR D 546 -20.91 -13.58 0.17
N HIS D 547 -21.33 -12.80 -0.83
CA HIS D 547 -21.27 -11.35 -0.71
C HIS D 547 -22.17 -10.85 0.41
N ARG D 548 -23.37 -11.44 0.53
CA ARG D 548 -24.28 -11.06 1.62
C ARG D 548 -23.69 -11.41 2.97
N ARG D 549 -23.07 -12.59 3.10
CA ARG D 549 -22.40 -12.96 4.34
C ARG D 549 -21.30 -11.98 4.68
N LEU D 550 -20.50 -11.59 3.68
CA LEU D 550 -19.41 -10.65 3.92
C LEU D 550 -19.96 -9.28 4.34
N HIS D 551 -21.05 -8.83 3.72
CA HIS D 551 -21.67 -7.58 4.13
C HIS D 551 -22.14 -7.66 5.58
N ASP D 552 -22.90 -8.70 5.91
CA ASP D 552 -23.45 -8.86 7.25
C ASP D 552 -22.37 -9.03 8.30
N LEU D 553 -21.18 -9.48 7.92
CA LEU D 553 -20.09 -9.57 8.87
C LEU D 553 -19.31 -8.26 8.98
N VAL D 554 -19.04 -7.60 7.86
CA VAL D 554 -18.12 -6.47 7.84
C VAL D 554 -18.80 -5.17 8.25
N LEU D 555 -20.01 -4.90 7.75
CA LEU D 555 -20.66 -3.64 8.07
C LEU D 555 -20.89 -3.44 9.56
N PRO D 556 -21.40 -4.42 10.31
CA PRO D 556 -21.40 -4.27 11.78
C PRO D 556 -20.02 -4.20 12.40
N LEU D 557 -18.98 -4.65 11.69
CA LEU D 557 -17.64 -4.68 12.26
C LEU D 557 -16.97 -3.32 12.21
N VAL D 558 -17.02 -2.64 11.05
CA VAL D 558 -16.41 -1.33 10.94
C VAL D 558 -17.07 -0.34 11.87
N MET D 559 -18.41 -0.39 11.97
CA MET D 559 -19.11 0.46 12.91
C MET D 559 -18.96 -0.03 14.35
N GLY D 560 -18.65 -1.31 14.55
CA GLY D 560 -18.42 -1.82 15.89
C GLY D 560 -17.11 -1.40 16.50
N VAL D 561 -16.12 -1.05 15.67
CA VAL D 561 -14.86 -0.53 16.19
C VAL D 561 -14.84 0.99 16.25
N GLN D 562 -15.75 1.66 15.54
CA GLN D 562 -15.86 3.11 15.61
C GLN D 562 -16.71 3.58 16.78
N GLN D 563 -17.42 2.68 17.46
CA GLN D 563 -18.24 3.05 18.60
C GLN D 563 -17.75 2.34 19.86
N GLY D 568 -12.26 -4.27 25.11
CA GLY D 568 -11.24 -5.09 25.74
C GLY D 568 -10.18 -5.58 24.78
N SER D 569 -10.00 -6.90 24.71
CA SER D 569 -9.03 -7.51 23.82
C SER D 569 -9.70 -7.89 22.51
N SER D 570 -9.11 -7.46 21.40
CA SER D 570 -9.66 -7.70 20.07
C SER D 570 -8.56 -7.52 19.05
N PRO D 571 -8.57 -8.27 17.95
CA PRO D 571 -7.59 -8.03 16.88
C PRO D 571 -7.74 -6.66 16.24
N TYR D 572 -8.90 -6.02 16.37
CA TYR D 572 -9.17 -4.73 15.75
C TYR D 572 -8.79 -3.56 16.63
N THR D 573 -8.18 -3.81 17.79
CA THR D 573 -7.47 -2.75 18.48
C THR D 573 -6.20 -2.35 17.75
N SER D 574 -5.75 -3.18 16.80
CA SER D 574 -4.62 -2.87 15.96
C SER D 574 -5.08 -2.04 14.76
N SER D 575 -4.34 -0.97 14.46
CA SER D 575 -4.70 -0.11 13.34
C SER D 575 -4.47 -0.81 12.00
N ARG D 576 -3.54 -1.76 11.95
CA ARG D 576 -3.33 -2.53 10.73
C ARG D 576 -4.57 -3.36 10.38
N CYS D 577 -5.15 -4.01 11.38
CA CYS D 577 -6.37 -4.78 11.15
C CYS D 577 -7.53 -3.88 10.75
N ARG D 578 -7.64 -2.69 11.36
CA ARG D 578 -8.68 -1.75 10.98
C ARG D 578 -8.51 -1.29 9.53
N ARG D 579 -7.28 -0.98 9.14
CA ARG D 579 -7.02 -0.57 7.76
C ARG D 579 -7.33 -1.71 6.79
N GLU D 580 -7.01 -2.95 7.15
CA GLU D 580 -7.33 -4.07 6.29
C GLU D 580 -8.83 -4.32 6.21
N LEU D 581 -9.56 -4.11 7.30
CA LEU D 581 -11.01 -4.25 7.27
C LEU D 581 -11.65 -3.18 6.38
N TYR D 582 -11.14 -1.95 6.45
CA TYR D 582 -11.63 -0.90 5.57
C TYR D 582 -11.28 -1.20 4.11
N CYS D 583 -10.11 -1.80 3.87
CA CYS D 583 -9.75 -2.23 2.52
C CYS D 583 -10.70 -3.30 2.02
N LEU D 584 -11.08 -4.25 2.88
CA LEU D 584 -12.05 -5.26 2.51
C LEU D 584 -13.41 -4.63 2.19
N LEU D 585 -13.82 -3.63 2.98
CA LEU D 585 -15.06 -2.92 2.69
C LEU D 585 -15.01 -2.24 1.33
N LEU D 586 -13.89 -1.58 1.02
CA LEU D 586 -13.75 -0.92 -0.27
C LEU D 586 -13.75 -1.93 -1.40
N ALA D 587 -13.12 -3.09 -1.20
CA ALA D 587 -13.12 -4.14 -2.21
C ALA D 587 -14.52 -4.69 -2.44
N LEU D 588 -15.30 -4.84 -1.37
CA LEU D 588 -16.68 -5.28 -1.52
C LEU D 588 -17.50 -4.25 -2.29
N LEU D 589 -17.22 -2.97 -2.06
CA LEU D 589 -17.90 -1.92 -2.83
C LEU D 589 -17.50 -1.95 -4.30
N LEU D 590 -16.21 -2.15 -4.57
CA LEU D 590 -15.69 -2.00 -5.93
C LEU D 590 -16.03 -3.17 -6.83
N ALA D 591 -16.07 -4.38 -6.30
CA ALA D 591 -16.33 -5.60 -7.08
C ALA D 591 -17.46 -6.39 -6.44
N PRO D 592 -18.70 -5.94 -6.60
CA PRO D 592 -19.84 -6.68 -6.06
C PRO D 592 -20.35 -7.72 -7.05
N SER D 593 -21.26 -8.55 -6.55
CA SER D 593 -21.97 -9.47 -7.42
C SER D 593 -22.97 -8.68 -8.27
N PRO D 594 -23.16 -9.06 -9.53
CA PRO D 594 -24.17 -8.37 -10.36
C PRO D 594 -25.60 -8.56 -9.88
N ARG D 595 -25.83 -9.43 -8.90
CA ARG D 595 -27.15 -9.68 -8.35
C ARG D 595 -27.31 -9.19 -6.92
N CYS D 596 -26.27 -8.62 -6.33
CA CYS D 596 -26.31 -8.15 -4.94
C CYS D 596 -25.62 -6.79 -4.85
N PRO D 597 -26.36 -5.70 -4.88
CA PRO D 597 -25.75 -4.37 -4.74
C PRO D 597 -25.10 -4.22 -3.37
N PRO D 598 -23.94 -3.57 -3.30
CA PRO D 598 -23.25 -3.41 -2.02
C PRO D 598 -23.88 -2.30 -1.20
N PRO D 599 -23.68 -2.30 0.13
CA PRO D 599 -24.22 -1.22 0.99
C PRO D 599 -23.40 0.07 0.87
N LEU D 600 -23.73 0.86 -0.15
CA LEU D 600 -22.94 2.05 -0.44
C LEU D 600 -23.05 3.10 0.67
N ALA D 601 -24.26 3.35 1.17
CA ALA D 601 -24.45 4.41 2.15
C ALA D 601 -23.84 4.04 3.50
N CYS D 602 -24.02 2.80 3.94
CA CYS D 602 -23.42 2.36 5.19
C CYS D 602 -21.90 2.40 5.12
N ALA D 603 -21.34 1.97 3.99
CA ALA D 603 -19.90 2.03 3.81
C ALA D 603 -19.39 3.47 3.73
N LEU D 604 -20.17 4.37 3.14
CA LEU D 604 -19.81 5.78 3.15
C LEU D 604 -19.76 6.34 4.57
N GLN D 605 -20.75 5.97 5.39
CA GLN D 605 -20.73 6.39 6.78
C GLN D 605 -19.54 5.79 7.52
N ALA D 606 -19.21 4.53 7.24
CA ALA D 606 -18.06 3.90 7.88
C ALA D 606 -16.76 4.58 7.49
N PHE D 607 -16.60 4.94 6.22
CA PHE D 607 -15.39 5.64 5.78
C PHE D 607 -15.33 7.04 6.37
N SER D 608 -16.48 7.71 6.49
CA SER D 608 -16.50 9.03 7.12
C SER D 608 -16.07 8.97 8.58
N LEU D 609 -16.52 7.95 9.30
CA LEU D 609 -16.11 7.78 10.70
C LEU D 609 -14.64 7.45 10.82
N GLY D 610 -14.13 6.59 9.93
CA GLY D 610 -12.73 6.20 9.99
C GLY D 610 -11.76 7.28 9.57
N GLN D 611 -12.20 8.22 8.74
CA GLN D 611 -11.34 9.35 8.38
C GLN D 611 -11.14 10.31 9.54
N ARG D 612 -11.98 10.23 10.56
CA ARG D 612 -11.86 11.02 11.77
C ARG D 612 -11.08 10.30 12.88
N GLU D 613 -10.54 9.13 12.58
CA GLU D 613 -9.85 8.32 13.57
C GLU D 613 -8.52 8.96 13.97
N ASP D 614 -8.04 8.57 15.16
CA ASP D 614 -6.75 9.06 15.63
C ASP D 614 -5.60 8.51 14.80
N SER D 615 -5.67 7.22 14.46
CA SER D 615 -4.58 6.58 13.73
C SER D 615 -4.44 7.16 12.33
N LEU D 616 -3.23 7.58 11.99
CA LEU D 616 -2.97 8.15 10.67
C LEU D 616 -3.05 7.09 9.58
N GLU D 617 -2.68 5.84 9.91
CA GLU D 617 -2.76 4.77 8.93
C GLU D 617 -4.20 4.52 8.48
N VAL D 618 -5.14 4.54 9.42
CA VAL D 618 -6.53 4.27 9.09
C VAL D 618 -7.20 5.51 8.49
N SER D 619 -6.97 6.68 9.07
CA SER D 619 -7.68 7.88 8.64
C SER D 619 -7.31 8.29 7.22
N SER D 620 -6.01 8.21 6.88
CA SER D 620 -5.59 8.56 5.53
C SER D 620 -6.15 7.58 4.50
N PHE D 621 -6.17 6.29 4.83
CA PHE D 621 -6.77 5.32 3.93
C PHE D 621 -8.25 5.57 3.74
N CYS D 622 -8.95 5.92 4.82
CA CYS D 622 -10.38 6.19 4.72
C CYS D 622 -10.64 7.46 3.91
N SER D 623 -9.77 8.46 4.02
CA SER D 623 -9.89 9.64 3.20
C SER D 623 -9.68 9.31 1.72
N GLU D 624 -8.69 8.46 1.43
CA GLU D 624 -8.45 8.07 0.04
C GLU D 624 -9.60 7.22 -0.52
N ALA D 625 -10.20 6.38 0.32
CA ALA D 625 -11.29 5.51 -0.12
C ALA D 625 -12.54 6.30 -0.47
N LEU D 626 -12.75 7.45 0.18
CA LEU D 626 -13.88 8.29 -0.14
C LEU D 626 -13.73 8.96 -1.50
N VAL D 627 -12.50 9.10 -1.99
CA VAL D 627 -12.29 9.60 -3.34
C VAL D 627 -12.75 8.58 -4.38
N THR D 628 -12.47 7.30 -4.11
CA THR D 628 -12.95 6.23 -4.98
C THR D 628 -14.48 6.11 -4.91
N CYS D 629 -15.04 6.30 -3.71
CA CYS D 629 -16.49 6.24 -3.56
C CYS D 629 -17.20 7.40 -4.25
N ALA D 630 -16.50 8.52 -4.47
CA ALA D 630 -17.10 9.61 -5.23
C ALA D 630 -17.32 9.22 -6.68
N ALA D 631 -16.48 8.34 -7.22
CA ALA D 631 -16.70 7.82 -8.57
C ALA D 631 -17.90 6.90 -8.62
N LEU D 632 -18.15 6.14 -7.53
CA LEU D 632 -19.30 5.26 -7.46
C LEU D 632 -20.60 6.01 -7.21
N THR D 633 -20.51 7.26 -6.75
CA THR D 633 -21.68 8.07 -6.42
C THR D 633 -21.97 9.17 -7.43
N HIS D 634 -20.94 9.72 -8.08
CA HIS D 634 -21.07 10.81 -9.03
C HIS D 634 -20.48 10.36 -10.36
N PRO D 635 -21.24 9.63 -11.17
CA PRO D 635 -20.72 9.15 -12.45
C PRO D 635 -20.40 10.29 -13.41
N ARG D 636 -19.40 10.06 -14.25
CA ARG D 636 -19.03 10.99 -15.31
C ARG D 636 -19.57 10.57 -16.68
N VAL D 637 -20.21 9.41 -16.77
CA VAL D 637 -20.72 8.91 -18.04
C VAL D 637 -22.21 8.65 -17.95
#